data_6GYO
#
_entry.id   6GYO
#
_cell.length_a   1.00
_cell.length_b   1.00
_cell.length_c   1.00
_cell.angle_alpha   90.00
_cell.angle_beta   90.00
_cell.angle_gamma   90.00
#
_symmetry.space_group_name_H-M   'P 1'
#
loop_
_entity.id
_entity.type
_entity.pdbx_description
1 polymer 'Potassium/sodium hyperpolarization-activated cyclic nucleotide-gated channel 4'
2 non-polymer "ADENOSINE-3',5'-CYCLIC-MONOPHOSPHATE"
3 non-polymer 1,2-DIACYL-SN-GLYCERO-3-PHOSPHOCHOLINE
4 non-polymer 1-palmitoyl-2-oleoyl-sn-glycero-3-phosphoinositol
5 non-polymer 1,2-Distearoyl-sn-glycerophosphoethanolamine
6 non-polymer 'UNKNOWN LIGAND'
#
_entity_poly.entity_id   1
_entity_poly.type   'polypeptide(L)'
_entity_poly.pdbx_seq_one_letter_code
;SMLPEAEVRLGQAGFMQRQFGAMLQPGVNKFSLRMFGSQKAVEREQERVKSAGFWIIHPYSDFRFYWDLTMLLLMVGNLI
IIPVGITFFKDENTTPWIVFNVVSDTFFLIDLVLNFRTGIVVEDNTEIILDPQRIKMKYLKSWFMVDFISSIPVDYIFLI
VETRIDSEVYKTARALRIVRFTKILSLLRLLRLSRLIRYIHQWEEIFHMTYDLASAVVRIVNLIGMMLLLCHWDGCLQFL
VPMLQDFPDDCWVSINNMVNNSWGKQYSYALFKAMSHMLCIGYGRQAPVGMSDVWLTMLSMIVGATCYAMFIGHATALIQ
SLDSSRRQYQEKYKQVEQYMSFHKLPPDTRQRIHDYYEHRYQGKMFDEESILGELSEPLREEIINFNCRKLVASMPLFAN
ADPNFVTSMLTKLRFEVFQPGDYIIREGTIGKKMYFIQHGVVSVLTKGNKETKLADGSYFGEICLLTRGRRTASVRADTY
CRLYSLSVDNFNEVLEEYPMMRRAFETVALDRLDRIGKKNS
;
_entity_poly.pdbx_strand_id   A,B,C,D
#
loop_
_chem_comp.id
_chem_comp.type
_chem_comp.name
_chem_comp.formula
3PE non-polymer 1,2-Distearoyl-sn-glycerophosphoethanolamine 'C41 H82 N O8 P'
CMP non-polymer ADENOSINE-3',5'-CYCLIC-MONOPHOSPHATE 'C10 H12 N5 O6 P'
PC1 non-polymer 1,2-DIACYL-SN-GLYCERO-3-PHOSPHOCHOLINE 'C44 H88 N O8 P'
PIE non-polymer 1-palmitoyl-2-oleoyl-sn-glycero-3-phosphoinositol 'C43 H80 O13 P -1'
UNX non-polymer 'UNKNOWN ATOM OR ION' ?
#
# COMPACT_ATOMS: atom_id res chain seq x y z
N MET A 16 13.82 -52.41 -19.03
CA MET A 16 13.09 -51.56 -18.10
C MET A 16 12.46 -50.38 -18.81
N GLN A 17 11.98 -50.62 -20.03
CA GLN A 17 11.39 -49.56 -20.84
C GLN A 17 10.03 -49.15 -20.29
N ARG A 18 9.39 -50.01 -19.48
CA ARG A 18 8.22 -49.57 -18.74
C ARG A 18 8.59 -48.69 -17.58
N GLN A 19 9.67 -49.05 -16.86
CA GLN A 19 10.07 -48.27 -15.70
C GLN A 19 10.70 -46.95 -16.12
N PHE A 20 11.47 -46.96 -17.20
CA PHE A 20 12.06 -45.75 -17.76
C PHE A 20 11.12 -45.01 -18.69
N GLY A 21 9.84 -45.39 -18.72
CA GLY A 21 8.84 -44.66 -19.49
C GLY A 21 7.75 -44.11 -18.60
N ALA A 22 7.72 -44.58 -17.36
CA ALA A 22 6.75 -44.07 -16.39
C ALA A 22 7.20 -42.75 -15.79
N MET A 23 8.48 -42.41 -15.90
CA MET A 23 8.97 -41.15 -15.37
C MET A 23 8.61 -39.96 -16.25
N LEU A 24 8.34 -40.19 -17.54
CA LEU A 24 8.05 -39.09 -18.45
C LEU A 24 6.59 -38.66 -18.44
N GLN A 25 5.77 -39.26 -17.60
CA GLN A 25 4.35 -38.97 -17.56
C GLN A 25 3.97 -38.54 -16.15
N PRO A 26 2.97 -37.66 -16.01
CA PRO A 26 2.67 -37.12 -14.68
C PRO A 26 2.09 -38.12 -13.72
N GLY A 27 2.86 -38.49 -12.71
CA GLY A 27 2.38 -39.45 -11.73
C GLY A 27 1.38 -38.84 -10.77
N VAL A 28 0.72 -39.70 -10.01
CA VAL A 28 -0.28 -39.25 -9.05
C VAL A 28 0.43 -38.68 -7.84
N ASN A 29 0.15 -37.42 -7.53
CA ASN A 29 0.71 -36.73 -6.38
C ASN A 29 -0.25 -35.62 -5.99
N LYS A 30 0.22 -34.72 -5.12
CA LYS A 30 -0.60 -33.55 -4.80
C LYS A 30 -0.68 -32.58 -5.97
N PHE A 31 0.37 -32.53 -6.79
CA PHE A 31 0.40 -31.58 -7.89
C PHE A 31 -0.51 -32.01 -9.03
N SER A 32 -0.51 -33.30 -9.36
CA SER A 32 -1.39 -33.76 -10.44
C SER A 32 -2.84 -33.73 -10.00
N LEU A 33 -3.12 -34.03 -8.74
CA LEU A 33 -4.47 -33.92 -8.23
C LEU A 33 -4.85 -32.47 -7.95
N ARG A 34 -3.91 -31.54 -8.04
CA ARG A 34 -4.30 -30.13 -7.97
C ARG A 34 -4.54 -29.55 -9.35
N MET A 35 -3.71 -29.92 -10.33
CA MET A 35 -3.74 -29.25 -11.62
C MET A 35 -4.66 -29.90 -12.63
N PHE A 36 -5.04 -31.16 -12.43
CA PHE A 36 -5.91 -31.83 -13.39
C PHE A 36 -7.31 -32.09 -12.87
N GLY A 37 -7.53 -31.97 -11.57
CA GLY A 37 -8.80 -32.36 -11.01
C GLY A 37 -8.65 -33.62 -10.18
N SER A 38 -9.19 -34.73 -10.69
CA SER A 38 -9.16 -35.98 -9.96
C SER A 38 -8.23 -36.95 -10.66
N GLN A 39 -8.16 -38.16 -10.12
CA GLN A 39 -7.21 -39.16 -10.60
C GLN A 39 -7.56 -39.65 -12.00
N LYS A 40 -8.84 -39.57 -12.38
CA LYS A 40 -9.23 -39.99 -13.71
C LYS A 40 -8.70 -39.05 -14.78
N ALA A 41 -8.65 -37.75 -14.49
CA ALA A 41 -8.05 -36.82 -15.42
C ALA A 41 -6.55 -37.02 -15.52
N VAL A 42 -5.91 -37.43 -14.42
CA VAL A 42 -4.50 -37.77 -14.45
C VAL A 42 -4.25 -38.99 -15.32
N GLU A 43 -5.13 -39.98 -15.23
CA GLU A 43 -4.99 -41.18 -16.06
C GLU A 43 -5.23 -40.87 -17.53
N ARG A 44 -6.20 -40.00 -17.83
CA ARG A 44 -6.41 -39.60 -19.21
C ARG A 44 -5.25 -38.76 -19.74
N GLU A 45 -4.61 -37.97 -18.87
CA GLU A 45 -3.42 -37.25 -19.27
C GLU A 45 -2.27 -38.20 -19.56
N GLN A 46 -2.12 -39.25 -18.75
CA GLN A 46 -1.07 -40.24 -18.99
C GLN A 46 -1.31 -41.00 -20.29
N GLU A 47 -2.58 -41.30 -20.58
CA GLU A 47 -2.90 -41.95 -21.85
C GLU A 47 -2.69 -41.01 -23.03
N ARG A 48 -2.83 -39.70 -22.81
CA ARG A 48 -2.53 -38.76 -23.89
C ARG A 48 -1.03 -38.63 -24.08
N VAL A 49 -0.25 -38.82 -23.01
CA VAL A 49 1.21 -38.79 -23.13
C VAL A 49 1.72 -40.02 -23.87
N LYS A 50 1.22 -41.20 -23.49
CA LYS A 50 1.76 -42.46 -24.03
C LYS A 50 1.45 -42.61 -25.51
N SER A 51 0.41 -41.97 -26.00
CA SER A 51 0.05 -42.05 -27.41
C SER A 51 0.62 -40.90 -28.24
N ALA A 52 1.53 -40.10 -27.69
CA ALA A 52 1.97 -38.90 -28.39
C ALA A 52 3.03 -39.20 -29.44
N GLY A 53 4.06 -39.95 -29.08
CA GLY A 53 5.11 -40.27 -30.04
C GLY A 53 6.29 -40.91 -29.38
N PHE A 54 7.44 -40.79 -30.05
CA PHE A 54 8.70 -41.35 -29.58
C PHE A 54 9.20 -40.57 -28.37
N TRP A 55 8.88 -41.05 -27.17
CA TRP A 55 9.42 -40.57 -25.90
C TRP A 55 9.17 -39.09 -25.67
N ILE A 56 7.91 -38.70 -25.53
CA ILE A 56 7.56 -37.31 -25.28
C ILE A 56 7.60 -37.07 -23.78
N ILE A 57 8.19 -35.95 -23.38
CA ILE A 57 8.35 -35.61 -21.97
C ILE A 57 7.21 -34.69 -21.57
N HIS A 58 6.45 -35.11 -20.58
CA HIS A 58 5.41 -34.25 -20.08
C HIS A 58 6.01 -33.23 -19.11
N PRO A 59 5.61 -31.96 -19.17
CA PRO A 59 6.29 -30.95 -18.37
C PRO A 59 5.97 -31.02 -16.90
N TYR A 60 4.88 -31.66 -16.51
CA TYR A 60 4.54 -31.79 -15.10
C TYR A 60 4.99 -33.11 -14.53
N SER A 61 5.86 -33.81 -15.23
CA SER A 61 6.24 -35.17 -14.84
C SER A 61 7.24 -35.19 -13.71
N ASP A 62 7.83 -36.35 -13.46
CA ASP A 62 8.88 -36.49 -12.47
C ASP A 62 10.27 -36.41 -13.07
N PHE A 63 10.45 -36.80 -14.32
CA PHE A 63 11.77 -36.67 -14.93
C PHE A 63 12.10 -35.23 -15.25
N ARG A 64 11.12 -34.49 -15.77
CA ARG A 64 11.37 -33.11 -16.15
C ARG A 64 11.66 -32.24 -14.95
N PHE A 65 11.01 -32.53 -13.82
CA PHE A 65 11.22 -31.77 -12.60
C PHE A 65 12.64 -31.93 -12.07
N TYR A 66 13.07 -33.17 -11.84
CA TYR A 66 14.40 -33.36 -11.29
C TYR A 66 15.49 -33.13 -12.32
N TRP A 67 15.18 -33.25 -13.62
CA TRP A 67 16.13 -32.83 -14.64
C TRP A 67 16.31 -31.33 -14.63
N ASP A 68 15.23 -30.57 -14.45
CA ASP A 68 15.36 -29.13 -14.32
C ASP A 68 16.11 -28.76 -13.06
N LEU A 69 15.94 -29.54 -11.99
CA LEU A 69 16.68 -29.24 -10.75
C LEU A 69 18.17 -29.46 -10.90
N THR A 70 18.57 -30.57 -11.54
CA THR A 70 19.99 -30.78 -11.78
C THR A 70 20.55 -29.76 -12.76
N MET A 71 19.76 -29.32 -13.74
CA MET A 71 20.24 -28.25 -14.60
C MET A 71 20.34 -26.93 -13.86
N LEU A 72 19.49 -26.68 -12.85
CA LEU A 72 19.62 -25.46 -12.07
C LEU A 72 20.91 -25.45 -11.27
N LEU A 73 21.22 -26.58 -10.65
CA LEU A 73 22.48 -26.66 -9.90
C LEU A 73 23.68 -26.52 -10.83
N LEU A 74 23.60 -27.12 -12.02
CA LEU A 74 24.72 -27.01 -12.94
C LEU A 74 24.85 -25.61 -13.52
N MET A 75 23.75 -24.90 -13.72
CA MET A 75 23.84 -23.54 -14.26
C MET A 75 24.34 -22.56 -13.22
N VAL A 76 23.95 -22.73 -11.95
CA VAL A 76 24.50 -21.87 -10.91
C VAL A 76 26.00 -22.11 -10.78
N GLY A 77 26.42 -23.37 -10.87
CA GLY A 77 27.85 -23.65 -10.87
C GLY A 77 28.59 -23.07 -12.06
N ASN A 78 27.98 -23.13 -13.24
CA ASN A 78 28.64 -22.60 -14.43
C ASN A 78 28.69 -21.08 -14.43
N LEU A 79 27.59 -20.43 -14.08
CA LEU A 79 27.59 -18.97 -14.10
C LEU A 79 28.39 -18.38 -12.95
N ILE A 80 28.70 -19.16 -11.92
CA ILE A 80 29.67 -18.67 -10.95
C ILE A 80 31.09 -18.92 -11.43
N ILE A 81 31.39 -20.11 -11.95
CA ILE A 81 32.77 -20.49 -12.19
C ILE A 81 33.32 -19.87 -13.47
N ILE A 82 32.59 -19.98 -14.56
CA ILE A 82 33.04 -19.62 -15.92
C ILE A 82 33.61 -18.21 -16.09
N PRO A 83 33.02 -17.12 -15.55
CA PRO A 83 33.68 -15.82 -15.70
C PRO A 83 34.98 -15.71 -14.92
N VAL A 84 35.09 -16.35 -13.76
CA VAL A 84 36.35 -16.31 -13.02
C VAL A 84 37.42 -17.10 -13.74
N GLY A 85 37.03 -18.21 -14.36
CA GLY A 85 38.00 -18.98 -15.11
C GLY A 85 38.44 -18.30 -16.40
N ILE A 86 37.57 -17.50 -16.98
CA ILE A 86 37.96 -16.81 -18.20
C ILE A 86 38.81 -15.60 -17.90
N THR A 87 38.43 -14.78 -16.92
CA THR A 87 39.09 -13.50 -16.76
C THR A 87 40.41 -13.62 -16.00
N PHE A 88 40.41 -14.29 -14.85
CA PHE A 88 41.56 -14.15 -13.98
C PHE A 88 42.70 -15.10 -14.32
N PHE A 89 42.42 -16.21 -14.98
CA PHE A 89 43.47 -17.16 -15.30
C PHE A 89 44.02 -16.90 -16.70
N LYS A 90 45.33 -17.05 -16.84
CA LYS A 90 45.99 -16.58 -18.04
C LYS A 90 45.83 -17.53 -19.22
N ASP A 91 46.40 -18.73 -19.12
CA ASP A 91 46.24 -19.74 -20.15
C ASP A 91 45.23 -20.76 -19.65
N GLU A 92 43.97 -20.36 -19.66
CA GLU A 92 42.90 -21.19 -19.10
C GLU A 92 42.50 -22.31 -20.06
N ASN A 93 43.46 -23.18 -20.39
CA ASN A 93 43.23 -24.31 -21.27
C ASN A 93 43.94 -25.54 -20.76
N THR A 94 44.03 -25.71 -19.44
CA THR A 94 44.51 -26.95 -18.89
C THR A 94 43.44 -28.02 -18.98
N THR A 95 43.82 -29.26 -18.69
CA THR A 95 42.90 -30.39 -18.80
C THR A 95 41.68 -30.33 -17.87
N PRO A 96 41.77 -29.95 -16.57
CA PRO A 96 40.52 -29.89 -15.77
C PRO A 96 39.52 -28.86 -16.27
N TRP A 97 40.01 -27.74 -16.80
CA TRP A 97 39.10 -26.71 -17.30
C TRP A 97 38.39 -27.17 -18.56
N ILE A 98 39.11 -27.84 -19.46
CA ILE A 98 38.50 -28.29 -20.71
C ILE A 98 37.56 -29.45 -20.44
N VAL A 99 37.92 -30.33 -19.49
CA VAL A 99 37.02 -31.41 -19.08
C VAL A 99 35.74 -30.84 -18.47
N PHE A 100 35.86 -29.78 -17.67
CA PHE A 100 34.68 -29.18 -17.06
C PHE A 100 33.79 -28.53 -18.11
N ASN A 101 34.38 -27.78 -19.04
CA ASN A 101 33.58 -27.16 -20.10
C ASN A 101 32.93 -28.19 -20.99
N VAL A 102 33.63 -29.28 -21.32
CA VAL A 102 33.07 -30.24 -22.25
C VAL A 102 31.97 -31.08 -21.59
N VAL A 103 32.14 -31.44 -20.30
CA VAL A 103 31.07 -32.15 -19.58
C VAL A 103 29.83 -31.27 -19.41
N SER A 104 30.04 -29.98 -19.09
CA SER A 104 28.91 -29.08 -18.98
C SER A 104 28.20 -28.90 -20.31
N ASP A 105 28.95 -28.67 -21.40
CA ASP A 105 28.32 -28.51 -22.70
C ASP A 105 27.67 -29.79 -23.19
N THR A 106 28.14 -30.95 -22.72
CA THR A 106 27.44 -32.20 -22.99
C THR A 106 26.06 -32.19 -22.34
N PHE A 107 26.00 -31.81 -21.06
CA PHE A 107 24.70 -31.72 -20.38
C PHE A 107 23.80 -30.67 -21.03
N PHE A 108 24.36 -29.56 -21.49
CA PHE A 108 23.51 -28.54 -22.06
C PHE A 108 23.04 -28.91 -23.46
N LEU A 109 23.83 -29.70 -24.21
CA LEU A 109 23.30 -30.22 -25.46
C LEU A 109 22.23 -31.28 -25.24
N ILE A 110 22.37 -32.06 -24.17
CA ILE A 110 21.33 -33.02 -23.81
C ILE A 110 20.03 -32.29 -23.48
N ASP A 111 20.13 -31.18 -22.74
CA ASP A 111 18.92 -30.44 -22.41
C ASP A 111 18.38 -29.70 -23.63
N LEU A 112 19.25 -29.30 -24.56
CA LEU A 112 18.80 -28.71 -25.81
C LEU A 112 18.01 -29.70 -26.64
N VAL A 113 18.47 -30.95 -26.68
CA VAL A 113 17.75 -31.98 -27.42
C VAL A 113 16.44 -32.32 -26.74
N LEU A 114 16.46 -32.45 -25.41
CA LEU A 114 15.23 -32.77 -24.68
C LEU A 114 14.20 -31.66 -24.71
N ASN A 115 14.61 -30.43 -25.01
CA ASN A 115 13.60 -29.39 -25.18
C ASN A 115 12.79 -29.54 -26.47
N PHE A 116 13.21 -30.39 -27.41
CA PHE A 116 12.37 -30.72 -28.55
C PHE A 116 11.44 -31.89 -28.27
N ARG A 117 11.35 -32.34 -27.02
CA ARG A 117 10.45 -33.42 -26.67
C ARG A 117 9.62 -33.09 -25.44
N THR A 118 9.62 -31.85 -25.00
CA THR A 118 8.95 -31.46 -23.77
C THR A 118 7.61 -30.84 -24.13
N GLY A 119 6.56 -31.25 -23.42
CA GLY A 119 5.27 -30.61 -23.59
C GLY A 119 5.32 -29.17 -23.11
N ILE A 120 4.54 -28.32 -23.77
CA ILE A 120 4.61 -26.88 -23.55
C ILE A 120 3.29 -26.43 -22.97
N VAL A 121 3.35 -25.83 -21.79
CA VAL A 121 2.16 -25.26 -21.16
C VAL A 121 1.93 -23.87 -21.76
N VAL A 122 0.82 -23.71 -22.47
CA VAL A 122 0.50 -22.46 -23.16
C VAL A 122 -0.69 -21.83 -22.46
N GLU A 123 -0.61 -20.52 -22.21
CA GLU A 123 -1.68 -19.78 -21.53
C GLU A 123 -2.69 -19.25 -22.55
N ASP A 124 -3.14 -20.17 -23.40
CA ASP A 124 -4.29 -19.94 -24.25
C ASP A 124 -5.16 -21.18 -24.39
N ASN A 125 -4.83 -22.28 -23.72
CA ASN A 125 -5.55 -23.54 -23.79
C ASN A 125 -5.42 -24.25 -22.46
N THR A 126 -6.47 -24.99 -22.08
CA THR A 126 -6.38 -25.79 -20.86
C THR A 126 -5.54 -27.03 -21.06
N GLU A 127 -5.32 -27.46 -22.31
CA GLU A 127 -4.52 -28.63 -22.57
C GLU A 127 -3.05 -28.26 -22.67
N ILE A 128 -2.21 -29.29 -22.70
CA ILE A 128 -0.76 -29.16 -22.86
C ILE A 128 -0.40 -29.70 -24.23
N ILE A 129 0.35 -28.92 -25.00
CA ILE A 129 0.73 -29.31 -26.35
C ILE A 129 1.70 -30.47 -26.28
N LEU A 130 1.34 -31.59 -26.89
CA LEU A 130 2.23 -32.74 -26.96
C LEU A 130 2.53 -33.16 -28.39
N ASP A 131 2.00 -32.47 -29.38
CA ASP A 131 2.35 -32.71 -30.77
C ASP A 131 3.79 -32.25 -31.00
N PRO A 132 4.69 -33.13 -31.43
CA PRO A 132 6.10 -32.71 -31.58
C PRO A 132 6.33 -31.71 -32.69
N GLN A 133 5.43 -31.61 -33.65
CA GLN A 133 5.59 -30.57 -34.67
C GLN A 133 5.33 -29.19 -34.10
N ARG A 134 4.28 -29.04 -33.29
CA ARG A 134 4.02 -27.75 -32.66
C ARG A 134 5.07 -27.43 -31.61
N ILE A 135 5.57 -28.44 -30.90
CA ILE A 135 6.66 -28.25 -29.95
C ILE A 135 7.91 -27.77 -30.66
N LYS A 136 8.23 -28.39 -31.79
CA LYS A 136 9.39 -28.00 -32.58
C LYS A 136 9.25 -26.58 -33.12
N MET A 137 8.07 -26.24 -33.65
CA MET A 137 7.91 -24.91 -34.24
C MET A 137 7.87 -23.82 -33.17
N LYS A 138 7.27 -24.11 -32.02
CA LYS A 138 7.21 -23.08 -30.98
C LYS A 138 8.57 -22.91 -30.30
N TYR A 139 9.34 -24.00 -30.17
CA TYR A 139 10.65 -23.88 -29.57
C TYR A 139 11.65 -23.23 -30.50
N LEU A 140 11.53 -23.49 -31.82
CA LEU A 140 12.35 -22.75 -32.77
C LEU A 140 11.89 -21.31 -32.88
N LYS A 141 10.63 -21.04 -32.55
CA LYS A 141 10.10 -19.70 -32.69
C LYS A 141 10.70 -18.71 -31.70
N SER A 142 10.78 -19.05 -30.41
CA SER A 142 11.20 -18.04 -29.44
C SER A 142 12.53 -18.39 -28.79
N TRP A 143 12.62 -19.46 -28.03
CA TRP A 143 13.85 -19.74 -27.30
C TRP A 143 14.63 -20.88 -27.96
N PHE A 144 15.26 -20.60 -29.08
CA PHE A 144 16.20 -21.58 -29.63
C PHE A 144 17.60 -21.01 -29.85
N MET A 145 17.68 -19.85 -30.47
CA MET A 145 18.97 -19.34 -30.92
C MET A 145 19.89 -19.03 -29.76
N VAL A 146 19.33 -18.51 -28.66
CA VAL A 146 20.13 -18.23 -27.48
C VAL A 146 20.54 -19.54 -26.80
N ASP A 147 19.69 -20.57 -26.82
CA ASP A 147 20.09 -21.83 -26.23
C ASP A 147 21.06 -22.59 -27.11
N PHE A 148 20.97 -22.42 -28.42
CA PHE A 148 21.93 -23.07 -29.30
C PHE A 148 23.29 -22.41 -29.25
N ILE A 149 23.32 -21.09 -29.06
CA ILE A 149 24.59 -20.41 -28.84
C ILE A 149 25.18 -20.81 -27.50
N SER A 150 24.36 -20.83 -26.45
CA SER A 150 24.87 -21.09 -25.12
C SER A 150 25.24 -22.55 -24.90
N SER A 151 24.70 -23.47 -25.68
CA SER A 151 25.01 -24.86 -25.41
C SER A 151 26.31 -25.29 -26.06
N ILE A 152 26.52 -24.98 -27.34
CA ILE A 152 27.69 -25.50 -28.04
C ILE A 152 28.92 -24.73 -27.62
N PRO A 153 30.08 -25.36 -27.53
CA PRO A 153 31.30 -24.60 -27.27
C PRO A 153 31.75 -23.85 -28.50
N VAL A 154 31.50 -22.54 -28.53
CA VAL A 154 31.85 -21.75 -29.70
C VAL A 154 33.35 -21.52 -29.76
N ASP A 155 33.99 -21.38 -28.60
CA ASP A 155 35.41 -21.09 -28.56
C ASP A 155 36.27 -22.25 -29.04
N TYR A 156 35.91 -23.48 -28.66
CA TYR A 156 36.72 -24.62 -29.09
C TYR A 156 36.53 -24.94 -30.54
N ILE A 157 35.31 -24.74 -31.06
CA ILE A 157 35.06 -24.81 -32.49
C ILE A 157 35.89 -23.76 -33.22
N PHE A 158 35.98 -22.55 -32.65
CA PHE A 158 36.76 -21.49 -33.29
C PHE A 158 38.24 -21.80 -33.26
N LEU A 159 38.73 -22.43 -32.19
CA LEU A 159 40.13 -22.81 -32.13
C LEU A 159 40.46 -23.91 -33.12
N ILE A 160 39.55 -24.88 -33.29
CA ILE A 160 39.79 -25.93 -34.27
C ILE A 160 39.75 -25.39 -35.70
N VAL A 161 38.82 -24.47 -35.97
CA VAL A 161 38.71 -23.87 -37.30
C VAL A 161 39.93 -22.99 -37.60
N GLU A 162 40.40 -22.23 -36.61
CA GLU A 162 41.59 -21.42 -36.80
C GLU A 162 42.83 -22.28 -36.90
N THR A 163 42.84 -23.45 -36.27
CA THR A 163 43.95 -24.39 -36.44
C THR A 163 43.98 -24.93 -37.87
N ARG A 164 42.81 -25.28 -38.40
CA ARG A 164 42.77 -25.91 -39.72
C ARG A 164 42.95 -24.90 -40.85
N ILE A 165 42.57 -23.65 -40.66
CA ILE A 165 42.80 -22.64 -41.70
C ILE A 165 44.29 -22.33 -41.80
N ASP A 166 44.93 -22.02 -40.67
CA ASP A 166 46.37 -21.83 -40.65
C ASP A 166 46.92 -22.66 -39.51
N SER A 167 47.71 -23.69 -39.84
CA SER A 167 48.36 -24.48 -38.80
C SER A 167 49.46 -23.69 -38.11
N GLU A 168 50.27 -22.97 -38.88
CA GLU A 168 51.34 -22.15 -38.32
C GLU A 168 50.88 -20.72 -38.12
N VAL A 169 49.85 -20.56 -37.29
CA VAL A 169 49.32 -19.25 -36.97
C VAL A 169 49.77 -18.77 -35.59
N TYR A 170 50.22 -19.69 -34.71
CA TYR A 170 50.55 -19.34 -33.34
C TYR A 170 52.00 -18.90 -33.19
N LYS A 171 52.46 -18.02 -34.08
CA LYS A 171 53.80 -17.45 -33.91
C LYS A 171 53.82 -15.96 -34.26
N THR A 172 52.67 -15.30 -34.39
CA THR A 172 52.62 -13.92 -34.86
C THR A 172 51.87 -13.08 -33.83
N ALA A 173 51.56 -11.85 -34.19
CA ALA A 173 50.66 -11.00 -33.41
C ALA A 173 49.19 -11.31 -33.69
N ARG A 174 48.91 -12.18 -34.66
CA ARG A 174 47.54 -12.63 -34.88
C ARG A 174 47.11 -13.58 -33.77
N ALA A 175 48.04 -14.34 -33.21
CA ALA A 175 47.71 -15.36 -32.22
C ALA A 175 47.20 -14.75 -30.93
N LEU A 176 47.77 -13.61 -30.52
CA LEU A 176 47.27 -12.92 -29.34
C LEU A 176 45.85 -12.42 -29.54
N ARG A 177 45.56 -11.91 -30.74
CA ARG A 177 44.20 -11.50 -31.07
C ARG A 177 43.25 -12.69 -31.08
N ILE A 178 43.72 -13.86 -31.52
CA ILE A 178 42.88 -15.05 -31.51
C ILE A 178 42.61 -15.53 -30.09
N VAL A 179 43.59 -15.39 -29.19
CA VAL A 179 43.36 -15.76 -27.80
C VAL A 179 42.37 -14.82 -27.12
N ARG A 180 42.48 -13.52 -27.40
CA ARG A 180 41.53 -12.57 -26.82
C ARG A 180 40.13 -12.76 -27.40
N PHE A 181 40.04 -13.08 -28.68
CA PHE A 181 38.74 -13.34 -29.28
C PHE A 181 38.17 -14.66 -28.78
N THR A 182 39.04 -15.61 -28.41
CA THR A 182 38.57 -16.83 -27.75
C THR A 182 37.98 -16.52 -26.38
N LYS A 183 38.64 -15.66 -25.62
CA LYS A 183 38.11 -15.31 -24.31
C LYS A 183 36.85 -14.47 -24.40
N ILE A 184 36.61 -13.78 -25.51
CA ILE A 184 35.32 -13.11 -25.66
C ILE A 184 34.25 -14.10 -26.09
N LEU A 185 34.56 -15.01 -27.01
CA LEU A 185 33.57 -15.98 -27.50
C LEU A 185 33.17 -16.97 -26.41
N SER A 186 34.06 -17.23 -25.46
CA SER A 186 33.72 -18.13 -24.38
C SER A 186 32.75 -17.53 -23.37
N LEU A 187 32.45 -16.25 -23.47
CA LEU A 187 31.43 -15.64 -22.65
C LEU A 187 30.04 -15.79 -23.22
N LEU A 188 29.89 -16.50 -24.33
CA LEU A 188 28.56 -16.82 -24.82
C LEU A 188 27.88 -17.87 -23.95
N ARG A 189 28.64 -18.57 -23.11
CA ARG A 189 28.05 -19.47 -22.13
C ARG A 189 27.31 -18.73 -21.04
N LEU A 190 27.46 -17.42 -20.94
CA LEU A 190 26.68 -16.63 -20.01
C LEU A 190 25.28 -16.33 -20.52
N LEU A 191 24.94 -16.80 -21.72
CA LEU A 191 23.57 -16.79 -22.18
C LEU A 191 22.74 -17.94 -21.63
N ARG A 192 23.29 -18.75 -20.73
CA ARG A 192 22.53 -19.75 -20.02
C ARG A 192 21.72 -19.15 -18.89
N LEU A 193 21.85 -17.85 -18.66
CA LEU A 193 21.00 -17.16 -17.71
C LEU A 193 19.54 -17.21 -18.14
N SER A 194 19.28 -17.27 -19.44
CA SER A 194 17.91 -17.40 -19.93
C SER A 194 17.28 -18.71 -19.49
N ARG A 195 18.01 -19.82 -19.69
CA ARG A 195 17.53 -21.10 -19.21
C ARG A 195 17.47 -21.15 -17.69
N LEU A 196 18.38 -20.44 -17.01
CA LEU A 196 18.34 -20.37 -15.56
C LEU A 196 17.08 -19.69 -15.06
N ILE A 197 16.71 -18.57 -15.68
CA ILE A 197 15.53 -17.82 -15.26
C ILE A 197 14.27 -18.61 -15.58
N ARG A 198 14.21 -19.23 -16.76
CA ARG A 198 13.01 -19.98 -17.11
C ARG A 198 12.85 -21.22 -16.24
N TYR A 199 13.93 -21.92 -15.96
CA TYR A 199 13.81 -23.12 -15.16
C TYR A 199 13.58 -22.81 -13.70
N ILE A 200 14.07 -21.67 -13.21
CA ILE A 200 13.72 -21.26 -11.85
C ILE A 200 12.25 -20.90 -11.75
N HIS A 201 11.70 -20.22 -12.77
CA HIS A 201 10.29 -19.87 -12.69
C HIS A 201 9.39 -21.10 -12.79
N GLN A 202 9.75 -22.05 -13.66
CA GLN A 202 8.96 -23.27 -13.76
C GLN A 202 9.10 -24.13 -12.49
N TRP A 203 10.31 -24.24 -11.97
CA TRP A 203 10.55 -25.02 -10.76
C TRP A 203 9.85 -24.42 -9.56
N GLU A 204 9.85 -23.10 -9.43
CA GLU A 204 9.17 -22.47 -8.31
C GLU A 204 7.66 -22.53 -8.47
N GLU A 205 7.17 -22.61 -9.70
CA GLU A 205 5.73 -22.83 -9.87
C GLU A 205 5.35 -24.25 -9.49
N ILE A 206 6.22 -25.22 -9.77
CA ILE A 206 5.86 -26.62 -9.56
C ILE A 206 6.11 -27.05 -8.12
N PHE A 207 7.33 -26.82 -7.62
CA PHE A 207 7.73 -27.29 -6.30
C PHE A 207 6.91 -26.63 -5.20
N HIS A 208 6.33 -27.46 -4.34
CA HIS A 208 5.18 -27.02 -3.54
C HIS A 208 5.58 -26.20 -2.33
N MET A 209 6.78 -26.39 -1.78
CA MET A 209 7.15 -25.59 -0.61
C MET A 209 7.44 -24.14 -0.97
N THR A 210 7.88 -23.86 -2.20
CA THR A 210 7.94 -22.48 -2.64
C THR A 210 6.60 -22.02 -3.19
N TYR A 211 5.70 -22.95 -3.51
CA TYR A 211 4.39 -22.54 -3.98
C TYR A 211 3.51 -22.06 -2.83
N ASP A 212 3.64 -22.70 -1.67
CA ASP A 212 2.89 -22.25 -0.51
C ASP A 212 3.48 -21.01 0.14
N LEU A 213 4.71 -20.61 -0.22
CA LEU A 213 5.28 -19.39 0.33
C LEU A 213 4.57 -18.17 -0.21
N ALA A 214 4.72 -17.07 0.51
CA ALA A 214 4.24 -15.80 0.02
C ALA A 214 5.05 -15.40 -1.19
N SER A 215 4.39 -14.78 -2.17
CA SER A 215 5.06 -14.45 -3.42
C SER A 215 6.11 -13.37 -3.25
N ALA A 216 5.99 -12.54 -2.22
CA ALA A 216 7.02 -11.55 -1.95
C ALA A 216 8.31 -12.21 -1.49
N VAL A 217 8.22 -13.32 -0.76
CA VAL A 217 9.41 -14.00 -0.28
C VAL A 217 10.15 -14.65 -1.43
N VAL A 218 9.41 -15.37 -2.29
CA VAL A 218 10.01 -16.01 -3.46
C VAL A 218 10.58 -14.97 -4.41
N ARG A 219 9.90 -13.83 -4.53
CA ARG A 219 10.35 -12.80 -5.43
C ARG A 219 11.60 -12.12 -4.91
N ILE A 220 11.69 -11.90 -3.60
CA ILE A 220 12.90 -11.29 -3.07
C ILE A 220 14.06 -12.29 -3.00
N VAL A 221 13.80 -13.59 -2.92
CA VAL A 221 14.90 -14.55 -3.00
C VAL A 221 15.46 -14.60 -4.42
N ASN A 222 14.58 -14.53 -5.42
CA ASN A 222 15.04 -14.43 -6.80
C ASN A 222 15.84 -13.16 -7.03
N LEU A 223 15.41 -12.06 -6.44
CA LEU A 223 16.16 -10.82 -6.62
C LEU A 223 17.51 -10.86 -5.93
N ILE A 224 17.59 -11.44 -4.73
CA ILE A 224 18.87 -11.53 -4.02
C ILE A 224 19.84 -12.43 -4.78
N GLY A 225 19.34 -13.50 -5.37
CA GLY A 225 20.17 -14.32 -6.23
C GLY A 225 20.67 -13.57 -7.45
N MET A 226 19.79 -12.79 -8.08
CA MET A 226 20.22 -12.03 -9.25
C MET A 226 21.18 -10.89 -8.88
N MET A 227 21.02 -10.30 -7.70
CA MET A 227 21.94 -9.26 -7.28
C MET A 227 23.32 -9.82 -7.00
N LEU A 228 23.40 -10.99 -6.37
CA LEU A 228 24.70 -11.62 -6.16
C LEU A 228 25.34 -12.01 -7.48
N LEU A 229 24.54 -12.48 -8.43
CA LEU A 229 25.10 -12.89 -9.71
C LEU A 229 25.58 -11.71 -10.52
N LEU A 230 24.83 -10.60 -10.50
CA LEU A 230 25.28 -9.43 -11.24
C LEU A 230 26.45 -8.74 -10.57
N CYS A 231 26.55 -8.80 -9.25
CA CYS A 231 27.74 -8.25 -8.59
C CYS A 231 28.97 -9.08 -8.92
N HIS A 232 28.81 -10.40 -8.99
CA HIS A 232 29.90 -11.29 -9.38
C HIS A 232 30.33 -11.04 -10.82
N TRP A 233 29.36 -10.99 -11.75
CA TRP A 233 29.70 -10.74 -13.14
C TRP A 233 30.25 -9.36 -13.34
N ASP A 234 29.83 -8.40 -12.54
CA ASP A 234 30.33 -7.06 -12.73
C ASP A 234 31.76 -6.95 -12.22
N GLY A 235 32.10 -7.66 -11.15
CA GLY A 235 33.50 -7.71 -10.74
C GLY A 235 34.37 -8.39 -11.76
N CYS A 236 33.88 -9.46 -12.36
CA CYS A 236 34.62 -10.11 -13.44
C CYS A 236 34.75 -9.21 -14.66
N LEU A 237 33.77 -8.37 -14.93
CA LEU A 237 33.86 -7.46 -16.07
C LEU A 237 34.84 -6.32 -15.79
N GLN A 238 34.81 -5.78 -14.56
CA GLN A 238 35.75 -4.75 -14.13
C GLN A 238 37.18 -5.23 -14.21
N PHE A 239 37.41 -6.53 -14.06
CA PHE A 239 38.77 -6.99 -14.32
C PHE A 239 38.98 -7.38 -15.78
N LEU A 240 37.93 -7.79 -16.49
CA LEU A 240 38.11 -8.34 -17.83
C LEU A 240 38.49 -7.28 -18.84
N VAL A 241 37.83 -6.13 -18.79
CA VAL A 241 38.09 -5.11 -19.80
C VAL A 241 39.49 -4.50 -19.65
N PRO A 242 40.07 -4.31 -18.46
CA PRO A 242 41.51 -4.05 -18.42
C PRO A 242 42.36 -5.27 -18.70
N MET A 243 41.82 -6.49 -18.68
CA MET A 243 42.69 -7.62 -18.97
C MET A 243 42.87 -7.81 -20.46
N LEU A 244 41.88 -7.42 -21.24
CA LEU A 244 41.94 -7.46 -22.70
C LEU A 244 42.54 -6.22 -23.30
N GLN A 245 43.26 -5.43 -22.50
CA GLN A 245 43.93 -4.23 -23.01
C GLN A 245 45.39 -4.22 -22.58
N ASP A 246 45.94 -5.39 -22.21
CA ASP A 246 47.30 -5.57 -21.70
C ASP A 246 47.58 -4.71 -20.47
N PHE A 247 46.54 -4.40 -19.69
CA PHE A 247 46.57 -3.56 -18.50
C PHE A 247 47.24 -2.22 -18.77
N PRO A 248 46.56 -1.28 -19.44
CA PRO A 248 47.17 0.01 -19.73
C PRO A 248 47.38 0.81 -18.46
N ASP A 249 48.18 1.88 -18.58
CA ASP A 249 48.71 2.56 -17.41
C ASP A 249 47.67 3.41 -16.69
N ASP A 250 46.45 3.51 -17.19
CA ASP A 250 45.41 4.28 -16.53
C ASP A 250 44.27 3.42 -16.00
N CYS A 251 44.29 2.10 -16.24
CA CYS A 251 43.29 1.26 -15.63
C CYS A 251 43.60 1.11 -14.15
N TRP A 252 42.59 0.69 -13.39
CA TRP A 252 42.77 0.60 -11.95
C TRP A 252 43.71 -0.50 -11.52
N VAL A 253 43.93 -1.50 -12.37
CA VAL A 253 44.81 -2.60 -12.00
C VAL A 253 46.25 -2.14 -11.96
N SER A 254 46.70 -1.43 -12.99
CA SER A 254 48.08 -0.97 -13.01
C SER A 254 48.30 0.21 -12.08
N ILE A 255 47.26 0.97 -11.76
CA ILE A 255 47.41 2.02 -10.75
C ILE A 255 47.56 1.41 -9.38
N ASN A 256 46.75 0.40 -9.06
CA ASN A 256 46.86 -0.22 -7.75
C ASN A 256 47.97 -1.25 -7.66
N ASN A 257 48.71 -1.47 -8.75
CA ASN A 257 49.79 -2.46 -8.84
C ASN A 257 49.29 -3.86 -8.51
N MET A 258 48.12 -4.19 -9.03
CA MET A 258 47.54 -5.51 -8.87
C MET A 258 47.67 -6.36 -10.12
N VAL A 259 48.65 -6.06 -10.96
CA VAL A 259 48.80 -6.82 -12.18
C VAL A 259 49.40 -8.18 -11.88
N ASN A 260 50.28 -8.26 -10.89
CA ASN A 260 51.00 -9.49 -10.59
C ASN A 260 50.64 -10.07 -9.24
N ASN A 261 49.45 -9.76 -8.72
CA ASN A 261 49.02 -10.44 -7.51
C ASN A 261 48.46 -11.81 -7.86
N SER A 262 48.04 -12.53 -6.84
CA SER A 262 47.32 -13.77 -7.07
C SER A 262 45.93 -13.47 -7.59
N TRP A 263 45.26 -14.48 -8.12
CA TRP A 263 43.92 -14.24 -8.62
C TRP A 263 42.91 -14.10 -7.50
N GLY A 264 43.23 -14.58 -6.30
CA GLY A 264 42.34 -14.37 -5.18
C GLY A 264 42.24 -12.91 -4.80
N LYS A 265 43.38 -12.23 -4.75
CA LYS A 265 43.37 -10.81 -4.39
C LYS A 265 42.81 -9.97 -5.51
N GLN A 266 43.07 -10.34 -6.75
CA GLN A 266 42.48 -9.63 -7.88
C GLN A 266 40.98 -9.77 -7.90
N TYR A 267 40.46 -10.98 -7.66
CA TYR A 267 39.02 -11.16 -7.64
C TYR A 267 38.39 -10.50 -6.44
N SER A 268 39.07 -10.49 -5.29
CA SER A 268 38.50 -9.85 -4.11
C SER A 268 38.40 -8.36 -4.30
N TYR A 269 39.44 -7.73 -4.84
CA TYR A 269 39.34 -6.30 -5.01
C TYR A 269 38.46 -5.92 -6.19
N ALA A 270 38.34 -6.77 -7.21
CA ALA A 270 37.43 -6.46 -8.30
C ALA A 270 35.99 -6.61 -7.85
N LEU A 271 35.71 -7.60 -7.01
CA LEU A 271 34.36 -7.76 -6.49
C LEU A 271 34.02 -6.64 -5.53
N PHE A 272 35.00 -6.16 -4.78
CA PHE A 272 34.78 -4.98 -3.96
C PHE A 272 34.50 -3.74 -4.80
N LYS A 273 35.22 -3.60 -5.90
CA LYS A 273 35.00 -2.43 -6.75
C LYS A 273 33.64 -2.49 -7.44
N ALA A 274 33.13 -3.68 -7.72
CA ALA A 274 31.77 -3.77 -8.26
C ALA A 274 30.73 -3.56 -7.18
N MET A 275 30.98 -4.09 -6.00
CA MET A 275 30.00 -4.06 -4.94
C MET A 275 29.89 -2.70 -4.29
N SER A 276 30.94 -1.88 -4.38
CA SER A 276 30.84 -0.51 -3.90
C SER A 276 29.85 0.29 -4.71
N HIS A 277 29.58 -0.12 -5.95
CA HIS A 277 28.58 0.53 -6.76
C HIS A 277 27.24 -0.17 -6.72
N MET A 278 27.20 -1.45 -6.33
CA MET A 278 25.89 -2.07 -6.17
C MET A 278 25.17 -1.57 -4.91
N LEU A 279 25.81 -1.66 -3.75
CA LEU A 279 25.17 -1.24 -2.51
C LEU A 279 25.47 0.22 -2.18
N CYS A 280 25.77 1.03 -3.20
CA CYS A 280 25.74 2.49 -3.15
C CYS A 280 26.78 3.08 -2.18
N ILE A 281 28.05 2.72 -2.39
CA ILE A 281 29.09 3.26 -1.53
C ILE A 281 30.12 4.08 -2.31
N GLY A 282 30.93 3.41 -3.13
CA GLY A 282 31.94 4.06 -3.97
C GLY A 282 33.17 4.55 -3.21
N TYR A 283 34.38 4.37 -3.73
CA TYR A 283 34.75 3.68 -4.98
C TYR A 283 35.77 2.62 -4.63
N GLY A 284 36.60 2.28 -5.60
CA GLY A 284 37.82 1.57 -5.29
C GLY A 284 38.87 2.47 -4.64
N ARG A 285 40.13 2.43 -5.09
CA ARG A 285 41.13 3.26 -4.44
C ARG A 285 40.96 4.72 -4.77
N GLN A 286 40.71 5.05 -6.04
CA GLN A 286 40.54 6.43 -6.44
C GLN A 286 39.33 6.52 -7.37
N ALA A 287 39.16 7.68 -7.99
CA ALA A 287 38.19 7.83 -9.05
C ALA A 287 38.67 7.11 -10.30
N PRO A 288 37.75 6.77 -11.20
CA PRO A 288 38.17 6.25 -12.51
C PRO A 288 38.92 7.31 -13.31
N VAL A 289 39.89 6.84 -14.11
CA VAL A 289 40.75 7.75 -14.87
C VAL A 289 40.64 7.48 -16.36
N GLY A 290 40.93 6.27 -16.78
CA GLY A 290 40.79 5.92 -18.18
C GLY A 290 39.35 5.78 -18.59
N MET A 291 39.10 5.87 -19.90
CA MET A 291 37.72 5.89 -20.37
C MET A 291 37.02 4.56 -20.22
N SER A 292 37.77 3.46 -20.29
CA SER A 292 37.20 2.17 -19.98
C SER A 292 36.74 2.12 -18.53
N ASP A 293 37.52 2.70 -17.63
CA ASP A 293 37.14 2.72 -16.22
C ASP A 293 35.91 3.56 -15.99
N VAL A 294 35.82 4.72 -16.64
CA VAL A 294 34.71 5.62 -16.43
C VAL A 294 33.42 5.00 -16.96
N TRP A 295 33.46 4.42 -18.15
CA TRP A 295 32.23 3.88 -18.68
C TRP A 295 31.83 2.56 -18.02
N LEU A 296 32.77 1.72 -17.60
CA LEU A 296 32.40 0.55 -16.83
C LEU A 296 31.87 0.90 -15.46
N THR A 297 32.43 1.94 -14.83
CA THR A 297 31.94 2.36 -13.54
C THR A 297 30.55 2.94 -13.65
N MET A 298 30.25 3.65 -14.74
CA MET A 298 28.90 4.15 -14.90
C MET A 298 27.92 3.04 -15.24
N LEU A 299 28.38 2.00 -15.95
CA LEU A 299 27.54 0.85 -16.19
C LEU A 299 27.20 0.13 -14.89
N SER A 300 28.20 -0.08 -14.05
CA SER A 300 27.94 -0.74 -12.77
C SER A 300 27.12 0.14 -11.85
N MET A 301 27.22 1.46 -11.97
CA MET A 301 26.39 2.33 -11.15
C MET A 301 24.93 2.26 -11.55
N ILE A 302 24.65 2.23 -12.86
CA ILE A 302 23.26 2.00 -13.33
C ILE A 302 22.73 0.68 -12.81
N VAL A 303 23.48 -0.40 -13.03
CA VAL A 303 22.99 -1.73 -12.70
C VAL A 303 22.82 -1.90 -11.20
N GLY A 304 23.75 -1.37 -10.41
CA GLY A 304 23.66 -1.52 -8.98
C GLY A 304 22.62 -0.64 -8.36
N ALA A 305 22.45 0.58 -8.86
CA ALA A 305 21.41 1.44 -8.32
C ALA A 305 20.03 0.95 -8.69
N THR A 306 19.87 0.36 -9.87
CA THR A 306 18.59 -0.23 -10.23
C THR A 306 18.28 -1.46 -9.39
N CYS A 307 19.27 -2.33 -9.19
CA CYS A 307 19.03 -3.51 -8.36
C CYS A 307 18.80 -3.14 -6.90
N TYR A 308 19.43 -2.09 -6.40
CA TYR A 308 19.20 -1.74 -5.01
C TYR A 308 17.89 -1.00 -4.82
N ALA A 309 17.44 -0.24 -5.82
CA ALA A 309 16.11 0.34 -5.75
C ALA A 309 15.04 -0.73 -5.80
N MET A 310 15.26 -1.77 -6.60
CA MET A 310 14.32 -2.89 -6.59
C MET A 310 14.40 -3.68 -5.30
N PHE A 311 15.56 -3.71 -4.65
CA PHE A 311 15.65 -4.40 -3.37
C PHE A 311 14.90 -3.66 -2.29
N ILE A 312 14.97 -2.33 -2.29
CA ILE A 312 14.17 -1.55 -1.36
C ILE A 312 12.69 -1.72 -1.66
N GLY A 313 12.34 -1.82 -2.95
CA GLY A 313 10.94 -2.03 -3.30
C GLY A 313 10.40 -3.37 -2.83
N HIS A 314 11.19 -4.44 -3.00
CA HIS A 314 10.74 -5.74 -2.52
C HIS A 314 10.75 -5.84 -1.01
N ALA A 315 11.69 -5.18 -0.34
CA ALA A 315 11.65 -5.16 1.11
C ALA A 315 10.44 -4.42 1.64
N THR A 316 10.04 -3.34 0.97
CA THR A 316 8.83 -2.61 1.38
C THR A 316 7.59 -3.45 1.15
N ALA A 317 7.49 -4.09 -0.02
CA ALA A 317 6.34 -4.94 -0.30
C ALA A 317 6.29 -6.18 0.58
N LEU A 318 7.43 -6.63 1.08
CA LEU A 318 7.43 -7.73 2.03
C LEU A 318 7.02 -7.27 3.42
N ILE A 319 7.51 -6.11 3.86
CA ILE A 319 7.23 -5.63 5.20
C ILE A 319 5.78 -5.19 5.34
N GLN A 320 5.19 -4.66 4.28
CA GLN A 320 3.77 -4.27 4.35
C GLN A 320 2.81 -5.45 4.33
N SER A 321 3.28 -6.69 4.40
CA SER A 321 2.39 -7.84 4.40
C SER A 321 2.88 -8.89 5.39
N LEU A 322 3.19 -8.49 6.63
CA LEU A 322 3.71 -9.43 7.61
C LEU A 322 2.69 -9.76 8.70
N ASP A 323 2.23 -8.76 9.47
CA ASP A 323 1.29 -9.02 10.56
C ASP A 323 -0.10 -8.57 10.12
N SER A 324 -0.67 -9.35 9.20
CA SER A 324 -1.78 -8.88 8.37
C SER A 324 -3.05 -8.64 9.17
N SER A 325 -3.50 -9.65 9.94
CA SER A 325 -4.71 -9.45 10.72
C SER A 325 -4.47 -8.54 11.91
N ARG A 326 -3.27 -8.53 12.46
CA ARG A 326 -2.99 -7.60 13.54
C ARG A 326 -2.95 -6.17 13.01
N ARG A 327 -2.43 -5.98 11.81
CA ARG A 327 -2.47 -4.66 11.19
C ARG A 327 -3.90 -4.25 10.86
N GLN A 328 -4.74 -5.21 10.47
CA GLN A 328 -6.14 -4.88 10.20
C GLN A 328 -6.88 -4.52 11.49
N TYR A 329 -6.59 -5.25 12.58
CA TYR A 329 -7.15 -4.92 13.88
C TYR A 329 -6.72 -3.54 14.34
N GLN A 330 -5.47 -3.19 14.14
CA GLN A 330 -5.01 -1.89 14.60
C GLN A 330 -5.50 -0.77 13.71
N GLU A 331 -5.74 -1.05 12.41
CA GLU A 331 -6.36 -0.04 11.56
C GLU A 331 -7.81 0.20 11.96
N LYS A 332 -8.56 -0.86 12.23
CA LYS A 332 -9.96 -0.69 12.61
C LYS A 332 -10.07 -0.05 13.99
N TYR A 333 -9.17 -0.40 14.91
CA TYR A 333 -9.23 0.22 16.22
C TYR A 333 -8.71 1.65 16.19
N LYS A 334 -7.83 1.98 15.26
CA LYS A 334 -7.44 3.37 15.09
C LYS A 334 -8.59 4.18 14.54
N GLN A 335 -9.40 3.58 13.66
CA GLN A 335 -10.61 4.26 13.21
C GLN A 335 -11.62 4.42 14.32
N VAL A 336 -11.68 3.45 15.24
CA VAL A 336 -12.57 3.59 16.39
C VAL A 336 -12.07 4.70 17.31
N GLU A 337 -10.74 4.79 17.50
CA GLU A 337 -10.16 5.87 18.31
C GLU A 337 -10.45 7.23 17.71
N GLN A 338 -10.32 7.35 16.39
CA GLN A 338 -10.62 8.62 15.76
C GLN A 338 -12.10 8.93 15.74
N TYR A 339 -12.96 7.90 15.74
CA TYR A 339 -14.39 8.12 15.92
C TYR A 339 -14.69 8.66 17.30
N MET A 340 -14.07 8.08 18.32
CA MET A 340 -14.30 8.53 19.69
C MET A 340 -13.78 9.94 19.91
N SER A 341 -12.64 10.27 19.29
CA SER A 341 -12.11 11.61 19.41
C SER A 341 -12.90 12.61 18.58
N PHE A 342 -13.49 12.17 17.48
CA PHE A 342 -14.28 13.06 16.65
C PHE A 342 -15.60 13.40 17.32
N HIS A 343 -16.22 12.45 18.00
CA HIS A 343 -17.45 12.74 18.71
C HIS A 343 -17.23 13.13 20.16
N LYS A 344 -15.97 13.15 20.61
CA LYS A 344 -15.56 13.64 21.93
C LYS A 344 -16.25 12.87 23.05
N LEU A 345 -16.09 11.56 23.02
CA LEU A 345 -16.69 10.71 24.03
C LEU A 345 -15.96 10.88 25.36
N PRO A 346 -16.66 10.74 26.49
CA PRO A 346 -15.99 10.84 27.77
C PRO A 346 -15.07 9.65 27.98
N PRO A 347 -14.01 9.81 28.79
CA PRO A 347 -13.00 8.75 28.92
C PRO A 347 -13.49 7.49 29.61
N ASP A 348 -14.61 7.54 30.31
CA ASP A 348 -15.21 6.32 30.83
C ASP A 348 -15.66 5.41 29.70
N THR A 349 -16.40 5.97 28.74
CA THR A 349 -16.83 5.18 27.60
C THR A 349 -15.66 4.79 26.72
N ARG A 350 -14.62 5.63 26.66
CA ARG A 350 -13.45 5.25 25.87
C ARG A 350 -12.70 4.09 26.52
N GLN A 351 -12.67 4.05 27.84
CA GLN A 351 -12.05 2.93 28.51
C GLN A 351 -12.89 1.67 28.35
N ARG A 352 -14.22 1.81 28.37
CA ARG A 352 -15.08 0.65 28.15
C ARG A 352 -14.98 0.12 26.73
N ILE A 353 -14.80 1.00 25.75
CA ILE A 353 -14.63 0.54 24.37
C ILE A 353 -13.26 -0.07 24.15
N HIS A 354 -12.22 0.46 24.82
CA HIS A 354 -10.90 -0.17 24.74
C HIS A 354 -10.93 -1.57 25.34
N ASP A 355 -11.59 -1.74 26.48
CA ASP A 355 -11.74 -3.07 27.04
C ASP A 355 -12.64 -3.96 26.18
N TYR A 356 -13.61 -3.37 25.49
CA TYR A 356 -14.47 -4.16 24.63
C TYR A 356 -13.70 -4.71 23.43
N TYR A 357 -12.91 -3.87 22.78
CA TYR A 357 -12.16 -4.36 21.64
C TYR A 357 -11.03 -5.27 22.06
N GLU A 358 -10.52 -5.13 23.28
CA GLU A 358 -9.48 -6.09 23.65
C GLU A 358 -10.05 -7.36 24.25
N HIS A 359 -11.33 -7.41 24.60
CA HIS A 359 -11.96 -8.68 24.98
C HIS A 359 -12.61 -9.38 23.79
N ARG A 360 -13.20 -8.62 22.88
CA ARG A 360 -14.04 -9.20 21.83
C ARG A 360 -13.21 -9.79 20.71
N TYR A 361 -12.21 -9.05 20.23
CA TYR A 361 -11.42 -9.51 19.10
C TYR A 361 -10.06 -10.06 19.49
N GLN A 362 -9.56 -9.70 20.68
CA GLN A 362 -8.29 -10.18 21.23
C GLN A 362 -7.11 -9.89 20.31
N GLY A 363 -7.09 -8.68 19.77
CA GLY A 363 -5.93 -8.21 19.03
C GLY A 363 -5.85 -8.61 17.58
N LYS A 364 -6.70 -9.53 17.11
CA LYS A 364 -6.66 -10.00 15.74
C LYS A 364 -8.09 -9.99 15.21
N MET A 365 -8.35 -9.17 14.19
CA MET A 365 -9.70 -9.00 13.67
C MET A 365 -9.86 -9.78 12.38
N PHE A 366 -10.88 -10.62 12.35
CA PHE A 366 -11.14 -11.54 11.24
C PHE A 366 -12.47 -11.19 10.59
N ASP A 367 -12.52 -11.27 9.27
CA ASP A 367 -13.78 -11.24 8.54
C ASP A 367 -14.33 -12.66 8.48
N GLU A 368 -14.84 -13.10 9.63
CA GLU A 368 -15.18 -14.51 9.83
C GLU A 368 -16.34 -14.96 8.96
N GLU A 369 -17.24 -14.03 8.64
CA GLU A 369 -18.34 -14.34 7.74
C GLU A 369 -17.84 -14.70 6.34
N SER A 370 -16.89 -13.92 5.82
CA SER A 370 -16.35 -14.23 4.50
C SER A 370 -15.45 -15.46 4.52
N ILE A 371 -14.71 -15.67 5.61
CA ILE A 371 -13.83 -16.83 5.72
C ILE A 371 -14.65 -18.11 5.75
N LEU A 372 -15.75 -18.12 6.50
CA LEU A 372 -16.61 -19.28 6.45
C LEU A 372 -17.41 -19.36 5.16
N GLY A 373 -17.69 -18.23 4.51
CA GLY A 373 -18.42 -18.30 3.26
C GLY A 373 -17.61 -18.84 2.11
N GLU A 374 -16.29 -18.68 2.14
CA GLU A 374 -15.45 -19.28 1.12
C GLU A 374 -15.36 -20.78 1.27
N LEU A 375 -15.47 -21.29 2.49
CA LEU A 375 -15.35 -22.73 2.72
C LEU A 375 -16.60 -23.46 2.24
N SER A 376 -16.46 -24.77 2.09
CA SER A 376 -17.58 -25.59 1.68
C SER A 376 -18.49 -25.84 2.88
N GLU A 377 -19.60 -26.54 2.63
CA GLU A 377 -20.54 -26.84 3.71
C GLU A 377 -19.99 -27.79 4.78
N PRO A 378 -19.35 -28.94 4.46
CA PRO A 378 -18.87 -29.79 5.55
C PRO A 378 -17.72 -29.18 6.33
N LEU A 379 -16.93 -28.31 5.72
CA LEU A 379 -15.88 -27.67 6.49
C LEU A 379 -16.43 -26.60 7.43
N ARG A 380 -17.47 -25.88 7.01
CA ARG A 380 -18.18 -25.01 7.94
C ARG A 380 -18.76 -25.79 9.10
N GLU A 381 -19.39 -26.93 8.81
CA GLU A 381 -19.98 -27.74 9.87
C GLU A 381 -18.91 -28.28 10.81
N GLU A 382 -17.76 -28.65 10.29
CA GLU A 382 -16.71 -29.21 11.12
C GLU A 382 -16.03 -28.15 11.98
N ILE A 383 -15.75 -26.97 11.41
CA ILE A 383 -15.14 -25.90 12.19
C ILE A 383 -16.09 -25.40 13.26
N ILE A 384 -17.38 -25.26 12.94
CA ILE A 384 -18.30 -24.76 13.93
C ILE A 384 -18.60 -25.79 15.00
N ASN A 385 -18.58 -27.09 14.66
CA ASN A 385 -18.66 -28.10 15.71
C ASN A 385 -17.40 -28.13 16.56
N PHE A 386 -16.25 -27.75 16.01
CA PHE A 386 -15.06 -27.70 16.85
C PHE A 386 -15.10 -26.50 17.79
N ASN A 387 -15.44 -25.32 17.27
CA ASN A 387 -15.37 -24.09 18.07
C ASN A 387 -16.43 -24.00 19.14
N CYS A 388 -17.41 -24.89 19.15
CA CYS A 388 -18.47 -24.83 20.15
C CYS A 388 -18.57 -26.12 20.94
N ARG A 389 -17.49 -26.91 21.00
CA ARG A 389 -17.56 -28.19 21.70
C ARG A 389 -17.61 -28.00 23.21
N LYS A 390 -17.10 -26.88 23.72
CA LYS A 390 -17.25 -26.60 25.15
C LYS A 390 -18.70 -26.28 25.48
N LEU A 391 -19.38 -25.58 24.59
CA LEU A 391 -20.79 -25.31 24.78
C LEU A 391 -21.62 -26.60 24.72
N VAL A 392 -21.35 -27.43 23.71
CA VAL A 392 -22.12 -28.65 23.51
C VAL A 392 -21.88 -29.63 24.66
N ALA A 393 -20.63 -29.71 25.13
CA ALA A 393 -20.34 -30.54 26.28
C ALA A 393 -20.96 -29.97 27.55
N SER A 394 -21.04 -28.64 27.66
CA SER A 394 -21.55 -28.04 28.87
C SER A 394 -23.06 -28.04 28.93
N MET A 395 -23.73 -27.84 27.80
CA MET A 395 -25.18 -27.77 27.82
C MET A 395 -25.78 -29.17 27.97
N PRO A 396 -26.80 -29.32 28.81
CA PRO A 396 -27.47 -30.62 28.91
C PRO A 396 -28.31 -30.94 27.68
N LEU A 397 -28.74 -29.92 26.94
CA LEU A 397 -29.57 -30.14 25.78
C LEU A 397 -28.77 -30.73 24.62
N PHE A 398 -27.66 -30.09 24.28
CA PHE A 398 -26.92 -30.49 23.08
C PHE A 398 -26.22 -31.83 23.25
N ALA A 399 -25.88 -32.18 24.48
CA ALA A 399 -25.20 -33.46 24.72
C ALA A 399 -26.15 -34.64 24.65
N ASN A 400 -27.46 -34.40 24.60
CA ASN A 400 -28.42 -35.49 24.50
C ASN A 400 -29.35 -35.26 23.32
N ALA A 401 -28.79 -34.94 22.16
CA ALA A 401 -29.60 -34.54 21.02
C ALA A 401 -28.99 -35.10 19.74
N ASP A 402 -29.72 -34.91 18.65
CA ASP A 402 -29.27 -35.33 17.33
C ASP A 402 -28.08 -34.48 16.90
N PRO A 403 -26.97 -35.08 16.47
CA PRO A 403 -25.84 -34.26 16.00
C PRO A 403 -26.14 -33.46 14.75
N ASN A 404 -27.09 -33.90 13.92
CA ASN A 404 -27.56 -33.05 12.84
C ASN A 404 -28.27 -31.82 13.38
N PHE A 405 -29.06 -32.00 14.44
CA PHE A 405 -29.73 -30.87 15.08
C PHE A 405 -28.72 -29.94 15.73
N VAL A 406 -27.69 -30.50 16.38
CA VAL A 406 -26.65 -29.70 17.01
C VAL A 406 -25.91 -28.87 15.97
N THR A 407 -25.59 -29.47 14.84
CA THR A 407 -24.86 -28.75 13.81
C THR A 407 -25.73 -27.69 13.14
N SER A 408 -27.01 -28.02 12.90
CA SER A 408 -27.91 -27.04 12.30
C SER A 408 -28.22 -25.89 13.25
N MET A 409 -28.14 -26.14 14.55
CA MET A 409 -28.28 -25.04 15.49
C MET A 409 -27.01 -24.19 15.56
N LEU A 410 -25.86 -24.84 15.59
CA LEU A 410 -24.60 -24.12 15.75
C LEU A 410 -24.21 -23.33 14.52
N THR A 411 -24.70 -23.68 13.34
CA THR A 411 -24.44 -22.82 12.19
C THR A 411 -25.20 -21.50 12.25
N LYS A 412 -26.20 -21.38 13.10
CA LYS A 412 -27.01 -20.18 13.19
C LYS A 412 -26.61 -19.25 14.32
N LEU A 413 -25.70 -19.65 15.20
CA LEU A 413 -25.41 -18.83 16.36
C LEU A 413 -24.46 -17.69 16.00
N ARG A 414 -24.47 -16.66 16.84
CA ARG A 414 -23.60 -15.50 16.65
C ARG A 414 -22.89 -15.18 17.95
N PHE A 415 -21.57 -15.08 17.91
CA PHE A 415 -20.78 -14.84 19.11
C PHE A 415 -20.91 -13.38 19.54
N GLU A 416 -21.13 -13.16 20.83
CA GLU A 416 -21.25 -11.82 21.37
C GLU A 416 -20.54 -11.75 22.72
N VAL A 417 -20.07 -10.55 23.06
CA VAL A 417 -19.34 -10.31 24.30
C VAL A 417 -19.98 -9.13 25.00
N PHE A 418 -20.32 -9.30 26.28
CA PHE A 418 -20.92 -8.27 27.08
C PHE A 418 -20.03 -7.97 28.28
N GLN A 419 -19.77 -6.69 28.49
CA GLN A 419 -19.03 -6.27 29.67
C GLN A 419 -19.92 -6.36 30.90
N PRO A 420 -19.35 -6.49 32.10
CA PRO A 420 -20.18 -6.55 33.30
C PRO A 420 -20.92 -5.26 33.57
N GLY A 421 -22.11 -5.39 34.12
CA GLY A 421 -22.99 -4.28 34.33
C GLY A 421 -23.96 -4.01 33.20
N ASP A 422 -23.70 -4.55 32.02
CA ASP A 422 -24.54 -4.28 30.86
C ASP A 422 -25.87 -5.00 30.98
N TYR A 423 -26.93 -4.33 30.55
CA TYR A 423 -28.25 -4.96 30.49
C TYR A 423 -28.38 -5.66 29.16
N ILE A 424 -28.33 -6.99 29.19
CA ILE A 424 -28.51 -7.79 27.97
C ILE A 424 -29.94 -7.67 27.48
N ILE A 425 -30.87 -8.01 28.34
CA ILE A 425 -32.29 -8.00 28.04
C ILE A 425 -32.95 -7.04 29.02
N ARG A 426 -33.74 -6.11 28.51
CA ARG A 426 -34.47 -5.20 29.38
C ARG A 426 -35.89 -5.72 29.57
N GLU A 427 -36.38 -5.61 30.79
CA GLU A 427 -37.65 -6.23 31.18
C GLU A 427 -38.82 -5.50 30.54
N GLY A 428 -39.58 -6.21 29.72
CA GLY A 428 -40.77 -5.64 29.13
C GLY A 428 -40.56 -4.99 27.78
N THR A 429 -39.69 -5.55 26.94
CA THR A 429 -39.55 -5.13 25.56
C THR A 429 -39.89 -6.31 24.65
N ILE A 430 -40.01 -6.04 23.36
CA ILE A 430 -40.30 -7.10 22.40
C ILE A 430 -38.99 -7.77 22.03
N GLY A 431 -38.86 -9.06 22.36
CA GLY A 431 -37.60 -9.77 22.22
C GLY A 431 -37.42 -10.33 20.82
N LYS A 432 -36.19 -10.25 20.33
CA LYS A 432 -35.87 -10.75 19.01
C LYS A 432 -34.68 -11.69 18.98
N LYS A 433 -34.06 -11.97 20.13
CA LYS A 433 -32.91 -12.86 20.18
C LYS A 433 -33.02 -13.78 21.37
N MET A 434 -32.22 -14.84 21.33
CA MET A 434 -32.15 -15.88 22.35
C MET A 434 -30.69 -16.14 22.65
N TYR A 435 -30.33 -16.18 23.93
CA TYR A 435 -28.94 -16.21 24.33
C TYR A 435 -28.56 -17.54 24.97
N PHE A 436 -27.50 -18.15 24.48
CA PHE A 436 -26.81 -19.24 25.13
C PHE A 436 -25.58 -18.67 25.81
N ILE A 437 -25.19 -19.25 26.94
CA ILE A 437 -24.03 -18.76 27.69
C ILE A 437 -22.87 -19.69 27.44
N GLN A 438 -21.82 -19.18 26.79
CA GLN A 438 -20.59 -19.95 26.70
C GLN A 438 -19.73 -19.75 27.94
N HIS A 439 -19.59 -18.52 28.38
CA HIS A 439 -18.70 -18.24 29.50
C HIS A 439 -19.23 -17.04 30.27
N GLY A 440 -19.10 -17.10 31.59
CA GLY A 440 -19.55 -16.02 32.45
C GLY A 440 -20.86 -16.36 33.13
N VAL A 441 -21.26 -15.47 34.03
CA VAL A 441 -22.52 -15.62 34.76
C VAL A 441 -23.35 -14.36 34.58
N VAL A 442 -24.67 -14.51 34.58
CA VAL A 442 -25.58 -13.40 34.46
C VAL A 442 -26.56 -13.41 35.62
N SER A 443 -27.18 -12.27 35.87
CA SER A 443 -28.17 -12.11 36.91
C SER A 443 -29.51 -11.84 36.26
N VAL A 444 -30.46 -12.74 36.46
CA VAL A 444 -31.83 -12.49 36.06
C VAL A 444 -32.51 -11.69 37.15
N LEU A 445 -32.89 -10.46 36.82
CA LEU A 445 -33.59 -9.55 37.71
C LEU A 445 -35.05 -9.54 37.30
N THR A 446 -35.94 -9.78 38.26
CA THR A 446 -37.37 -9.73 38.04
C THR A 446 -37.97 -8.77 39.05
N LYS A 447 -38.92 -7.95 38.61
CA LYS A 447 -39.56 -6.97 39.49
C LYS A 447 -40.37 -7.65 40.58
N GLY A 448 -39.92 -7.47 41.82
CA GLY A 448 -40.57 -8.06 42.97
C GLY A 448 -40.11 -9.44 43.34
N ASN A 449 -39.09 -9.97 42.67
CA ASN A 449 -38.58 -11.30 42.96
C ASN A 449 -37.07 -11.22 43.16
N LYS A 450 -36.50 -12.34 43.60
CA LYS A 450 -35.07 -12.40 43.87
C LYS A 450 -34.32 -12.66 42.58
N GLU A 451 -33.13 -12.08 42.47
CA GLU A 451 -32.29 -12.30 41.30
C GLU A 451 -31.77 -13.73 41.30
N THR A 452 -31.58 -14.30 40.11
CA THR A 452 -31.05 -15.64 39.99
C THR A 452 -29.83 -15.64 39.09
N LYS A 453 -28.77 -16.29 39.54
CA LYS A 453 -27.57 -16.38 38.73
C LYS A 453 -27.70 -17.52 37.72
N LEU A 454 -27.22 -17.27 36.52
CA LEU A 454 -27.12 -18.31 35.50
C LEU A 454 -25.67 -18.42 35.05
N ALA A 455 -25.25 -19.64 34.78
CA ALA A 455 -23.86 -19.93 34.48
C ALA A 455 -23.74 -20.65 33.15
N ASP A 456 -22.57 -21.23 32.91
CA ASP A 456 -22.26 -21.84 31.62
C ASP A 456 -23.15 -23.04 31.34
N GLY A 457 -23.61 -23.15 30.11
CA GLY A 457 -24.52 -24.22 29.76
C GLY A 457 -25.97 -23.79 29.85
N SER A 458 -26.26 -22.89 30.78
CA SER A 458 -27.61 -22.38 30.89
C SER A 458 -27.88 -21.37 29.78
N TYR A 459 -29.11 -21.34 29.31
CA TYR A 459 -29.52 -20.37 28.32
C TYR A 459 -30.69 -19.58 28.86
N PHE A 460 -30.97 -18.45 28.22
CA PHE A 460 -32.05 -17.59 28.68
C PHE A 460 -32.62 -16.83 27.51
N GLY A 461 -33.78 -16.24 27.72
CA GLY A 461 -34.42 -15.48 26.67
C GLY A 461 -35.03 -16.39 25.62
N GLU A 462 -35.90 -17.30 26.04
CA GLU A 462 -36.51 -18.24 25.11
C GLU A 462 -38.02 -18.25 25.18
N ILE A 463 -38.63 -17.61 26.18
CA ILE A 463 -40.08 -17.58 26.28
C ILE A 463 -40.67 -16.70 25.20
N CYS A 464 -39.96 -15.62 24.85
CA CYS A 464 -40.46 -14.72 23.82
C CYS A 464 -40.30 -15.30 22.43
N LEU A 465 -39.40 -16.26 22.26
CA LEU A 465 -39.29 -16.88 20.96
C LEU A 465 -40.30 -18.00 20.80
N LEU A 466 -40.89 -18.45 21.91
CA LEU A 466 -41.93 -19.46 21.82
C LEU A 466 -43.32 -18.83 21.81
N THR A 467 -43.49 -17.68 22.44
CA THR A 467 -44.82 -17.11 22.64
C THR A 467 -45.03 -15.78 21.91
N ARG A 468 -43.97 -15.16 21.39
CA ARG A 468 -44.01 -13.86 20.71
C ARG A 468 -44.55 -12.75 21.60
N GLY A 469 -44.37 -12.87 22.91
CA GLY A 469 -44.86 -11.86 23.82
C GLY A 469 -43.83 -10.78 24.08
N ARG A 470 -43.68 -10.38 25.33
CA ARG A 470 -42.69 -9.41 25.72
C ARG A 470 -41.81 -10.03 26.79
N ARG A 471 -40.66 -9.39 27.04
CA ARG A 471 -39.69 -9.94 27.96
C ARG A 471 -40.20 -9.93 29.39
N THR A 472 -40.10 -11.07 30.07
CA THR A 472 -40.64 -11.19 31.41
C THR A 472 -39.67 -10.78 32.50
N ALA A 473 -38.37 -10.78 32.22
CA ALA A 473 -37.40 -10.46 33.25
C ALA A 473 -36.15 -9.86 32.62
N SER A 474 -35.62 -8.82 33.26
CA SER A 474 -34.38 -8.23 32.80
C SER A 474 -33.21 -9.15 33.10
N VAL A 475 -32.16 -9.07 32.29
CA VAL A 475 -30.95 -9.84 32.51
C VAL A 475 -29.76 -8.90 32.46
N ARG A 476 -28.93 -8.93 33.50
CA ARG A 476 -27.76 -8.07 33.59
C ARG A 476 -26.52 -8.94 33.65
N ALA A 477 -25.43 -8.47 33.04
CA ALA A 477 -24.20 -9.22 33.09
C ALA A 477 -23.54 -9.08 34.45
N ASP A 478 -22.66 -10.02 34.77
CA ASP A 478 -21.91 -9.98 36.01
C ASP A 478 -20.41 -10.01 35.80
N THR A 479 -19.94 -10.79 34.85
CA THR A 479 -18.54 -10.82 34.44
C THR A 479 -18.47 -10.48 32.96
N TYR A 480 -17.30 -10.63 32.37
CA TYR A 480 -17.19 -10.49 30.93
C TYR A 480 -17.85 -11.69 30.27
N CYS A 481 -19.13 -11.57 29.96
CA CYS A 481 -19.90 -12.68 29.45
C CYS A 481 -19.60 -12.90 27.97
N ARG A 482 -19.35 -14.15 27.60
CA ARG A 482 -19.24 -14.56 26.21
C ARG A 482 -20.47 -15.40 25.91
N LEU A 483 -21.35 -14.88 25.08
CA LEU A 483 -22.63 -15.50 24.81
C LEU A 483 -22.74 -15.86 23.34
N TYR A 484 -23.72 -16.68 23.03
CA TYR A 484 -24.14 -16.97 21.67
C TYR A 484 -25.58 -16.52 21.51
N SER A 485 -25.82 -15.63 20.58
CA SER A 485 -27.15 -15.15 20.29
C SER A 485 -27.75 -15.95 19.15
N LEU A 486 -29.07 -16.07 19.18
CA LEU A 486 -29.83 -16.79 18.17
C LEU A 486 -31.06 -15.98 17.84
N SER A 487 -31.26 -15.68 16.55
CA SER A 487 -32.38 -14.84 16.17
C SER A 487 -33.68 -15.63 16.21
N VAL A 488 -34.79 -14.91 16.05
CA VAL A 488 -36.10 -15.55 16.03
C VAL A 488 -36.27 -16.38 14.78
N ASP A 489 -35.86 -15.84 13.63
CA ASP A 489 -36.10 -16.49 12.35
C ASP A 489 -35.32 -17.78 12.22
N ASN A 490 -34.07 -17.78 12.66
CA ASN A 490 -33.28 -19.00 12.63
C ASN A 490 -33.79 -20.02 13.63
N PHE A 491 -34.33 -19.57 14.76
CA PHE A 491 -34.88 -20.48 15.75
C PHE A 491 -36.13 -21.17 15.23
N ASN A 492 -37.01 -20.42 14.57
CA ASN A 492 -38.18 -21.02 13.97
C ASN A 492 -37.82 -21.89 12.78
N GLU A 493 -36.75 -21.55 12.05
CA GLU A 493 -36.30 -22.36 10.94
C GLU A 493 -35.77 -23.71 11.42
N VAL A 494 -34.95 -23.71 12.46
CA VAL A 494 -34.38 -24.94 12.98
C VAL A 494 -35.45 -25.78 13.66
N LEU A 495 -36.44 -25.15 14.30
CA LEU A 495 -37.54 -25.96 14.81
C LEU A 495 -38.50 -26.43 13.73
N GLU A 496 -38.57 -25.75 12.58
CA GLU A 496 -39.33 -26.28 11.47
C GLU A 496 -38.61 -27.46 10.84
N GLU A 497 -37.29 -27.48 10.92
CA GLU A 497 -36.54 -28.69 10.59
C GLU A 497 -36.90 -29.82 11.55
N TYR A 498 -36.68 -29.58 12.84
CA TYR A 498 -36.82 -30.60 13.88
C TYR A 498 -37.88 -30.16 14.88
N PRO A 499 -39.14 -30.50 14.67
CA PRO A 499 -40.19 -30.11 15.62
C PRO A 499 -40.18 -30.91 16.92
N MET A 500 -39.36 -31.95 17.02
CA MET A 500 -39.33 -32.74 18.24
C MET A 500 -38.45 -32.13 19.32
N MET A 501 -37.52 -31.26 18.95
CA MET A 501 -36.72 -30.57 19.95
C MET A 501 -37.36 -29.29 20.46
N ARG A 502 -38.54 -28.93 19.94
CA ARG A 502 -39.25 -27.79 20.48
C ARG A 502 -39.74 -28.04 21.90
N ARG A 503 -40.05 -29.30 22.21
CA ARG A 503 -40.65 -29.63 23.50
C ARG A 503 -39.66 -29.48 24.63
N ALA A 504 -38.36 -29.56 24.34
CA ALA A 504 -37.35 -29.28 25.36
C ALA A 504 -37.41 -27.82 25.81
N PHE A 505 -37.46 -26.90 24.83
CA PHE A 505 -37.57 -25.49 25.17
C PHE A 505 -38.92 -25.17 25.78
N GLU A 506 -39.97 -25.87 25.37
CA GLU A 506 -41.28 -25.65 25.98
C GLU A 506 -41.31 -26.13 27.43
N THR A 507 -40.61 -27.22 27.73
CA THR A 507 -40.51 -27.71 29.10
C THR A 507 -39.74 -26.74 29.97
N VAL A 508 -38.60 -26.24 29.46
CA VAL A 508 -37.78 -25.31 30.23
C VAL A 508 -38.50 -23.97 30.42
N ALA A 509 -39.22 -23.50 29.40
CA ALA A 509 -39.95 -22.25 29.51
C ALA A 509 -41.15 -22.38 30.44
N LEU A 510 -41.81 -23.53 30.43
CA LEU A 510 -42.90 -23.74 31.38
C LEU A 510 -42.39 -23.82 32.81
N ASP A 511 -41.20 -24.40 33.00
CA ASP A 511 -40.61 -24.43 34.34
C ASP A 511 -40.20 -23.03 34.80
N ARG A 512 -39.70 -22.20 33.87
CA ARG A 512 -39.29 -20.87 34.26
C ARG A 512 -40.47 -19.92 34.46
N LEU A 513 -41.58 -20.18 33.77
CA LEU A 513 -42.81 -19.48 34.12
C LEU A 513 -43.37 -19.97 35.45
N ASP A 514 -43.17 -21.25 35.76
CA ASP A 514 -43.55 -21.78 37.06
C ASP A 514 -42.74 -21.18 38.20
N ARG A 515 -41.48 -20.82 37.94
CA ARG A 515 -40.68 -20.16 38.96
C ARG A 515 -41.15 -18.73 39.22
N ILE A 516 -41.94 -18.15 38.33
CA ILE A 516 -42.51 -16.84 38.56
C ILE A 516 -44.02 -16.96 38.68
N MET B 16 7.70 -17.65 54.13
CA MET B 16 6.93 -16.89 53.15
C MET B 16 6.77 -17.68 51.87
N GLN B 17 6.61 -19.00 52.00
CA GLN B 17 6.48 -19.87 50.84
C GLN B 17 5.14 -19.69 50.15
N ARG B 18 4.15 -19.14 50.85
CA ARG B 18 2.92 -18.73 50.18
C ARG B 18 3.14 -17.44 49.40
N GLN B 19 3.88 -16.49 49.97
CA GLN B 19 4.09 -15.21 49.30
C GLN B 19 5.07 -15.37 48.14
N PHE B 20 6.09 -16.21 48.31
CA PHE B 20 7.03 -16.50 47.25
C PHE B 20 6.56 -17.61 46.33
N GLY B 21 5.29 -18.01 46.42
CA GLY B 21 4.71 -18.97 45.51
C GLY B 21 3.55 -18.39 44.75
N ALA B 22 3.08 -17.22 45.20
CA ALA B 22 2.01 -16.53 44.50
C ALA B 22 2.53 -15.75 43.30
N MET B 23 3.83 -15.50 43.23
CA MET B 23 4.40 -14.78 42.10
C MET B 23 4.54 -15.65 40.87
N LEU B 24 4.60 -16.97 41.03
CA LEU B 24 4.80 -17.86 39.90
C LEU B 24 3.52 -18.23 39.18
N GLN B 25 2.38 -17.68 39.59
CA GLN B 25 1.10 -18.00 39.01
C GLN B 25 0.44 -16.72 38.51
N PRO B 26 -0.37 -16.81 37.44
CA PRO B 26 -0.90 -15.58 36.85
C PRO B 26 -1.93 -14.87 37.71
N GLY B 27 -1.55 -13.71 38.23
CA GLY B 27 -2.46 -12.95 39.06
C GLY B 27 -3.54 -12.26 38.25
N VAL B 28 -4.55 -11.77 38.97
CA VAL B 28 -5.66 -11.09 38.32
C VAL B 28 -5.22 -9.69 37.91
N ASN B 29 -5.31 -9.41 36.62
CA ASN B 29 -4.97 -8.11 36.07
C ASN B 29 -5.74 -7.93 34.78
N LYS B 30 -5.37 -6.91 33.99
CA LYS B 30 -6.00 -6.75 32.68
C LYS B 30 -5.54 -7.84 31.72
N PHE B 31 -4.33 -8.35 31.89
CA PHE B 31 -3.81 -9.34 30.96
C PHE B 31 -4.43 -10.71 31.19
N SER B 32 -4.60 -11.11 32.46
CA SER B 32 -5.22 -12.40 32.72
C SER B 32 -6.70 -12.38 32.38
N LEU B 33 -7.36 -11.25 32.62
CA LEU B 33 -8.75 -11.11 32.22
C LEU B 33 -8.90 -10.87 30.73
N ARG B 34 -7.80 -10.65 30.02
CA ARG B 34 -7.91 -10.60 28.56
C ARG B 34 -7.64 -11.96 27.94
N MET B 35 -6.66 -12.69 28.48
CA MET B 35 -6.19 -13.90 27.81
C MET B 35 -6.90 -15.16 28.26
N PHE B 36 -7.58 -15.15 29.40
CA PHE B 36 -8.26 -16.34 29.89
C PHE B 36 -9.77 -16.24 29.84
N GLY B 37 -10.32 -15.04 29.69
CA GLY B 37 -11.74 -14.87 29.79
C GLY B 37 -12.09 -14.11 31.06
N SER B 38 -12.68 -14.80 32.03
CA SER B 38 -13.11 -14.16 33.26
C SER B 38 -12.23 -14.65 34.40
N GLN B 39 -12.56 -14.17 35.61
CA GLN B 39 -11.72 -14.44 36.76
C GLN B 39 -11.77 -15.91 37.18
N LYS B 40 -12.86 -16.62 36.84
CA LYS B 40 -12.93 -18.03 37.17
C LYS B 40 -11.96 -18.86 36.35
N ALA B 41 -11.73 -18.48 35.09
CA ALA B 41 -10.71 -19.17 34.30
C ALA B 41 -9.31 -18.87 34.83
N VAL B 42 -9.10 -17.67 35.36
CA VAL B 42 -7.83 -17.32 35.99
C VAL B 42 -7.60 -18.17 37.22
N GLU B 43 -8.67 -18.39 38.01
CA GLU B 43 -8.53 -19.21 39.20
C GLU B 43 -8.29 -20.67 38.85
N ARG B 44 -8.95 -21.17 37.81
CA ARG B 44 -8.68 -22.53 37.37
C ARG B 44 -7.28 -22.67 36.79
N GLU B 45 -6.77 -21.63 36.15
CA GLU B 45 -5.39 -21.64 35.69
C GLU B 45 -4.41 -21.66 36.87
N GLN B 46 -4.70 -20.91 37.92
CA GLN B 46 -3.86 -20.91 39.11
C GLN B 46 -3.89 -22.26 39.80
N GLU B 47 -5.05 -22.92 39.83
CA GLU B 47 -5.13 -24.26 40.39
C GLU B 47 -4.42 -25.28 39.52
N ARG B 48 -4.35 -25.03 38.22
CA ARG B 48 -3.58 -25.93 37.36
C ARG B 48 -2.08 -25.70 37.53
N VAL B 49 -1.69 -24.48 37.89
CA VAL B 49 -0.28 -24.20 38.17
C VAL B 49 0.16 -24.84 39.48
N LYS B 50 -0.65 -24.67 40.53
CA LYS B 50 -0.26 -25.12 41.87
C LYS B 50 -0.16 -26.64 41.96
N SER B 51 -0.88 -27.36 41.11
CA SER B 51 -0.85 -28.82 41.10
C SER B 51 0.15 -29.39 40.11
N ALA B 52 1.01 -28.56 39.52
CA ALA B 52 1.86 -29.05 38.43
C ALA B 52 3.09 -29.79 38.94
N GLY B 53 3.82 -29.21 39.89
CA GLY B 53 5.00 -29.87 40.42
C GLY B 53 5.81 -28.94 41.30
N PHE B 54 7.09 -29.27 41.42
CA PHE B 54 8.02 -28.51 42.24
C PHE B 54 8.33 -27.17 41.58
N TRP B 55 7.59 -26.14 41.98
CA TRP B 55 7.85 -24.74 41.62
C TRP B 55 7.84 -24.50 40.13
N ILE B 56 6.70 -24.69 39.48
CA ILE B 56 6.58 -24.46 38.05
C ILE B 56 6.26 -22.99 37.82
N ILE B 57 6.93 -22.38 36.86
CA ILE B 57 6.76 -20.96 36.55
C ILE B 57 5.75 -20.83 35.42
N HIS B 58 4.69 -20.11 35.67
CA HIS B 58 3.73 -19.86 34.61
C HIS B 58 4.24 -18.70 33.74
N PRO B 59 4.13 -18.80 32.41
CA PRO B 59 4.76 -17.78 31.57
C PRO B 59 4.04 -16.46 31.57
N TYR B 60 2.78 -16.42 31.97
CA TYR B 60 2.03 -15.17 32.02
C TYR B 60 2.03 -14.57 33.41
N SER B 61 2.92 -15.05 34.28
CA SER B 61 2.89 -14.66 35.69
C SER B 61 3.52 -13.30 35.93
N ASP B 62 3.77 -12.97 37.18
CA ASP B 62 4.45 -11.74 37.54
C ASP B 62 5.94 -11.94 37.75
N PHE B 63 6.38 -13.12 38.16
CA PHE B 63 7.81 -13.34 38.32
C PHE B 63 8.49 -13.48 36.97
N ARG B 64 7.86 -14.19 36.04
CA ARG B 64 8.48 -14.42 34.75
C ARG B 64 8.59 -13.12 33.96
N PHE B 65 7.62 -12.23 34.11
CA PHE B 65 7.63 -10.96 33.41
C PHE B 65 8.78 -10.07 33.86
N TYR B 66 8.88 -9.82 35.16
CA TYR B 66 9.94 -8.94 35.63
C TYR B 66 11.30 -9.62 35.63
N TRP B 67 11.33 -10.95 35.69
CA TRP B 67 12.59 -11.65 35.48
C TRP B 67 13.07 -11.50 34.05
N ASP B 68 12.15 -11.59 33.07
CA ASP B 68 12.53 -11.34 31.68
C ASP B 68 12.97 -9.89 31.50
N LEU B 69 12.35 -8.96 32.22
CA LEU B 69 12.75 -7.56 32.08
C LEU B 69 14.16 -7.31 32.61
N THR B 70 14.48 -7.88 33.78
CA THR B 70 15.85 -7.75 34.28
C THR B 70 16.85 -8.48 33.40
N MET B 71 16.46 -9.60 32.80
CA MET B 71 17.37 -10.23 31.86
C MET B 71 17.52 -9.42 30.58
N LEU B 72 16.49 -8.67 30.16
CA LEU B 72 16.64 -7.81 29.00
C LEU B 72 17.63 -6.70 29.26
N LEU B 73 17.54 -6.07 30.44
CA LEU B 73 18.49 -5.02 30.78
C LEU B 73 19.90 -5.59 30.89
N LEU B 74 20.04 -6.78 31.44
CA LEU B 74 21.36 -7.36 31.58
C LEU B 74 21.94 -7.80 30.24
N MET B 75 21.09 -8.25 29.31
CA MET B 75 21.60 -8.66 28.01
C MET B 75 21.98 -7.47 27.15
N VAL B 76 21.23 -6.37 27.24
CA VAL B 76 21.63 -5.18 26.51
C VAL B 76 22.96 -4.66 27.05
N GLY B 77 23.13 -4.69 28.38
CA GLY B 77 24.41 -4.32 28.96
C GLY B 77 25.55 -5.24 28.54
N ASN B 78 25.29 -6.54 28.47
CA ASN B 78 26.35 -7.47 28.09
C ASN B 78 26.70 -7.37 26.62
N LEU B 79 25.71 -7.29 25.74
CA LEU B 79 26.00 -7.23 24.32
C LEU B 79 26.55 -5.88 23.91
N ILE B 80 26.41 -4.85 24.74
CA ILE B 80 27.16 -3.63 24.46
C ILE B 80 28.58 -3.72 25.00
N ILE B 81 28.75 -4.20 26.23
CA ILE B 81 30.05 -4.07 26.90
C ILE B 81 31.03 -5.12 26.40
N ILE B 82 30.63 -6.39 26.35
CA ILE B 82 31.50 -7.54 26.10
C ILE B 82 32.36 -7.46 24.84
N PRO B 83 31.87 -7.04 23.65
CA PRO B 83 32.81 -6.93 22.51
C PRO B 83 33.83 -5.83 22.69
N VAL B 84 33.49 -4.72 23.33
CA VAL B 84 34.47 -3.67 23.55
C VAL B 84 35.51 -4.12 24.54
N GLY B 85 35.10 -4.89 25.55
CA GLY B 85 36.06 -5.40 26.51
C GLY B 85 36.96 -6.46 25.94
N ILE B 86 36.47 -7.23 24.97
CA ILE B 86 37.32 -8.25 24.38
C ILE B 86 38.29 -7.65 23.38
N THR B 87 37.81 -6.78 22.50
CA THR B 87 38.64 -6.35 21.38
C THR B 87 39.65 -5.29 21.78
N PHE B 88 39.20 -4.22 22.42
CA PHE B 88 40.06 -3.05 22.53
C PHE B 88 41.04 -3.14 23.69
N PHE B 89 40.75 -3.91 24.73
CA PHE B 89 41.63 -3.98 25.87
C PHE B 89 42.58 -5.17 25.73
N LYS B 90 43.83 -4.95 26.15
CA LYS B 90 44.88 -5.91 25.84
C LYS B 90 44.85 -7.14 26.73
N ASP B 91 45.12 -6.95 28.02
CA ASP B 91 45.04 -8.05 28.97
C ASP B 91 43.75 -7.90 29.76
N GLU B 92 42.65 -8.23 29.10
CA GLU B 92 41.33 -8.03 29.69
C GLU B 92 41.00 -9.12 30.70
N ASN B 93 41.82 -9.24 31.75
CA ASN B 93 41.61 -10.22 32.81
C ASN B 93 41.88 -9.60 34.17
N THR B 94 41.58 -8.32 34.34
CA THR B 94 41.63 -7.73 35.66
C THR B 94 40.42 -8.17 36.48
N THR B 95 40.46 -7.87 37.77
CA THR B 95 39.40 -8.28 38.68
C THR B 95 38.01 -7.71 38.38
N PRO B 96 37.81 -6.41 38.03
CA PRO B 96 36.43 -5.99 37.70
C PRO B 96 35.83 -6.67 36.49
N TRP B 97 36.65 -6.98 35.50
CA TRP B 97 36.15 -7.65 34.30
C TRP B 97 35.73 -9.08 34.60
N ILE B 98 36.54 -9.80 35.39
CA ILE B 98 36.20 -11.18 35.71
C ILE B 98 35.03 -11.24 36.66
N VAL B 99 34.91 -10.29 37.58
CA VAL B 99 33.75 -10.20 38.44
C VAL B 99 32.48 -9.93 37.62
N PHE B 100 32.59 -9.06 36.62
CA PHE B 100 31.43 -8.76 35.78
C PHE B 100 31.02 -9.97 34.96
N ASN B 101 31.97 -10.66 34.36
CA ASN B 101 31.64 -11.85 33.58
C ASN B 101 31.07 -12.95 34.45
N VAL B 102 31.60 -13.14 35.66
CA VAL B 102 31.13 -14.25 36.48
C VAL B 102 29.75 -13.95 37.07
N VAL B 103 29.48 -12.69 37.46
CA VAL B 103 28.14 -12.33 37.93
C VAL B 103 27.11 -12.44 36.81
N SER B 104 27.47 -12.01 35.60
CA SER B 104 26.55 -12.15 34.47
C SER B 104 26.30 -13.61 34.16
N ASP B 105 27.34 -14.44 34.09
CA ASP B 105 27.15 -15.85 33.79
C ASP B 105 26.42 -16.58 34.92
N THR B 106 26.49 -16.07 36.14
CA THR B 106 25.66 -16.59 37.21
C THR B 106 24.19 -16.33 36.93
N PHE B 107 23.85 -15.10 36.55
CA PHE B 107 22.47 -14.79 36.17
C PHE B 107 22.00 -15.60 34.97
N PHE B 108 22.89 -15.82 34.00
CA PHE B 108 22.44 -16.55 32.81
C PHE B 108 22.32 -18.05 33.09
N LEU B 109 23.11 -18.59 34.01
CA LEU B 109 22.85 -19.98 34.41
C LEU B 109 21.58 -20.10 35.22
N ILE B 110 21.25 -19.09 36.02
CA ILE B 110 19.97 -19.08 36.73
C ILE B 110 18.82 -19.06 35.76
N ASP B 111 18.93 -18.25 34.70
CA ASP B 111 17.86 -18.23 33.71
C ASP B 111 17.82 -19.50 32.88
N LEU B 112 18.98 -20.13 32.67
CA LEU B 112 19.02 -21.42 31.98
C LEU B 112 18.31 -22.50 32.80
N VAL B 113 18.50 -22.49 34.11
CA VAL B 113 17.82 -23.46 34.97
C VAL B 113 16.33 -23.17 35.02
N LEU B 114 15.95 -21.90 35.16
CA LEU B 114 14.53 -21.54 35.22
C LEU B 114 13.80 -21.78 33.91
N ASN B 115 14.51 -21.89 32.80
CA ASN B 115 13.82 -22.27 31.58
C ASN B 115 13.38 -23.73 31.54
N PHE B 116 13.86 -24.57 32.46
CA PHE B 116 13.33 -25.91 32.61
C PHE B 116 12.14 -25.97 33.56
N ARG B 117 11.63 -24.82 33.99
CA ARG B 117 10.47 -24.79 34.86
C ARG B 117 9.41 -23.82 34.36
N THR B 118 9.54 -23.31 33.14
CA THR B 118 8.65 -22.30 32.61
C THR B 118 7.61 -22.96 31.73
N GLY B 119 6.34 -22.58 31.92
CA GLY B 119 5.30 -23.05 31.02
C GLY B 119 5.51 -22.50 29.62
N ILE B 120 5.13 -23.29 28.63
CA ILE B 120 5.43 -22.99 27.24
C ILE B 120 4.12 -22.75 26.51
N VAL B 121 3.97 -21.56 25.94
CA VAL B 121 2.79 -21.25 25.14
C VAL B 121 3.02 -21.80 23.73
N VAL B 122 2.21 -22.78 23.34
CA VAL B 122 2.35 -23.45 22.05
C VAL B 122 1.16 -23.06 21.18
N GLU B 123 1.43 -22.72 19.92
CA GLU B 123 0.39 -22.32 18.98
C GLU B 123 -0.17 -23.55 18.25
N ASP B 124 -0.55 -24.53 19.05
CA ASP B 124 -1.36 -25.64 18.58
C ASP B 124 -2.38 -26.08 19.61
N ASN B 125 -2.47 -25.41 20.76
CA ASN B 125 -3.38 -25.75 21.84
C ASN B 125 -3.78 -24.49 22.56
N THR B 126 -5.01 -24.45 23.06
CA THR B 126 -5.42 -23.30 23.87
C THR B 126 -4.83 -23.33 25.27
N GLU B 127 -4.36 -24.50 25.72
CA GLU B 127 -3.78 -24.60 27.04
C GLU B 127 -2.29 -24.28 26.98
N ILE B 128 -1.70 -24.15 28.17
CA ILE B 128 -0.27 -23.90 28.34
C ILE B 128 0.34 -25.15 28.94
N ILE B 129 1.41 -25.64 28.34
CA ILE B 129 2.06 -26.86 28.79
C ILE B 129 2.73 -26.60 30.13
N LEU B 130 2.33 -27.35 31.14
CA LEU B 130 2.95 -27.25 32.46
C LEU B 130 3.54 -28.56 32.94
N ASP B 131 3.46 -29.61 32.15
CA ASP B 131 4.13 -30.87 32.45
C ASP B 131 5.63 -30.68 32.30
N PRO B 132 6.42 -30.89 33.36
CA PRO B 132 7.87 -30.63 33.25
C PRO B 132 8.60 -31.57 32.32
N GLN B 133 8.04 -32.74 32.01
CA GLN B 133 8.68 -33.62 31.04
C GLN B 133 8.56 -33.06 29.63
N ARG B 134 7.38 -32.56 29.27
CA ARG B 134 7.22 -31.94 27.95
C ARG B 134 7.98 -30.63 27.85
N ILE B 135 8.04 -29.87 28.95
CA ILE B 135 8.84 -28.65 28.99
C ILE B 135 10.31 -28.97 28.79
N LYS B 136 10.80 -30.01 29.47
CA LYS B 136 12.19 -30.43 29.32
C LYS B 136 12.49 -30.91 27.91
N MET B 137 11.61 -31.71 27.33
CA MET B 137 11.87 -32.25 25.99
C MET B 137 11.77 -31.17 24.92
N LYS B 138 10.82 -30.23 25.07
CA LYS B 138 10.69 -29.19 24.06
C LYS B 138 11.81 -28.17 24.18
N TYR B 139 12.28 -27.89 25.40
CA TYR B 139 13.37 -26.95 25.56
C TYR B 139 14.69 -27.56 25.13
N LEU B 140 14.90 -28.85 25.36
CA LEU B 140 16.08 -29.52 24.81
C LEU B 140 15.97 -29.66 23.31
N LYS B 141 14.74 -29.65 22.78
CA LYS B 141 14.55 -29.85 21.35
C LYS B 141 15.04 -28.68 20.51
N SER B 142 14.70 -27.44 20.86
CA SER B 142 15.03 -26.35 19.97
C SER B 142 16.03 -25.38 20.58
N TRP B 143 15.69 -24.69 21.66
CA TRP B 143 16.58 -23.67 22.20
C TRP B 143 17.27 -24.16 23.46
N PHE B 144 18.23 -25.05 23.32
CA PHE B 144 19.07 -25.38 24.47
C PHE B 144 20.54 -25.18 24.22
N MET B 145 21.04 -25.68 23.08
CA MET B 145 22.48 -25.74 22.85
C MET B 145 23.08 -24.35 22.75
N VAL B 146 22.36 -23.42 22.12
CA VAL B 146 22.83 -22.06 22.03
C VAL B 146 22.77 -21.37 23.38
N ASP B 147 21.77 -21.69 24.22
CA ASP B 147 21.72 -21.08 25.54
C ASP B 147 22.73 -21.71 26.49
N PHE B 148 23.05 -22.98 26.29
CA PHE B 148 24.05 -23.61 27.14
C PHE B 148 25.46 -23.14 26.76
N ILE B 149 25.70 -22.89 25.48
CA ILE B 149 26.97 -22.29 25.08
C ILE B 149 27.07 -20.86 25.60
N SER B 150 26.00 -20.08 25.45
CA SER B 150 26.07 -18.67 25.81
C SER B 150 26.07 -18.44 27.32
N SER B 151 25.59 -19.40 28.10
CA SER B 151 25.52 -19.14 29.53
C SER B 151 26.84 -19.44 30.22
N ILE B 152 27.45 -20.59 29.96
CA ILE B 152 28.63 -20.98 30.71
C ILE B 152 29.83 -20.19 30.22
N PRO B 153 30.77 -19.84 31.08
CA PRO B 153 32.00 -19.22 30.60
C PRO B 153 32.91 -20.23 29.95
N VAL B 154 32.95 -20.25 28.61
CA VAL B 154 33.75 -21.23 27.91
C VAL B 154 35.23 -20.87 28.01
N ASP B 155 35.54 -19.58 28.00
CA ASP B 155 36.93 -19.14 28.01
C ASP B 155 37.63 -19.43 29.33
N TYR B 156 36.94 -19.24 30.46
CA TYR B 156 37.59 -19.49 31.74
C TYR B 156 37.75 -20.98 32.01
N ILE B 157 36.79 -21.78 31.56
CA ILE B 157 36.93 -23.22 31.58
C ILE B 157 38.12 -23.64 30.73
N PHE B 158 38.29 -23.00 29.56
CA PHE B 158 39.42 -23.35 28.70
C PHE B 158 40.74 -22.94 29.31
N LEU B 159 40.77 -21.81 30.02
CA LEU B 159 42.00 -21.39 30.68
C LEU B 159 42.36 -22.33 31.83
N ILE B 160 41.36 -22.79 32.58
CA ILE B 160 41.64 -23.73 33.67
C ILE B 160 42.11 -25.08 33.12
N VAL B 161 41.49 -25.54 32.02
CA VAL B 161 41.88 -26.81 31.41
C VAL B 161 43.28 -26.72 30.82
N GLU B 162 43.60 -25.60 30.17
CA GLU B 162 44.93 -25.41 29.62
C GLU B 162 45.97 -25.23 30.73
N THR B 163 45.56 -24.68 31.88
CA THR B 163 46.46 -24.61 33.02
C THR B 163 46.77 -26.00 33.56
N ARG B 164 45.75 -26.85 33.66
CA ARG B 164 45.95 -28.16 34.27
C ARG B 164 46.64 -29.14 33.32
N ILE B 165 46.48 -28.98 32.01
CA ILE B 165 47.19 -29.85 31.07
C ILE B 165 48.68 -29.53 31.07
N ASP B 166 49.03 -28.27 30.91
CA ASP B 166 50.41 -27.84 31.03
C ASP B 166 50.45 -26.64 31.96
N SER B 167 51.08 -26.81 33.12
CA SER B 167 51.25 -25.69 34.04
C SER B 167 52.24 -24.68 33.49
N GLU B 168 53.36 -25.15 32.97
CA GLU B 168 54.38 -24.28 32.39
C GLU B 168 54.18 -24.13 30.89
N VAL B 169 53.01 -23.60 30.53
CA VAL B 169 52.69 -23.36 29.12
C VAL B 169 52.82 -21.87 28.76
N TYR B 170 52.82 -20.97 29.74
CA TYR B 170 52.82 -19.54 29.46
C TYR B 170 54.23 -18.98 29.34
N LYS B 171 55.08 -19.66 28.58
CA LYS B 171 56.42 -19.11 28.30
C LYS B 171 56.84 -19.34 26.85
N THR B 172 55.92 -19.74 25.97
CA THR B 172 56.28 -20.13 24.61
C THR B 172 55.46 -19.28 23.64
N ALA B 173 55.51 -19.65 22.36
CA ALA B 173 54.62 -19.09 21.35
C ALA B 173 53.26 -19.78 21.34
N ARG B 174 53.09 -20.84 22.13
CA ARG B 174 51.77 -21.43 22.27
C ARG B 174 50.86 -20.54 23.11
N ALA B 175 51.44 -19.80 24.06
CA ALA B 175 50.65 -19.00 24.99
C ALA B 175 49.94 -17.86 24.28
N LEU B 176 50.58 -17.26 23.30
CA LEU B 176 49.93 -16.21 22.51
C LEU B 176 48.75 -16.76 21.73
N ARG B 177 48.90 -17.96 21.17
CA ARG B 177 47.80 -18.62 20.48
C ARG B 177 46.67 -18.95 21.44
N ILE B 178 47.00 -19.32 22.68
CA ILE B 178 45.97 -19.61 23.68
C ILE B 178 45.23 -18.34 24.08
N VAL B 179 45.93 -17.20 24.15
CA VAL B 179 45.25 -15.95 24.48
C VAL B 179 44.33 -15.51 23.35
N ARG B 180 44.77 -15.68 22.10
CA ARG B 180 43.90 -15.31 20.97
C ARG B 180 42.71 -16.26 20.87
N PHE B 181 42.92 -17.54 21.16
CA PHE B 181 41.81 -18.47 21.14
C PHE B 181 40.87 -18.22 22.31
N THR B 182 41.38 -17.69 23.42
CA THR B 182 40.53 -17.26 24.51
C THR B 182 39.65 -16.09 24.09
N LYS B 183 40.24 -15.12 23.39
CA LYS B 183 39.45 -13.98 22.93
C LYS B 183 38.46 -14.36 21.84
N ILE B 184 38.68 -15.46 21.13
CA ILE B 184 37.64 -15.91 20.21
C ILE B 184 36.55 -16.67 20.94
N LEU B 185 36.92 -17.53 21.89
CA LEU B 185 35.93 -18.30 22.64
C LEU B 185 35.05 -17.43 23.52
N SER B 186 35.58 -16.30 23.97
CA SER B 186 34.77 -15.40 24.78
C SER B 186 33.70 -14.66 23.99
N LEU B 187 33.71 -14.76 22.66
CA LEU B 187 32.64 -14.20 21.86
C LEU B 187 31.46 -15.14 21.72
N LEU B 188 31.49 -16.30 22.39
CA LEU B 188 30.31 -17.14 22.42
C LEU B 188 29.22 -16.55 23.30
N ARG B 189 29.56 -15.58 24.14
CA ARG B 189 28.56 -14.85 24.89
C ARG B 189 27.71 -13.95 24.02
N LEU B 190 28.08 -13.74 22.77
CA LEU B 190 27.25 -13.01 21.83
C LEU B 190 26.14 -13.87 21.25
N LEU B 191 26.05 -15.14 21.64
CA LEU B 191 24.89 -15.95 21.34
C LEU B 191 23.73 -15.71 22.29
N ARG B 192 23.85 -14.76 23.21
CA ARG B 192 22.74 -14.33 24.02
C ARG B 192 21.78 -13.43 23.26
N LEU B 193 22.10 -13.09 22.02
CA LEU B 193 21.17 -12.37 21.16
C LEU B 193 19.91 -13.18 20.90
N SER B 194 20.01 -14.51 20.91
CA SER B 194 18.83 -15.35 20.75
C SER B 194 17.86 -15.18 21.91
N ARG B 195 18.37 -15.24 23.13
CA ARG B 195 17.53 -14.98 24.30
C ARG B 195 17.05 -13.54 24.33
N LEU B 196 17.86 -12.60 23.83
CA LEU B 196 17.43 -11.21 23.75
C LEU B 196 16.24 -11.03 22.82
N ILE B 197 16.30 -11.65 21.65
CA ILE B 197 15.22 -11.54 20.68
C ILE B 197 13.97 -12.22 21.17
N ARG B 198 14.11 -13.41 21.78
CA ARG B 198 12.93 -14.11 22.26
C ARG B 198 12.29 -13.40 23.43
N TYR B 199 13.09 -12.88 24.34
CA TYR B 199 12.51 -12.21 25.50
C TYR B 199 11.95 -10.85 25.13
N ILE B 200 12.51 -10.18 24.13
CA ILE B 200 11.89 -8.94 23.66
C ILE B 200 10.56 -9.23 22.99
N HIS B 201 10.45 -10.31 22.22
CA HIS B 201 9.17 -10.59 21.58
C HIS B 201 8.11 -11.01 22.60
N GLN B 202 8.49 -11.81 23.59
CA GLN B 202 7.53 -12.18 24.63
C GLN B 202 7.14 -10.98 25.49
N TRP B 203 8.13 -10.15 25.85
CA TRP B 203 7.85 -8.98 26.67
C TRP B 203 6.98 -7.98 25.94
N GLU B 204 7.22 -7.76 24.65
CA GLU B 204 6.39 -6.84 23.89
C GLU B 204 5.01 -7.41 23.64
N GLU B 205 4.86 -8.73 23.61
CA GLU B 205 3.52 -9.28 23.52
C GLU B 205 2.76 -9.11 24.84
N ILE B 206 3.47 -9.20 25.96
CA ILE B 206 2.78 -9.18 27.25
C ILE B 206 2.55 -7.76 27.73
N PHE B 207 3.59 -6.93 27.77
CA PHE B 207 3.52 -5.58 28.30
C PHE B 207 2.57 -4.71 27.49
N HIS B 208 1.61 -4.09 28.17
CA HIS B 208 0.41 -3.60 27.51
C HIS B 208 0.60 -2.28 26.79
N MET B 209 1.55 -1.44 27.22
CA MET B 209 1.74 -0.17 26.52
C MET B 209 2.40 -0.35 25.17
N THR B 210 3.22 -1.39 24.99
CA THR B 210 3.66 -1.73 23.65
C THR B 210 2.65 -2.59 22.91
N TYR B 211 1.71 -3.19 23.63
CA TYR B 211 0.69 -3.97 22.96
C TYR B 211 -0.36 -3.07 22.32
N ASP B 212 -0.69 -1.97 22.96
CA ASP B 212 -1.63 -1.03 22.37
C ASP B 212 -1.00 -0.17 21.28
N LEU B 213 0.33 -0.16 21.15
CA LEU B 213 0.96 0.59 20.08
C LEU B 213 0.68 -0.05 18.73
N ALA B 214 0.86 0.75 17.69
CA ALA B 214 0.79 0.22 16.34
C ALA B 214 1.97 -0.70 16.12
N SER B 215 1.74 -1.78 15.37
CA SER B 215 2.78 -2.78 15.19
C SER B 215 3.94 -2.27 14.36
N ALA B 216 3.71 -1.26 13.52
CA ALA B 216 4.81 -0.67 12.77
C ALA B 216 5.76 0.08 13.68
N VAL B 217 5.25 0.69 14.75
CA VAL B 217 6.10 1.44 15.67
C VAL B 217 6.98 0.50 16.47
N VAL B 218 6.39 -0.57 17.00
CA VAL B 218 7.14 -1.57 17.75
C VAL B 218 8.15 -2.27 16.86
N ARG B 219 7.76 -2.51 15.61
CA ARG B 219 8.64 -3.19 14.68
C ARG B 219 9.82 -2.31 14.28
N ILE B 220 9.58 -1.02 14.09
CA ILE B 220 10.70 -0.14 13.74
C ILE B 220 11.57 0.17 14.96
N VAL B 221 11.03 0.12 16.18
CA VAL B 221 11.90 0.27 17.36
C VAL B 221 12.80 -0.94 17.52
N ASN B 222 12.27 -2.14 17.27
CA ASN B 222 13.11 -3.34 17.27
C ASN B 222 14.17 -3.27 16.20
N LEU B 223 13.84 -2.74 15.02
CA LEU B 223 14.83 -2.65 13.96
C LEU B 223 15.91 -1.62 14.29
N ILE B 224 15.53 -0.48 14.88
CA ILE B 224 16.52 0.54 15.22
C ILE B 224 17.46 0.02 16.31
N GLY B 225 16.93 -0.75 17.25
CA GLY B 225 17.79 -1.40 18.23
C GLY B 225 18.75 -2.39 17.60
N MET B 226 18.27 -3.19 16.65
CA MET B 226 19.13 -4.15 15.99
C MET B 226 20.16 -3.48 15.09
N MET B 227 19.80 -2.35 14.47
CA MET B 227 20.76 -1.62 13.65
C MET B 227 21.87 -1.02 14.48
N LEU B 228 21.53 -0.46 15.65
CA LEU B 228 22.56 0.06 16.54
C LEU B 228 23.46 -1.06 17.04
N LEU B 229 22.88 -2.23 17.34
CA LEU B 229 23.67 -3.32 17.86
C LEU B 229 24.59 -3.90 16.80
N LEU B 230 24.11 -4.02 15.56
CA LEU B 230 24.96 -4.54 14.50
C LEU B 230 26.02 -3.55 14.08
N CYS B 231 25.74 -2.25 14.15
CA CYS B 231 26.77 -1.26 13.87
C CYS B 231 27.86 -1.29 14.95
N HIS B 232 27.46 -1.49 16.20
CA HIS B 232 28.42 -1.62 17.30
C HIS B 232 29.27 -2.88 17.15
N TRP B 233 28.62 -4.02 16.90
CA TRP B 233 29.37 -5.26 16.71
C TRP B 233 30.24 -5.22 15.48
N ASP B 234 29.80 -4.50 14.45
CA ASP B 234 30.60 -4.47 13.24
C ASP B 234 31.82 -3.60 13.45
N GLY B 235 31.70 -2.51 14.21
CA GLY B 235 32.89 -1.74 14.55
C GLY B 235 33.87 -2.53 15.40
N CYS B 236 33.35 -3.31 16.35
CA CYS B 236 34.21 -4.17 17.13
C CYS B 236 34.85 -5.25 16.27
N LEU B 237 34.17 -5.73 15.24
CA LEU B 237 34.76 -6.75 14.37
C LEU B 237 35.83 -6.16 13.46
N GLN B 238 35.57 -4.95 12.93
CA GLN B 238 36.54 -4.22 12.13
C GLN B 238 37.81 -3.94 12.90
N PHE B 239 37.72 -3.81 14.22
CA PHE B 239 38.98 -3.72 14.94
C PHE B 239 39.51 -5.08 15.36
N LEU B 240 38.63 -6.08 15.56
CA LEU B 240 39.06 -7.35 16.12
C LEU B 240 39.91 -8.16 15.17
N VAL B 241 39.50 -8.22 13.91
CA VAL B 241 40.24 -9.06 12.95
C VAL B 241 41.63 -8.50 12.66
N PRO B 242 41.88 -7.18 12.59
CA PRO B 242 43.28 -6.74 12.64
C PRO B 242 43.91 -6.85 14.02
N MET B 243 43.15 -7.05 15.09
CA MET B 243 43.83 -7.17 16.39
C MET B 243 44.37 -8.56 16.59
N LEU B 244 43.72 -9.56 16.01
CA LEU B 244 44.18 -10.95 16.07
C LEU B 244 45.16 -11.29 14.97
N GLN B 245 45.77 -10.28 14.35
CA GLN B 245 46.79 -10.52 13.33
C GLN B 245 48.05 -9.71 13.62
N ASP B 246 48.22 -9.27 14.87
CA ASP B 246 49.32 -8.42 15.33
C ASP B 246 49.42 -7.11 14.57
N PHE B 247 48.29 -6.63 14.03
CA PHE B 247 48.16 -5.42 13.21
C PHE B 247 49.13 -5.42 12.05
N PRO B 248 48.86 -6.20 11.00
CA PRO B 248 49.78 -6.23 9.85
C PRO B 248 49.79 -4.90 9.12
N ASP B 249 50.78 -4.75 8.25
CA ASP B 249 51.08 -3.45 7.69
C ASP B 249 50.09 -2.98 6.64
N ASP B 250 49.11 -3.79 6.29
CA ASP B 250 48.10 -3.39 5.33
C ASP B 250 46.71 -3.24 5.93
N CYS B 251 46.53 -3.54 7.21
CA CYS B 251 45.24 -3.28 7.82
C CYS B 251 45.10 -1.78 8.05
N TRP B 252 43.85 -1.35 8.24
CA TRP B 252 43.61 0.09 8.36
C TRP B 252 44.16 0.68 9.65
N VAL B 253 44.40 -0.13 10.67
CA VAL B 253 44.90 0.39 11.93
C VAL B 253 46.33 0.85 11.77
N SER B 254 47.18 0.02 11.17
CA SER B 254 48.58 0.41 11.01
C SER B 254 48.76 1.44 9.91
N ILE B 255 47.85 1.51 8.95
CA ILE B 255 47.92 2.57 7.95
C ILE B 255 47.56 3.91 8.58
N ASN B 256 46.51 3.93 9.39
CA ASN B 256 46.13 5.18 10.02
C ASN B 256 46.94 5.50 11.26
N ASN B 257 47.89 4.65 11.63
CA ASN B 257 48.73 4.78 12.83
C ASN B 257 47.89 4.89 14.09
N MET B 258 46.86 4.05 14.17
CA MET B 258 46.01 3.97 15.34
C MET B 258 46.31 2.76 16.20
N VAL B 259 47.53 2.24 16.10
CA VAL B 259 47.86 1.05 16.89
C VAL B 259 48.05 1.43 18.35
N ASN B 260 48.59 2.62 18.61
CA ASN B 260 48.95 3.03 19.96
C ASN B 260 48.11 4.20 20.45
N ASN B 261 46.91 4.38 19.89
CA ASN B 261 46.03 5.39 20.46
C ASN B 261 45.33 4.83 21.69
N SER B 262 44.50 5.65 22.31
CA SER B 262 43.66 5.16 23.38
C SER B 262 42.54 4.30 22.78
N TRP B 263 41.86 3.55 23.64
CA TRP B 263 40.79 2.72 23.12
C TRP B 263 39.55 3.54 22.77
N GLY B 264 39.43 4.75 23.31
CA GLY B 264 38.33 5.60 22.92
C GLY B 264 38.43 6.03 21.48
N LYS B 265 39.62 6.42 21.04
CA LYS B 265 39.80 6.85 19.66
C LYS B 265 39.75 5.67 18.70
N GLN B 266 40.25 4.51 19.14
CA GLN B 266 40.15 3.31 18.32
C GLN B 266 38.72 2.88 18.13
N TYR B 267 37.94 2.90 19.21
CA TYR B 267 36.54 2.53 19.08
C TYR B 267 35.74 3.55 18.31
N SER B 268 36.06 4.84 18.45
CA SER B 268 35.34 5.85 17.70
C SER B 268 35.59 5.73 16.22
N TYR B 269 36.84 5.52 15.83
CA TYR B 269 37.09 5.42 14.40
C TYR B 269 36.65 4.08 13.84
N ALA B 270 36.66 3.01 14.65
CA ALA B 270 36.16 1.74 14.16
C ALA B 270 34.65 1.76 13.99
N LEU B 271 33.96 2.44 14.91
CA LEU B 271 32.52 2.57 14.79
C LEU B 271 32.16 3.46 13.63
N PHE B 272 32.98 4.48 13.35
CA PHE B 272 32.77 5.28 12.15
C PHE B 272 32.98 4.47 10.88
N LYS B 273 34.00 3.60 10.89
CA LYS B 273 34.26 2.81 9.71
C LYS B 273 33.17 1.77 9.48
N ALA B 274 32.52 1.30 10.54
CA ALA B 274 31.37 0.41 10.33
C ALA B 274 30.14 1.18 9.91
N MET B 275 29.95 2.34 10.48
CA MET B 275 28.74 3.10 10.26
C MET B 275 28.73 3.78 8.91
N SER B 276 29.90 4.02 8.32
CA SER B 276 29.95 4.54 6.96
C SER B 276 29.40 3.53 5.96
N HIS B 277 29.41 2.25 6.31
CA HIS B 277 28.82 1.24 5.46
C HIS B 277 27.42 0.87 5.88
N MET B 278 27.02 1.17 7.11
CA MET B 278 25.61 0.93 7.44
C MET B 278 24.69 1.97 6.81
N LEU B 279 24.95 3.25 7.04
CA LEU B 279 24.09 4.30 6.48
C LEU B 279 24.56 4.79 5.12
N CYS B 280 25.30 3.94 4.39
CA CYS B 280 25.55 4.06 2.96
C CYS B 280 26.39 5.30 2.61
N ILE B 281 27.57 5.41 3.21
CA ILE B 281 28.41 6.57 2.91
C ILE B 281 29.76 6.14 2.32
N GLY B 282 30.61 5.52 3.14
CA GLY B 282 31.92 5.04 2.72
C GLY B 282 32.96 6.12 2.49
N TYR B 283 34.21 5.94 2.94
CA TYR B 283 34.76 4.80 3.69
C TYR B 283 35.41 5.35 4.93
N GLY B 284 36.40 4.62 5.44
CA GLY B 284 37.31 5.21 6.39
C GLY B 284 38.30 6.17 5.73
N ARG B 285 39.60 6.07 6.04
CA ARG B 285 40.54 7.03 5.43
C ARG B 285 40.75 6.74 3.95
N GLN B 286 40.93 5.47 3.60
CA GLN B 286 41.17 5.11 2.20
C GLN B 286 40.30 3.91 1.85
N ALA B 287 40.55 3.33 0.70
CA ALA B 287 39.96 2.06 0.33
C ALA B 287 40.61 0.95 1.14
N PRO B 288 39.93 -0.19 1.29
CA PRO B 288 40.59 -1.36 1.87
C PRO B 288 41.72 -1.88 1.00
N VAL B 289 42.76 -2.40 1.65
CA VAL B 289 43.96 -2.85 0.95
C VAL B 289 44.20 -4.33 1.18
N GLY B 290 44.35 -4.72 2.44
CA GLY B 290 44.54 -6.12 2.75
C GLY B 290 43.27 -6.92 2.57
N MET B 291 43.41 -8.24 2.45
CA MET B 291 42.26 -9.06 2.11
C MET B 291 41.29 -9.18 3.28
N SER B 292 41.80 -9.10 4.51
CA SER B 292 40.90 -9.04 5.66
C SER B 292 40.07 -7.77 5.61
N ASP B 293 40.67 -6.66 5.21
CA ASP B 293 39.93 -5.40 5.11
C ASP B 293 38.88 -5.47 4.02
N VAL B 294 39.21 -6.06 2.88
CA VAL B 294 38.28 -6.11 1.76
C VAL B 294 37.10 -6.99 2.11
N TRP B 295 37.35 -8.16 2.68
CA TRP B 295 36.21 -9.04 2.95
C TRP B 295 35.39 -8.59 4.15
N LEU B 296 36.01 -7.97 5.17
CA LEU B 296 35.20 -7.41 6.24
C LEU B 296 34.40 -6.21 5.78
N THR B 297 34.96 -5.40 4.88
CA THR B 297 34.23 -4.26 4.37
C THR B 297 33.07 -4.71 3.52
N MET B 298 33.23 -5.79 2.75
CA MET B 298 32.10 -6.29 1.99
C MET B 298 31.06 -6.94 2.87
N LEU B 299 31.48 -7.56 3.98
CA LEU B 299 30.51 -8.09 4.93
C LEU B 299 29.68 -6.98 5.56
N SER B 300 30.36 -5.90 5.99
CA SER B 300 29.63 -4.78 6.57
C SER B 300 28.78 -4.08 5.54
N MET B 301 29.18 -4.08 4.27
CA MET B 301 28.35 -3.46 3.24
C MET B 301 27.07 -4.25 3.01
N ILE B 302 27.15 -5.59 2.98
CA ILE B 302 25.94 -6.42 2.90
C ILE B 302 25.03 -6.15 4.09
N VAL B 303 25.58 -6.21 5.31
CA VAL B 303 24.76 -6.12 6.51
C VAL B 303 24.14 -4.73 6.63
N GLY B 304 24.92 -3.69 6.31
CA GLY B 304 24.41 -2.34 6.44
C GLY B 304 23.42 -1.97 5.35
N ALA B 305 23.65 -2.43 4.13
CA ALA B 305 22.70 -2.14 3.07
C ALA B 305 21.40 -2.89 3.27
N THR B 306 21.46 -4.11 3.80
CA THR B 306 20.24 -4.84 4.10
C THR B 306 19.47 -4.18 5.25
N CYS B 307 20.17 -3.78 6.31
CA CYS B 307 19.49 -3.11 7.42
C CYS B 307 18.94 -1.76 7.01
N TYR B 308 19.60 -1.04 6.13
CA TYR B 308 19.07 0.25 5.72
C TYR B 308 17.94 0.12 4.73
N ALA B 309 17.94 -0.91 3.89
CA ALA B 309 16.79 -1.16 3.04
C ALA B 309 15.58 -1.57 3.87
N MET B 310 15.80 -2.34 4.92
CA MET B 310 14.69 -2.65 5.82
C MET B 310 14.25 -1.44 6.62
N PHE B 311 15.16 -0.50 6.89
CA PHE B 311 14.75 0.70 7.59
C PHE B 311 13.89 1.59 6.70
N ILE B 312 14.23 1.69 5.42
CA ILE B 312 13.37 2.41 4.48
C ILE B 312 12.03 1.71 4.34
N GLY B 313 12.03 0.39 4.37
CA GLY B 313 10.78 -0.35 4.28
C GLY B 313 9.87 -0.13 5.48
N HIS B 314 10.44 -0.13 6.69
CA HIS B 314 9.63 0.13 7.86
C HIS B 314 9.21 1.58 7.96
N ALA B 315 10.03 2.52 7.51
CA ALA B 315 9.60 3.90 7.49
C ALA B 315 8.46 4.11 6.51
N THR B 316 8.49 3.44 5.36
CA THR B 316 7.39 3.54 4.42
C THR B 316 6.11 2.92 4.97
N ALA B 317 6.21 1.75 5.57
CA ALA B 317 5.04 1.12 6.16
C ALA B 317 4.50 1.88 7.36
N LEU B 318 5.35 2.64 8.05
CA LEU B 318 4.86 3.49 9.12
C LEU B 318 4.18 4.74 8.58
N ILE B 319 4.76 5.36 7.57
CA ILE B 319 4.21 6.61 7.03
C ILE B 319 2.90 6.38 6.29
N GLN B 320 2.74 5.23 5.65
CA GLN B 320 1.48 4.93 4.98
C GLN B 320 0.34 4.59 5.93
N SER B 321 0.51 4.71 7.24
CA SER B 321 -0.56 4.40 8.17
C SER B 321 -0.57 5.43 9.30
N LEU B 322 -0.54 6.72 8.98
CA LEU B 322 -0.53 7.75 10.01
C LEU B 322 -1.84 8.51 10.12
N ASP B 323 -2.29 9.17 9.05
CA ASP B 323 -3.53 9.95 9.11
C ASP B 323 -4.63 9.18 8.38
N SER B 324 -5.07 8.10 9.01
CA SER B 324 -5.78 7.03 8.32
C SER B 324 -7.15 7.47 7.82
N SER B 325 -7.98 8.03 8.71
CA SER B 325 -9.30 8.46 8.27
C SER B 325 -9.22 9.73 7.43
N ARG B 326 -8.23 10.58 7.68
CA ARG B 326 -8.08 11.75 6.82
C ARG B 326 -7.62 11.34 5.43
N ARG B 327 -6.75 10.33 5.35
CA ARG B 327 -6.36 9.81 4.05
C ARG B 327 -7.53 9.13 3.36
N GLN B 328 -8.41 8.47 4.12
CA GLN B 328 -9.57 7.85 3.50
C GLN B 328 -10.56 8.91 3.00
N TYR B 329 -10.72 9.99 3.77
CA TYR B 329 -11.55 11.11 3.33
C TYR B 329 -11.00 11.74 2.06
N GLN B 330 -9.69 11.92 2.00
CA GLN B 330 -9.14 12.56 0.82
C GLN B 330 -9.12 11.63 -0.39
N GLU B 331 -9.03 10.31 -0.16
CA GLU B 331 -9.19 9.37 -1.27
C GLU B 331 -10.60 9.39 -1.82
N LYS B 332 -11.60 9.38 -0.93
CA LYS B 332 -12.98 9.38 -1.39
C LYS B 332 -13.34 10.72 -2.04
N TYR B 333 -12.82 11.82 -1.51
CA TYR B 333 -13.12 13.10 -2.13
C TYR B 333 -12.34 13.29 -3.42
N LYS B 334 -11.18 12.64 -3.55
CA LYS B 334 -10.49 12.68 -4.83
C LYS B 334 -11.26 11.88 -5.87
N GLN B 335 -11.90 10.79 -5.45
CA GLN B 335 -12.76 10.06 -6.37
C GLN B 335 -13.99 10.88 -6.73
N VAL B 336 -14.51 11.68 -5.80
CA VAL B 336 -15.63 12.56 -6.12
C VAL B 336 -15.19 13.63 -7.10
N GLU B 337 -13.98 14.19 -6.91
CA GLU B 337 -13.44 15.19 -7.84
C GLU B 337 -13.27 14.60 -9.24
N GLN B 338 -12.76 13.39 -9.33
CA GLN B 338 -12.60 12.78 -10.63
C GLN B 338 -13.94 12.38 -11.24
N TYR B 339 -14.95 12.08 -10.42
CA TYR B 339 -16.30 11.87 -10.93
C TYR B 339 -16.85 13.15 -11.53
N MET B 340 -16.67 14.27 -10.84
CA MET B 340 -17.17 15.55 -11.32
C MET B 340 -16.45 15.99 -12.58
N SER B 341 -15.16 15.72 -12.66
CA SER B 341 -14.42 16.06 -13.86
C SER B 341 -14.73 15.10 -15.01
N PHE B 342 -15.07 13.85 -14.69
CA PHE B 342 -15.40 12.90 -15.74
C PHE B 342 -16.76 13.20 -16.35
N HIS B 343 -17.72 13.64 -15.55
CA HIS B 343 -19.02 14.01 -16.09
C HIS B 343 -19.13 15.48 -16.42
N LYS B 344 -18.07 16.25 -16.18
CA LYS B 344 -17.95 17.66 -16.58
C LYS B 344 -19.06 18.51 -15.96
N LEU B 345 -19.17 18.45 -14.65
CA LEU B 345 -20.18 19.20 -13.94
C LEU B 345 -19.83 20.68 -13.96
N PRO B 346 -20.83 21.57 -13.96
CA PRO B 346 -20.53 22.99 -13.91
C PRO B 346 -19.96 23.38 -12.56
N PRO B 347 -19.17 24.45 -12.50
CA PRO B 347 -18.46 24.78 -11.25
C PRO B 347 -19.35 25.24 -10.11
N ASP B 348 -20.60 25.62 -10.39
CA ASP B 348 -21.56 25.89 -9.33
C ASP B 348 -21.85 24.62 -8.54
N THR B 349 -22.15 23.53 -9.24
CA THR B 349 -22.41 22.27 -8.55
C THR B 349 -21.14 21.72 -7.93
N ARG B 350 -19.98 21.99 -8.53
CA ARG B 350 -18.73 21.53 -7.92
C ARG B 350 -18.45 22.28 -6.64
N GLN B 351 -18.79 23.56 -6.59
CA GLN B 351 -18.63 24.31 -5.36
C GLN B 351 -19.62 23.85 -4.30
N ARG B 352 -20.84 23.52 -4.71
CA ARG B 352 -21.83 23.01 -3.76
C ARG B 352 -21.44 21.64 -3.23
N ILE B 353 -20.83 20.80 -4.05
CA ILE B 353 -20.39 19.49 -3.57
C ILE B 353 -19.15 19.61 -2.69
N HIS B 354 -18.26 20.56 -2.99
CA HIS B 354 -17.13 20.81 -2.09
C HIS B 354 -17.59 21.29 -0.73
N ASP B 355 -18.56 22.21 -0.70
CA ASP B 355 -19.13 22.63 0.58
C ASP B 355 -19.91 21.51 1.25
N TYR B 356 -20.52 20.61 0.47
CA TYR B 356 -21.25 19.50 1.07
C TYR B 356 -20.31 18.53 1.76
N TYR B 357 -19.22 18.17 1.10
CA TYR B 357 -18.29 17.25 1.74
C TYR B 357 -17.52 17.91 2.87
N GLU B 358 -17.35 19.22 2.84
CA GLU B 358 -16.68 19.80 3.99
C GLU B 358 -17.63 20.14 5.12
N HIS B 359 -18.94 20.14 4.90
CA HIS B 359 -19.89 20.25 6.01
C HIS B 359 -20.31 18.89 6.56
N ARG B 360 -20.47 17.90 5.69
CA ARG B 360 -21.08 16.64 6.08
C ARG B 360 -20.11 15.75 6.83
N TYR B 361 -18.89 15.60 6.32
CA TYR B 361 -17.93 14.70 6.93
C TYR B 361 -16.87 15.41 7.75
N GLN B 362 -16.66 16.71 7.50
CA GLN B 362 -15.71 17.55 8.24
C GLN B 362 -14.29 17.01 8.21
N GLY B 363 -13.87 16.56 7.03
CA GLY B 363 -12.50 16.19 6.81
C GLY B 363 -12.10 14.79 7.22
N LYS B 364 -12.95 14.07 7.93
CA LYS B 364 -12.63 12.72 8.40
C LYS B 364 -13.83 11.84 8.09
N MET B 365 -13.63 10.84 7.24
CA MET B 365 -14.71 9.98 6.79
C MET B 365 -14.66 8.65 7.52
N PHE B 366 -15.78 8.29 8.13
CA PHE B 366 -15.90 7.10 8.96
C PHE B 366 -16.91 6.14 8.34
N ASP B 367 -16.59 4.86 8.42
CA ASP B 367 -17.57 3.81 8.12
C ASP B 367 -18.36 3.53 9.40
N GLU B 368 -19.25 4.47 9.72
CA GLU B 368 -19.90 4.48 11.02
C GLU B 368 -20.84 3.31 11.22
N GLU B 369 -21.42 2.81 10.12
CA GLU B 369 -22.27 1.63 10.20
C GLU B 369 -21.47 0.41 10.65
N SER B 370 -20.29 0.21 10.09
CA SER B 370 -19.48 -0.94 10.50
C SER B 370 -18.89 -0.75 11.89
N ILE B 371 -18.53 0.49 12.24
CA ILE B 371 -17.97 0.76 13.57
C ILE B 371 -19.00 0.49 14.65
N LEU B 372 -20.24 0.93 14.43
CA LEU B 372 -21.27 0.58 15.38
C LEU B 372 -21.68 -0.89 15.30
N GLY B 373 -21.54 -1.53 14.13
CA GLY B 373 -21.89 -2.93 14.04
C GLY B 373 -20.92 -3.85 14.74
N GLU B 374 -19.67 -3.45 14.86
CA GLU B 374 -18.71 -4.23 15.62
C GLU B 374 -18.97 -4.16 17.11
N LEU B 375 -19.52 -3.05 17.59
CA LEU B 375 -19.75 -2.87 19.01
C LEU B 375 -20.94 -3.72 19.47
N SER B 376 -21.03 -3.91 20.78
CA SER B 376 -22.15 -4.65 21.35
C SER B 376 -23.38 -3.76 21.41
N GLU B 377 -24.49 -4.32 21.85
CA GLU B 377 -25.73 -3.56 21.95
C GLU B 377 -25.70 -2.45 23.00
N PRO B 378 -25.25 -2.65 24.26
CA PRO B 378 -25.26 -1.51 25.19
C PRO B 378 -24.28 -0.42 24.84
N LEU B 379 -23.19 -0.74 24.15
CA LEU B 379 -22.29 0.32 23.74
C LEU B 379 -22.85 1.14 22.59
N ARG B 380 -23.57 0.49 21.66
CA ARG B 380 -24.32 1.24 20.66
C ARG B 380 -25.34 2.16 21.30
N GLU B 381 -26.07 1.64 22.28
CA GLU B 381 -27.09 2.45 22.95
C GLU B 381 -26.46 3.62 23.70
N GLU B 382 -25.30 3.40 24.31
CA GLU B 382 -24.66 4.46 25.08
C GLU B 382 -24.04 5.52 24.19
N ILE B 383 -23.39 5.12 23.09
CA ILE B 383 -22.81 6.10 22.18
C ILE B 383 -23.90 6.91 21.48
N ILE B 384 -24.99 6.24 21.08
CA ILE B 384 -26.03 6.97 20.39
C ILE B 384 -26.82 7.87 21.35
N ASN B 385 -26.97 7.47 22.62
CA ASN B 385 -27.53 8.39 23.59
C ASN B 385 -26.60 9.56 23.88
N PHE B 386 -25.28 9.36 23.75
CA PHE B 386 -24.38 10.49 23.94
C PHE B 386 -24.44 11.45 22.77
N ASN B 387 -24.38 10.94 21.54
CA ASN B 387 -24.29 11.79 20.36
C ASN B 387 -25.57 12.55 20.05
N CYS B 388 -26.67 12.24 20.71
CA CYS B 388 -27.92 12.91 20.44
C CYS B 388 -28.50 13.57 21.68
N ARG B 389 -27.66 13.86 22.68
CA ARG B 389 -28.17 14.45 23.91
C ARG B 389 -28.60 15.89 23.73
N LYS B 390 -28.04 16.59 22.74
CA LYS B 390 -28.51 17.93 22.43
C LYS B 390 -29.90 17.89 21.81
N LEU B 391 -30.16 16.88 20.99
CA LEU B 391 -31.48 16.70 20.42
C LEU B 391 -32.49 16.35 21.50
N VAL B 392 -32.14 15.40 22.38
CA VAL B 392 -33.06 14.93 23.41
C VAL B 392 -33.34 16.03 24.43
N ALA B 393 -32.32 16.83 24.75
CA ALA B 393 -32.52 17.97 25.63
C ALA B 393 -33.34 19.06 24.95
N SER B 394 -33.17 19.20 23.64
CA SER B 394 -33.87 20.28 22.94
C SER B 394 -35.32 19.92 22.62
N MET B 395 -35.58 18.67 22.28
CA MET B 395 -36.95 18.29 21.91
C MET B 395 -37.83 18.20 23.16
N PRO B 396 -39.05 18.72 23.09
CA PRO B 396 -39.97 18.55 24.23
C PRO B 396 -40.48 17.14 24.36
N LEU B 397 -40.47 16.37 23.27
CA LEU B 397 -40.98 15.01 23.30
C LEU B 397 -40.03 14.08 24.04
N PHE B 398 -38.75 14.08 23.66
CA PHE B 398 -37.81 13.11 24.20
C PHE B 398 -37.47 13.39 25.65
N ALA B 399 -37.56 14.65 26.08
CA ALA B 399 -37.25 14.98 27.47
C ALA B 399 -38.36 14.57 28.43
N ASN B 400 -39.52 14.20 27.91
CA ASN B 400 -40.62 13.77 28.77
C ASN B 400 -41.12 12.40 28.36
N ALA B 401 -40.21 11.46 28.16
CA ALA B 401 -40.58 10.17 27.61
C ALA B 401 -39.76 9.07 28.28
N ASP B 402 -40.11 7.85 27.93
CA ASP B 402 -39.41 6.67 28.43
C ASP B 402 -38.00 6.63 27.85
N PRO B 403 -36.96 6.48 28.67
CA PRO B 403 -35.61 6.38 28.11
C PRO B 403 -35.38 5.14 27.26
N ASN B 404 -36.12 4.07 27.50
CA ASN B 404 -36.10 2.95 26.56
C ASN B 404 -36.67 3.35 25.22
N PHE B 405 -37.75 4.14 25.22
CA PHE B 405 -38.32 4.64 23.99
C PHE B 405 -37.37 5.60 23.28
N VAL B 406 -36.69 6.46 24.05
CA VAL B 406 -35.73 7.40 23.48
C VAL B 406 -34.58 6.65 22.82
N THR B 407 -34.08 5.60 23.48
CA THR B 407 -32.97 4.85 22.93
C THR B 407 -33.40 4.04 21.71
N SER B 408 -34.59 3.45 21.76
CA SER B 408 -35.07 2.69 20.61
C SER B 408 -35.40 3.58 19.43
N MET B 409 -35.73 4.85 19.68
CA MET B 409 -35.90 5.78 18.57
C MET B 409 -34.56 6.22 18.02
N LEU B 410 -33.61 6.53 18.90
CA LEU B 410 -32.33 7.06 18.46
C LEU B 410 -31.46 6.03 17.76
N THR B 411 -31.67 4.74 18.00
CA THR B 411 -30.93 3.77 17.20
C THR B 411 -31.40 3.71 15.76
N LYS B 412 -32.56 4.26 15.44
CA LYS B 412 -33.09 4.18 14.09
C LYS B 412 -32.84 5.44 13.26
N LEU B 413 -32.31 6.50 13.85
CA LEU B 413 -32.19 7.74 13.11
C LEU B 413 -30.97 7.73 12.20
N ARG B 414 -31.01 8.59 11.18
CA ARG B 414 -29.90 8.71 10.24
C ARG B 414 -29.53 10.17 10.07
N PHE B 415 -28.26 10.48 10.24
CA PHE B 415 -27.80 11.86 10.18
C PHE B 415 -27.74 12.34 8.73
N GLU B 416 -28.28 13.52 8.47
CA GLU B 416 -28.26 14.11 7.13
C GLU B 416 -27.95 15.58 7.21
N VAL B 417 -27.37 16.11 6.14
CA VAL B 417 -26.98 17.51 6.06
C VAL B 417 -27.54 18.08 4.77
N PHE B 418 -28.23 19.21 4.87
CA PHE B 418 -28.82 19.88 3.73
C PHE B 418 -28.26 21.29 3.63
N GLN B 419 -27.81 21.65 2.43
CA GLN B 419 -27.35 23.00 2.17
C GLN B 419 -28.55 23.93 2.08
N PRO B 420 -28.37 25.23 2.32
CA PRO B 420 -29.49 26.15 2.22
C PRO B 420 -30.00 26.30 0.80
N GLY B 421 -31.30 26.50 0.68
CA GLY B 421 -31.96 26.52 -0.60
C GLY B 421 -32.50 25.20 -1.07
N ASP B 422 -32.05 24.09 -0.48
CA ASP B 422 -32.45 22.77 -0.92
C ASP B 422 -33.88 22.48 -0.50
N TYR B 423 -34.64 21.82 -1.37
CA TYR B 423 -35.98 21.38 -1.04
C TYR B 423 -35.87 20.01 -0.38
N ILE B 424 -36.10 19.98 0.93
CA ILE B 424 -36.09 18.73 1.67
C ILE B 424 -37.27 17.86 1.26
N ILE B 425 -38.46 18.42 1.40
CA ILE B 425 -39.72 17.75 1.08
C ILE B 425 -40.41 18.57 0.01
N ARG B 426 -40.82 17.92 -1.07
CA ARG B 426 -41.57 18.62 -2.10
C ARG B 426 -43.06 18.38 -1.88
N GLU B 427 -43.84 19.44 -2.10
CA GLU B 427 -45.25 19.42 -1.76
C GLU B 427 -46.03 18.54 -2.72
N GLY B 428 -46.66 17.50 -2.18
CA GLY B 428 -47.50 16.64 -2.99
C GLY B 428 -46.81 15.44 -3.58
N THR B 429 -45.87 14.84 -2.86
CA THR B 429 -45.27 13.57 -3.24
C THR B 429 -45.57 12.54 -2.16
N ILE B 430 -45.29 11.28 -2.45
CA ILE B 430 -45.49 10.22 -1.47
C ILE B 430 -44.29 10.18 -0.54
N GLY B 431 -44.53 10.45 0.74
CA GLY B 431 -43.46 10.61 1.70
C GLY B 431 -43.01 9.29 2.29
N LYS B 432 -41.70 9.15 2.47
CA LYS B 432 -41.13 7.94 3.02
C LYS B 432 -40.20 8.19 4.19
N LYS B 433 -39.98 9.44 4.60
CA LYS B 433 -39.10 9.74 5.71
C LYS B 433 -39.72 10.81 6.58
N MET B 434 -39.16 10.92 7.79
CA MET B 434 -39.59 11.85 8.82
C MET B 434 -38.35 12.53 9.37
N TYR B 435 -38.38 13.84 9.50
CA TYR B 435 -37.18 14.60 9.82
C TYR B 435 -37.28 15.25 11.19
N PHE B 436 -36.26 15.03 12.01
CA PHE B 436 -36.01 15.77 13.23
C PHE B 436 -34.93 16.79 12.94
N ILE B 437 -34.99 17.95 13.58
CA ILE B 437 -34.01 19.00 13.34
C ILE B 437 -33.04 19.03 14.50
N GLN B 438 -31.78 18.73 14.22
CA GLN B 438 -30.75 18.93 15.23
C GLN B 438 -30.24 20.35 15.21
N HIS B 439 -29.99 20.89 14.03
CA HIS B 439 -29.40 22.22 13.96
C HIS B 439 -29.86 22.90 12.67
N GLY B 440 -30.12 24.19 12.75
CA GLY B 440 -30.57 24.95 11.60
C GLY B 440 -32.05 25.24 11.66
N VAL B 441 -32.50 26.04 10.70
CA VAL B 441 -33.91 26.39 10.59
C VAL B 441 -34.39 26.08 9.18
N VAL B 442 -35.66 25.71 9.07
CA VAL B 442 -36.26 25.41 7.77
C VAL B 442 -37.50 26.26 7.60
N SER B 443 -37.93 26.41 6.35
CA SER B 443 -39.12 27.15 5.98
C SER B 443 -40.14 26.18 5.43
N VAL B 444 -41.27 26.06 6.12
CA VAL B 444 -42.39 25.32 5.59
C VAL B 444 -43.17 26.23 4.66
N LEU B 445 -43.19 25.88 3.38
CA LEU B 445 -43.92 26.61 2.34
C LEU B 445 -45.17 25.81 2.03
N THR B 446 -46.32 26.49 2.07
CA THR B 446 -47.59 25.88 1.72
C THR B 446 -48.24 26.76 0.66
N LYS B 447 -48.85 26.13 -0.34
CA LYS B 447 -49.49 26.84 -1.43
C LYS B 447 -50.70 27.64 -0.92
N GLY B 448 -50.58 28.96 -1.00
CA GLY B 448 -51.63 29.85 -0.58
C GLY B 448 -51.58 30.25 0.88
N ASN B 449 -50.54 29.85 1.60
CA ASN B 449 -50.41 30.19 3.01
C ASN B 449 -49.03 30.80 3.26
N LYS B 450 -48.83 31.32 4.46
CA LYS B 450 -47.58 31.96 4.83
C LYS B 450 -46.56 30.90 5.24
N GLU B 451 -45.30 31.15 4.91
CA GLU B 451 -44.24 30.24 5.31
C GLU B 451 -44.03 30.29 6.81
N THR B 452 -43.65 29.17 7.40
CA THR B 452 -43.39 29.11 8.84
C THR B 452 -41.99 28.59 9.09
N LYS B 453 -41.25 29.27 9.95
CA LYS B 453 -39.91 28.80 10.29
C LYS B 453 -39.99 27.74 11.37
N LEU B 454 -39.15 26.73 11.23
CA LEU B 454 -38.98 25.72 12.26
C LEU B 454 -37.52 25.67 12.67
N ALA B 455 -37.30 25.44 13.96
CA ALA B 455 -35.96 25.52 14.52
C ALA B 455 -35.63 24.23 15.25
N ASP B 456 -34.58 24.27 16.07
CA ASP B 456 -34.05 23.09 16.73
C ASP B 456 -35.06 22.51 17.71
N GLY B 457 -35.16 21.19 17.73
CA GLY B 457 -36.15 20.55 18.58
C GLY B 457 -37.44 20.28 17.85
N SER B 458 -37.80 21.14 16.91
CA SER B 458 -38.99 20.90 16.14
C SER B 458 -38.73 19.83 15.09
N TYR B 459 -39.76 19.04 14.81
CA TYR B 459 -39.66 18.04 13.77
C TYR B 459 -40.76 18.30 12.75
N PHE B 460 -40.62 17.67 11.58
CA PHE B 460 -41.59 17.87 10.52
C PHE B 460 -41.65 16.63 9.66
N GLY B 461 -42.68 16.55 8.84
CA GLY B 461 -42.84 15.42 7.96
C GLY B 461 -43.30 14.20 8.72
N GLU B 462 -44.42 14.30 9.43
CA GLU B 462 -44.93 13.21 10.22
C GLU B 462 -46.37 12.86 9.91
N ILE B 463 -47.09 13.69 9.15
CA ILE B 463 -48.47 13.40 8.83
C ILE B 463 -48.55 12.24 7.84
N CYS B 464 -47.57 12.16 6.94
CA CYS B 464 -47.57 11.09 5.95
C CYS B 464 -47.16 9.77 6.54
N LEU B 465 -46.45 9.79 7.68
CA LEU B 465 -46.11 8.53 8.30
C LEU B 465 -47.25 8.04 9.18
N LEU B 466 -48.20 8.92 9.51
CA LEU B 466 -49.36 8.51 10.27
C LEU B 466 -50.54 8.15 9.38
N THR B 467 -50.63 8.77 8.20
CA THR B 467 -51.82 8.64 7.36
C THR B 467 -51.55 7.96 6.03
N ARG B 468 -50.29 7.78 5.64
CA ARG B 468 -49.87 7.19 4.36
C ARG B 468 -50.41 7.96 3.16
N GLY B 469 -50.62 9.27 3.32
CA GLY B 469 -51.13 10.07 2.23
C GLY B 469 -50.03 10.66 1.38
N ARG B 470 -50.15 11.93 1.03
CA ARG B 470 -49.13 12.63 0.29
C ARG B 470 -48.72 13.86 1.08
N ARG B 471 -47.59 14.45 0.69
CA ARG B 471 -47.03 15.57 1.44
C ARG B 471 -47.91 16.81 1.32
N THR B 472 -48.24 17.41 2.46
CA THR B 472 -49.13 18.54 2.47
C THR B 472 -48.43 19.88 2.27
N ALA B 473 -47.13 19.96 2.54
CA ALA B 473 -46.45 21.24 2.42
C ALA B 473 -44.98 21.00 2.11
N SER B 474 -44.45 21.82 1.20
CA SER B 474 -43.04 21.74 0.89
C SER B 474 -42.21 22.30 2.03
N VAL B 475 -40.97 21.80 2.17
CA VAL B 475 -40.05 22.30 3.18
C VAL B 475 -38.73 22.63 2.50
N ARG B 476 -38.25 23.84 2.71
CA ARG B 476 -37.00 24.31 2.12
C ARG B 476 -36.03 24.64 3.22
N ALA B 477 -34.74 24.38 2.98
CA ALA B 477 -33.75 24.71 3.99
C ALA B 477 -33.47 26.22 3.99
N ASP B 478 -32.93 26.69 5.09
CA ASP B 478 -32.55 28.10 5.21
C ASP B 478 -31.09 28.30 5.55
N THR B 479 -30.54 27.47 6.43
CA THR B 479 -29.13 27.45 6.73
C THR B 479 -28.59 26.07 6.41
N TYR B 480 -27.35 25.80 6.81
CA TYR B 480 -26.82 24.45 6.69
C TYR B 480 -27.50 23.58 7.72
N CYS B 481 -28.59 22.93 7.34
CA CYS B 481 -29.40 22.16 8.27
C CYS B 481 -28.75 20.82 8.54
N ARG B 482 -28.67 20.46 9.81
CA ARG B 482 -28.26 19.14 10.23
C ARG B 482 -29.50 18.46 10.80
N LEU B 483 -29.99 17.45 10.10
CA LEU B 483 -31.25 16.81 10.45
C LEU B 483 -31.01 15.34 10.77
N TYR B 484 -32.02 14.74 11.37
CA TYR B 484 -32.09 13.29 11.56
C TYR B 484 -33.31 12.79 10.83
N SER B 485 -33.10 11.87 9.90
CA SER B 485 -34.18 11.26 9.15
C SER B 485 -34.59 9.96 9.81
N LEU B 486 -35.86 9.63 9.65
CA LEU B 486 -36.43 8.41 10.19
C LEU B 486 -37.34 7.81 9.14
N SER B 487 -37.10 6.54 8.80
CA SER B 487 -37.88 5.91 7.75
C SER B 487 -39.28 5.56 8.25
N VAL B 488 -40.13 5.14 7.31
CA VAL B 488 -41.49 4.74 7.66
C VAL B 488 -41.48 3.43 8.44
N ASP B 489 -40.66 2.48 8.00
CA ASP B 489 -40.66 1.14 8.58
C ASP B 489 -40.15 1.15 10.01
N ASN B 490 -39.09 1.93 10.27
CA ASN B 490 -38.59 2.03 11.63
C ASN B 490 -39.56 2.78 12.52
N PHE B 491 -40.28 3.76 11.96
CA PHE B 491 -41.25 4.51 12.75
C PHE B 491 -42.42 3.63 13.16
N ASN B 492 -42.92 2.81 12.24
CA ASN B 492 -43.98 1.87 12.58
C ASN B 492 -43.49 0.77 13.51
N GLU B 493 -42.21 0.40 13.39
CA GLU B 493 -41.65 -0.62 14.29
C GLU B 493 -41.55 -0.10 15.71
N VAL B 494 -41.06 1.14 15.87
CA VAL B 494 -40.92 1.72 17.20
C VAL B 494 -42.28 2.04 17.80
N LEU B 495 -43.26 2.42 16.99
CA LEU B 495 -44.60 2.56 17.55
C LEU B 495 -45.30 1.24 17.81
N GLU B 496 -44.91 0.17 17.12
CA GLU B 496 -45.43 -1.14 17.48
C GLU B 496 -44.82 -1.64 18.77
N GLU B 497 -43.59 -1.20 19.08
CA GLU B 497 -43.04 -1.38 20.42
C GLU B 497 -43.87 -0.62 21.44
N TYR B 498 -43.98 0.69 21.26
CA TYR B 498 -44.60 1.59 22.23
C TYR B 498 -45.78 2.30 21.58
N PRO B 499 -46.98 1.73 21.64
CA PRO B 499 -48.15 2.38 21.05
C PRO B 499 -48.66 3.57 21.83
N MET B 500 -48.13 3.85 23.01
CA MET B 500 -48.59 4.98 23.80
C MET B 500 -47.94 6.29 23.39
N MET B 501 -46.79 6.24 22.73
CA MET B 501 -46.16 7.46 22.23
C MET B 501 -46.66 7.85 20.84
N ARG B 502 -47.56 7.05 20.24
CA ARG B 502 -48.14 7.44 18.97
C ARG B 502 -49.04 8.66 19.13
N ARG B 503 -49.67 8.80 20.29
CA ARG B 503 -50.66 9.85 20.49
C ARG B 503 -50.02 11.23 20.55
N ALA B 504 -48.73 11.29 20.90
CA ALA B 504 -48.01 12.56 20.84
C ALA B 504 -47.89 13.05 19.40
N PHE B 505 -47.49 12.16 18.48
CA PHE B 505 -47.39 12.54 17.08
C PHE B 505 -48.77 12.78 16.48
N GLU B 506 -49.79 12.07 16.96
CA GLU B 506 -51.13 12.31 16.46
C GLU B 506 -51.66 13.65 16.93
N THR B 507 -51.31 14.07 18.14
CA THR B 507 -51.70 15.39 18.64
C THR B 507 -51.00 16.50 17.85
N VAL B 508 -49.70 16.35 17.60
CA VAL B 508 -48.95 17.35 16.87
C VAL B 508 -49.42 17.43 15.41
N ALA B 509 -49.71 16.28 14.81
CA ALA B 509 -50.18 16.27 13.42
C ALA B 509 -51.59 16.81 13.29
N LEU B 510 -52.45 16.57 14.29
CA LEU B 510 -53.77 17.16 14.27
C LEU B 510 -53.70 18.67 14.45
N ASP B 511 -52.76 19.15 15.26
CA ASP B 511 -52.58 20.59 15.41
C ASP B 511 -52.04 21.23 14.13
N ARG B 512 -51.15 20.53 13.43
CA ARG B 512 -50.59 21.09 12.21
C ARG B 512 -51.57 21.00 11.05
N LEU B 513 -52.48 20.03 11.06
CA LEU B 513 -53.59 20.08 10.12
C LEU B 513 -54.58 21.17 10.48
N ASP B 514 -54.72 21.46 11.78
CA ASP B 514 -55.56 22.57 12.22
C ASP B 514 -54.99 23.92 11.80
N ARG B 515 -53.66 24.02 11.72
CA ARG B 515 -53.05 25.26 11.23
C ARG B 515 -53.27 25.47 9.74
N ILE B 516 -53.67 24.44 9.00
CA ILE B 516 -54.00 24.58 7.60
C ILE B 516 -55.48 24.28 7.40
N MET C 16 -11.30 53.06 18.95
CA MET C 16 -11.60 51.95 18.04
C MET C 16 -11.54 50.62 18.78
N GLN C 17 -11.99 50.63 20.04
CA GLN C 17 -11.97 49.42 20.86
C GLN C 17 -13.01 48.41 20.41
N ARG C 18 -14.01 48.85 19.65
CA ARG C 18 -14.90 47.91 18.99
C ARG C 18 -14.22 47.28 17.79
N GLN C 19 -13.50 48.09 17.00
CA GLN C 19 -12.85 47.58 15.80
C GLN C 19 -11.64 46.72 16.16
N PHE C 20 -10.90 47.11 17.18
CA PHE C 20 -9.78 46.33 17.68
C PHE C 20 -10.20 45.24 18.66
N GLY C 21 -11.49 44.97 18.79
CA GLY C 21 -11.97 43.88 19.61
C GLY C 21 -12.74 42.87 18.78
N ALA C 22 -13.07 43.24 17.55
CA ALA C 22 -13.74 42.33 16.65
C ALA C 22 -12.77 41.36 15.99
N MET C 23 -11.48 41.67 16.02
CA MET C 23 -10.49 40.77 15.43
C MET C 23 -10.20 39.58 16.32
N LEU C 24 -10.45 39.66 17.62
CA LEU C 24 -10.12 38.59 18.53
C LEU C 24 -11.20 37.52 18.61
N GLN C 25 -12.27 37.64 17.83
CA GLN C 25 -13.37 36.72 17.89
C GLN C 25 -13.59 36.13 16.50
N PRO C 26 -14.08 34.88 16.40
CA PRO C 26 -14.17 34.24 15.10
C PRO C 26 -15.23 34.83 14.19
N GLY C 27 -14.79 35.51 13.13
CA GLY C 27 -15.72 36.11 12.21
C GLY C 27 -16.38 35.07 11.31
N VAL C 28 -17.42 35.52 10.62
CA VAL C 28 -18.16 34.64 9.72
C VAL C 28 -17.35 34.44 8.44
N ASN C 29 -17.00 33.20 8.15
CA ASN C 29 -16.28 32.84 6.94
C ASN C 29 -16.61 31.40 6.61
N LYS C 30 -15.84 30.80 5.69
CA LYS C 30 -16.03 29.39 5.40
C LYS C 30 -15.56 28.52 6.55
N PHE C 31 -14.56 28.98 7.30
CA PHE C 31 -14.02 28.17 8.38
C PHE C 31 -14.94 28.15 9.59
N SER C 32 -15.54 29.28 9.95
CA SER C 32 -16.45 29.30 11.08
C SER C 32 -17.74 28.58 10.75
N LEU C 33 -18.20 28.69 9.50
CA LEU C 33 -19.37 27.94 9.09
C LEU C 33 -19.05 26.48 8.81
N ARG C 34 -17.77 26.10 8.82
CA ARG C 34 -17.47 24.68 8.75
C ARG C 34 -17.31 24.08 10.14
N MET C 35 -16.68 24.81 11.06
CA MET C 35 -16.31 24.23 12.34
C MET C 35 -17.35 24.39 13.43
N PHE C 36 -18.30 25.32 13.27
CA PHE C 36 -19.31 25.52 14.29
C PHE C 36 -20.70 25.08 13.87
N GLY C 37 -20.92 24.84 12.59
CA GLY C 37 -22.26 24.57 12.12
C GLY C 37 -22.79 25.74 11.32
N SER C 38 -23.75 26.47 11.86
CA SER C 38 -24.36 27.58 11.15
C SER C 38 -23.95 28.88 11.81
N GLN C 39 -24.50 29.98 11.28
CA GLN C 39 -24.09 31.30 11.72
C GLN C 39 -24.54 31.60 13.14
N LYS C 40 -25.61 30.94 13.60
CA LYS C 40 -26.06 31.15 14.98
C LYS C 40 -25.08 30.57 15.99
N ALA C 41 -24.44 29.45 15.66
CA ALA C 41 -23.40 28.93 16.55
C ALA C 41 -22.17 29.82 16.55
N VAL C 42 -21.88 30.46 15.42
CA VAL C 42 -20.79 31.43 15.35
C VAL C 42 -21.10 32.64 16.23
N GLU C 43 -22.35 33.09 16.22
CA GLU C 43 -22.72 34.23 17.05
C GLU C 43 -22.69 33.87 18.53
N ARG C 44 -23.12 32.66 18.88
CA ARG C 44 -23.02 32.22 20.28
C ARG C 44 -21.58 32.03 20.70
N GLU C 45 -20.71 31.63 19.78
CA GLU C 45 -19.27 31.56 20.09
C GLU C 45 -18.70 32.95 20.32
N GLN C 46 -19.12 33.93 19.51
CA GLN C 46 -18.65 35.30 19.70
C GLN C 46 -19.14 35.88 21.02
N GLU C 47 -20.37 35.55 21.40
CA GLU C 47 -20.87 35.99 22.70
C GLU C 47 -20.17 35.28 23.85
N ARG C 48 -19.68 34.06 23.62
CA ARG C 48 -18.91 33.39 24.65
C ARG C 48 -17.51 33.98 24.74
N VAL C 49 -16.99 34.50 23.64
CA VAL C 49 -15.68 35.16 23.65
C VAL C 49 -15.76 36.51 24.37
N LYS C 50 -16.78 37.31 24.05
CA LYS C 50 -16.87 38.67 24.57
C LYS C 50 -17.11 38.70 26.08
N SER C 51 -17.69 37.64 26.63
CA SER C 51 -17.96 37.56 28.05
C SER C 51 -16.85 36.84 28.82
N ALA C 52 -15.72 36.56 28.20
CA ALA C 52 -14.72 35.71 28.85
C ALA C 52 -13.85 36.50 29.83
N GLY C 53 -13.32 37.64 29.42
CA GLY C 53 -12.49 38.41 30.31
C GLY C 53 -11.79 39.54 29.57
N PHE C 54 -10.68 39.99 30.17
CA PHE C 54 -9.88 41.06 29.62
C PHE C 54 -9.14 40.60 28.38
N TRP C 55 -9.74 40.85 27.21
CA TRP C 55 -9.11 40.66 25.90
C TRP C 55 -8.66 39.23 25.67
N ILE C 56 -9.58 38.28 25.60
CA ILE C 56 -9.25 36.89 25.35
C ILE C 56 -9.20 36.68 23.85
N ILE C 57 -8.18 35.97 23.39
CA ILE C 57 -7.97 35.71 21.98
C ILE C 57 -8.57 34.36 21.63
N HIS C 58 -9.50 34.34 20.70
CA HIS C 58 -10.06 33.08 20.25
C HIS C 58 -9.11 32.46 19.22
N PRO C 59 -8.86 31.15 19.30
CA PRO C 59 -7.83 30.57 18.43
C PRO C 59 -8.24 30.45 16.98
N TYR C 60 -9.54 30.50 16.68
CA TYR C 60 -10.00 30.42 15.30
C TYR C 60 -10.26 31.79 14.72
N SER C 61 -9.77 32.85 15.37
CA SER C 61 -10.10 34.21 14.98
C SER C 61 -9.31 34.69 13.79
N ASP C 62 -9.35 35.98 13.53
CA ASP C 62 -8.56 36.58 12.47
C ASP C 62 -7.26 37.17 12.97
N PHE C 63 -7.20 37.62 14.22
CA PHE C 63 -5.94 38.14 14.74
C PHE C 63 -4.96 37.03 15.01
N ARG C 64 -5.44 35.92 15.57
CA ARG C 64 -4.54 34.82 15.92
C ARG C 64 -3.96 34.18 14.68
N PHE C 65 -4.73 34.12 13.60
CA PHE C 65 -4.28 33.51 12.35
C PHE C 65 -3.14 34.32 11.73
N TYR C 66 -3.36 35.61 11.50
CA TYR C 66 -2.31 36.39 10.87
C TYR C 66 -1.17 36.73 11.83
N TRP C 67 -1.43 36.71 13.14
CA TRP C 67 -0.33 36.80 14.08
C TRP C 67 0.55 35.57 14.03
N ASP C 68 -0.05 34.38 13.93
CA ASP C 68 0.73 33.17 13.75
C ASP C 68 1.48 33.18 12.43
N LEU C 69 0.90 33.77 11.39
CA LEU C 69 1.59 33.82 10.11
C LEU C 69 2.82 34.74 10.16
N THR C 70 2.68 35.91 10.79
CA THR C 70 3.85 36.77 10.95
C THR C 70 4.89 36.14 11.86
N MET C 71 4.46 35.40 12.89
CA MET C 71 5.46 34.71 13.69
C MET C 71 6.11 33.57 12.92
N LEU C 72 5.41 32.94 11.98
CA LEU C 72 6.05 31.90 11.17
C LEU C 72 7.13 32.49 10.28
N LEU C 73 6.84 33.63 9.65
CA LEU C 73 7.85 34.28 8.82
C LEU C 73 9.04 34.73 9.67
N LEU C 74 8.77 35.24 10.87
CA LEU C 74 9.86 35.70 11.72
C LEU C 74 10.68 34.54 12.27
N MET C 75 10.05 33.38 12.54
CA MET C 75 10.81 32.24 13.03
C MET C 75 11.64 31.60 11.95
N VAL C 76 11.14 31.55 10.72
CA VAL C 76 11.96 31.02 9.63
C VAL C 76 13.16 31.93 9.39
N GLY C 77 12.94 33.25 9.47
CA GLY C 77 14.06 34.18 9.39
C GLY C 77 15.07 34.02 10.51
N ASN C 78 14.58 33.82 11.74
CA ASN C 78 15.49 33.68 12.87
C ASN C 78 16.25 32.37 12.84
N LEU C 79 15.58 31.26 12.56
CA LEU C 79 16.25 29.98 12.55
C LEU C 79 17.16 29.81 11.35
N ILE C 80 17.01 30.63 10.31
CA ILE C 80 18.02 30.64 9.27
C ILE C 80 19.19 31.53 9.66
N ILE C 81 18.92 32.73 10.16
CA ILE C 81 19.97 33.73 10.31
C ILE C 81 20.84 33.47 11.55
N ILE C 82 20.20 33.23 12.70
CA ILE C 82 20.86 33.16 14.01
C ILE C 82 22.05 32.17 14.11
N PRO C 83 22.00 30.93 13.60
CA PRO C 83 23.21 30.10 13.68
C PRO C 83 24.35 30.60 12.82
N VAL C 84 24.06 31.20 11.67
CA VAL C 84 25.13 31.74 10.84
C VAL C 84 25.75 32.95 11.51
N GLY C 85 24.94 33.76 12.17
CA GLY C 85 25.47 34.92 12.87
C GLY C 85 26.26 34.54 14.11
N ILE C 86 25.92 33.44 14.74
CA ILE C 86 26.66 33.03 15.92
C ILE C 86 27.97 32.37 15.53
N THR C 87 27.94 31.44 14.57
CA THR C 87 29.13 30.62 14.34
C THR C 87 30.18 31.34 13.50
N PHE C 88 29.78 31.90 12.37
CA PHE C 88 30.81 32.31 11.41
C PHE C 88 31.38 33.68 11.70
N PHE C 89 30.66 34.55 12.39
CA PHE C 89 31.16 35.89 12.65
C PHE C 89 31.86 35.94 14.01
N LYS C 90 32.95 36.70 14.06
CA LYS C 90 33.84 36.61 15.22
C LYS C 90 33.32 37.40 16.41
N ASP C 91 33.24 38.72 16.29
CA ASP C 91 32.69 39.55 17.36
C ASP C 91 31.29 39.97 16.94
N GLU C 92 30.37 39.02 17.02
CA GLU C 92 29.01 39.24 16.55
C GLU C 92 28.20 40.05 17.55
N ASN C 93 28.65 41.27 17.83
CA ASN C 93 27.97 42.18 18.75
C ASN C 93 27.97 43.59 18.21
N THR C 94 27.89 43.76 16.90
CA THR C 94 27.70 45.08 16.33
C THR C 94 26.25 45.51 16.50
N THR C 95 25.99 46.78 16.22
CA THR C 95 24.66 47.35 16.41
C THR C 95 23.55 46.71 15.56
N PRO C 96 23.72 46.39 14.25
CA PRO C 96 22.60 45.73 13.53
C PRO C 96 22.24 44.36 14.08
N TRP C 97 23.22 43.60 14.55
CA TRP C 97 22.95 42.29 15.10
C TRP C 97 22.18 42.38 16.42
N ILE C 98 22.57 43.32 17.28
CA ILE C 98 21.90 43.45 18.57
C ILE C 98 20.51 44.03 18.38
N VAL C 99 20.34 44.95 17.42
CA VAL C 99 19.02 45.47 17.09
C VAL C 99 18.12 44.36 16.56
N PHE C 100 18.67 43.47 15.73
CA PHE C 100 17.88 42.37 15.20
C PHE C 100 17.47 41.39 16.29
N ASN C 101 18.40 41.03 17.17
CA ASN C 101 18.06 40.12 18.27
C ASN C 101 17.06 40.74 19.22
N VAL C 102 17.19 42.03 19.51
CA VAL C 102 16.30 42.63 20.50
C VAL C 102 14.89 42.84 19.92
N VAL C 103 14.78 43.22 18.64
CA VAL C 103 13.48 43.33 18.00
C VAL C 103 12.79 41.97 17.91
N SER C 104 13.55 40.93 17.55
CA SER C 104 12.97 39.59 17.49
C SER C 104 12.53 39.12 18.87
N ASP C 105 13.36 39.29 19.89
CA ASP C 105 12.97 38.87 21.23
C ASP C 105 11.84 39.71 21.79
N THR C 106 11.67 40.94 21.31
CA THR C 106 10.48 41.72 21.65
C THR C 106 9.23 41.06 21.10
N PHE C 107 9.28 40.67 19.81
CA PHE C 107 8.13 39.95 19.22
C PHE C 107 7.87 38.62 19.91
N PHE C 108 8.92 37.92 20.31
CA PHE C 108 8.68 36.63 20.93
C PHE C 108 8.20 36.76 22.36
N LEU C 109 8.57 37.83 23.08
CA LEU C 109 7.95 38.06 24.37
C LEU C 109 6.49 38.50 24.23
N ILE C 110 6.17 39.23 23.16
CA ILE C 110 4.77 39.57 22.90
C ILE C 110 3.96 38.32 22.63
N ASP C 111 4.52 37.38 21.87
CA ASP C 111 3.79 36.13 21.61
C ASP C 111 3.74 35.26 22.86
N LEU C 112 4.75 35.33 23.71
CA LEU C 112 4.72 34.61 24.97
C LEU C 112 3.62 35.14 25.88
N VAL C 113 3.43 36.46 25.91
CA VAL C 113 2.37 37.03 26.72
C VAL C 113 1.01 36.70 26.13
N LEU C 114 0.86 36.80 24.80
CA LEU C 114 -0.42 36.50 24.17
C LEU C 114 -0.79 35.03 24.23
N ASN C 115 0.17 34.14 24.49
CA ASN C 115 -0.22 32.76 24.71
C ASN C 115 -0.91 32.53 26.05
N PHE C 116 -0.88 33.48 26.97
CA PHE C 116 -1.71 33.41 28.18
C PHE C 116 -3.09 33.99 27.98
N ARG C 117 -3.46 34.33 26.75
CA ARG C 117 -4.79 34.86 26.48
C ARG C 117 -5.44 34.15 25.30
N THR C 118 -4.89 33.05 24.84
CA THR C 118 -5.38 32.35 23.66
C THR C 118 -6.25 31.18 24.08
N GLY C 119 -7.41 31.05 23.46
CA GLY C 119 -8.22 29.88 23.70
C GLY C 119 -7.53 28.62 23.20
N ILE C 120 -7.77 27.52 23.89
CA ILE C 120 -7.05 26.28 23.65
C ILE C 120 -8.04 25.24 23.14
N VAL C 121 -7.79 24.72 21.95
CA VAL C 121 -8.61 23.66 21.40
C VAL C 121 -8.11 22.34 21.99
N VAL C 122 -8.95 21.67 22.76
CA VAL C 122 -8.61 20.43 23.45
C VAL C 122 -9.40 19.30 22.82
N GLU C 123 -8.72 18.19 22.55
CA GLU C 123 -9.37 17.02 21.93
C GLU C 123 -9.95 16.10 23.01
N ASP C 124 -10.71 16.71 23.90
CA ASP C 124 -11.56 15.97 24.83
C ASP C 124 -12.90 16.66 25.03
N ASN C 125 -13.17 17.77 24.36
CA ASN C 125 -14.39 18.55 24.51
C ASN C 125 -14.71 19.21 23.18
N THR C 126 -15.99 19.37 22.89
CA THR C 126 -16.38 20.09 21.69
C THR C 126 -16.21 21.59 21.85
N GLU C 127 -16.14 22.08 23.07
CA GLU C 127 -15.97 23.50 23.31
C GLU C 127 -14.50 23.88 23.31
N ILE C 128 -14.24 25.18 23.30
CA ILE C 128 -12.90 25.74 23.35
C ILE C 128 -12.73 26.42 24.70
N ILE C 129 -11.66 26.09 25.41
CA ILE C 129 -11.42 26.63 26.74
C ILE C 129 -11.11 28.12 26.62
N LEU C 130 -11.93 28.94 27.28
CA LEU C 130 -11.68 30.37 27.31
C LEU C 130 -11.52 30.92 28.72
N ASP C 131 -11.58 30.07 29.72
CA ASP C 131 -11.31 30.47 31.09
C ASP C 131 -9.81 30.75 31.22
N PRO C 132 -9.39 31.96 31.60
CA PRO C 132 -7.95 32.26 31.65
C PRO C 132 -7.20 31.50 32.72
N GLN C 133 -7.88 31.00 33.75
CA GLN C 133 -7.19 30.18 34.73
C GLN C 133 -6.80 28.83 34.16
N ARG C 134 -7.71 28.19 33.42
CA ARG C 134 -7.36 26.92 32.78
C ARG C 134 -6.36 27.11 31.66
N ILE C 135 -6.45 28.23 30.94
CA ILE C 135 -5.46 28.56 29.91
C ILE C 135 -4.09 28.73 30.53
N LYS C 136 -4.03 29.45 31.66
CA LYS C 136 -2.77 29.67 32.35
C LYS C 136 -2.19 28.36 32.88
N MET C 137 -3.02 27.52 33.48
CA MET C 137 -2.51 26.27 34.05
C MET C 137 -2.11 25.28 32.98
N LYS C 138 -2.83 25.22 31.86
CA LYS C 138 -2.47 24.28 30.82
C LYS C 138 -1.25 24.76 30.05
N TYR C 139 -1.10 26.08 29.89
CA TYR C 139 0.08 26.58 29.19
C TYR C 139 1.32 26.49 30.06
N LEU C 140 1.20 26.69 31.37
CA LEU C 140 2.32 26.44 32.26
C LEU C 140 2.59 24.96 32.38
N LYS C 141 1.60 24.11 32.12
CA LYS C 141 1.77 22.68 32.27
C LYS C 141 2.70 22.07 31.23
N SER C 142 2.53 22.39 29.94
CA SER C 142 3.31 21.70 28.94
C SER C 142 4.27 22.61 28.21
N TRP C 143 3.78 23.59 27.46
CA TRP C 143 4.69 24.41 26.65
C TRP C 143 4.89 25.79 27.27
N PHE C 144 5.65 25.85 28.35
CA PHE C 144 6.05 27.17 28.85
C PHE C 144 7.55 27.33 28.97
N MET C 145 8.23 26.34 29.55
CA MET C 145 9.64 26.51 29.91
C MET C 145 10.50 26.66 28.68
N VAL C 146 10.18 25.92 27.63
CA VAL C 146 10.93 26.04 26.39
C VAL C 146 10.63 27.37 25.70
N ASP C 147 9.41 27.88 25.80
CA ASP C 147 9.11 29.16 25.20
C ASP C 147 9.68 30.31 26.03
N PHE C 148 9.77 30.14 27.34
CA PHE C 148 10.35 31.18 28.16
C PHE C 148 11.86 31.23 28.00
N ILE C 149 12.51 30.08 27.79
CA ILE C 149 13.93 30.07 27.48
C ILE C 149 14.17 30.68 26.11
N SER C 150 13.37 30.30 25.13
CA SER C 150 13.61 30.75 23.76
C SER C 150 13.23 32.20 23.55
N SER C 151 12.37 32.77 24.37
CA SER C 151 11.97 34.15 24.11
C SER C 151 12.96 35.16 24.68
N ILE C 152 13.37 35.00 25.93
CA ILE C 152 14.19 36.02 26.56
C ILE C 152 15.62 35.91 26.03
N PRO C 153 16.33 37.01 25.89
CA PRO C 153 17.75 36.92 25.54
C PRO C 153 18.58 36.48 26.72
N VAL C 154 18.98 35.21 26.74
CA VAL C 154 19.74 34.69 27.86
C VAL C 154 21.16 35.21 27.83
N ASP C 155 21.72 35.36 26.63
CA ASP C 155 23.11 35.77 26.48
C ASP C 155 23.33 37.21 26.92
N TYR C 156 22.42 38.13 26.60
CA TYR C 156 22.62 39.51 26.98
C TYR C 156 22.41 39.73 28.47
N ILE C 157 21.46 38.99 29.05
CA ILE C 157 21.30 38.95 30.49
C ILE C 157 22.58 38.44 31.15
N PHE C 158 23.19 37.40 30.56
CA PHE C 158 24.41 36.85 31.13
C PHE C 158 25.57 37.82 31.00
N LEU C 159 25.62 38.58 29.91
CA LEU C 159 26.69 39.57 29.76
C LEU C 159 26.52 40.72 30.75
N ILE C 160 25.28 41.14 31.00
CA ILE C 160 25.05 42.21 31.97
C ILE C 160 25.36 41.73 33.39
N VAL C 161 24.99 40.48 33.71
CA VAL C 161 25.28 39.92 35.03
C VAL C 161 26.78 39.74 35.23
N GLU C 162 27.48 39.27 34.20
CA GLU C 162 28.92 39.12 34.31
C GLU C 162 29.63 40.46 34.34
N THR C 163 29.03 41.49 33.73
CA THR C 163 29.58 42.84 33.84
C THR C 163 29.44 43.36 35.27
N ARG C 164 28.28 43.13 35.88
CA ARG C 164 28.05 43.68 37.21
C ARG C 164 28.75 42.90 38.31
N ILE C 165 29.00 41.61 38.12
CA ILE C 165 29.75 40.84 39.12
C ILE C 165 31.21 41.27 39.12
N ASP C 166 31.84 41.29 37.95
CA ASP C 166 33.20 41.79 37.82
C ASP C 166 33.22 42.78 36.67
N SER C 167 33.44 44.05 36.97
CA SER C 167 33.57 45.05 35.90
C SER C 167 34.86 44.85 35.12
N GLU C 168 35.97 44.62 35.82
CA GLU C 168 37.27 44.39 35.18
C GLU C 168 37.52 42.90 34.99
N VAL C 169 36.63 42.27 34.23
CA VAL C 169 36.77 40.85 33.92
C VAL C 169 37.29 40.62 32.50
N TYR C 170 37.20 41.62 31.61
CA TYR C 170 37.55 41.45 30.22
C TYR C 170 39.03 41.74 29.97
N LYS C 171 39.90 41.20 30.80
CA LYS C 171 41.34 41.32 30.54
C LYS C 171 42.10 40.03 30.86
N THR C 172 41.41 38.91 31.05
CA THR C 172 42.03 37.67 31.51
C THR C 172 41.70 36.56 30.51
N ALA C 173 42.04 35.33 30.88
CA ALA C 173 41.59 34.15 30.14
C ALA C 173 40.18 33.74 30.53
N ARG C 174 39.59 34.39 31.52
CA ARG C 174 38.18 34.14 31.84
C ARG C 174 37.27 34.75 30.77
N ALA C 175 37.70 35.86 30.17
CA ALA C 175 36.87 36.59 29.22
C ALA C 175 36.61 35.78 27.95
N LEU C 176 37.62 35.04 27.50
CA LEU C 176 37.44 34.18 26.34
C LEU C 176 36.44 33.07 26.62
N ARG C 177 36.49 32.51 27.83
CA ARG C 177 35.52 31.51 28.24
C ARG C 177 34.12 32.10 28.34
N ILE C 178 34.02 33.36 28.76
CA ILE C 178 32.71 34.02 28.84
C ILE C 178 32.16 34.28 27.45
N VAL C 179 33.02 34.61 26.48
CA VAL C 179 32.55 34.82 25.11
C VAL C 179 32.09 33.50 24.48
N ARG C 180 32.80 32.41 24.73
CA ARG C 180 32.38 31.12 24.20
C ARG C 180 31.10 30.64 24.87
N PHE C 181 30.95 30.90 26.17
CA PHE C 181 29.73 30.52 26.85
C PHE C 181 28.57 31.41 26.42
N THR C 182 28.86 32.64 26.00
CA THR C 182 27.83 33.50 25.40
C THR C 182 27.37 32.93 24.07
N LYS C 183 28.30 32.46 23.25
CA LYS C 183 27.91 31.88 21.97
C LYS C 183 27.21 30.53 22.13
N ILE C 184 27.40 29.85 23.25
CA ILE C 184 26.59 28.65 23.47
C ILE C 184 25.21 29.02 23.98
N LEU C 185 25.11 29.98 24.91
CA LEU C 185 23.82 30.38 25.46
C LEU C 185 22.93 31.05 24.42
N SER C 186 23.52 31.68 23.42
CA SER C 186 22.72 32.30 22.38
C SER C 186 22.09 31.30 21.43
N LEU C 187 22.45 30.02 21.52
CA LEU C 187 21.77 28.99 20.76
C LEU C 187 20.52 28.49 21.43
N LEU C 188 20.13 29.06 22.56
CA LEU C 188 18.83 28.72 23.14
C LEU C 188 17.69 29.31 22.34
N ARG C 189 17.97 30.27 21.47
CA ARG C 189 16.96 30.77 20.54
C ARG C 189 16.58 29.75 19.48
N LEU C 190 17.33 28.66 19.35
CA LEU C 190 16.96 27.58 18.47
C LEU C 190 15.90 26.67 19.07
N LEU C 191 15.46 26.94 20.29
CA LEU C 191 14.28 26.28 20.85
C LEU C 191 12.98 26.91 20.37
N ARG C 192 13.03 27.87 19.46
CA ARG C 192 11.84 28.38 18.80
C ARG C 192 11.33 27.45 17.72
N LEU C 193 12.05 26.36 17.47
CA LEU C 193 11.56 25.33 16.56
C LEU C 193 10.29 24.69 17.09
N SER C 194 10.11 24.65 18.41
CA SER C 194 8.88 24.12 18.98
C SER C 194 7.68 24.99 18.61
N ARG C 195 7.81 26.31 18.79
CA ARG C 195 6.74 27.20 18.35
C ARG C 195 6.58 27.19 16.85
N LEU C 196 7.65 26.99 16.09
CA LEU C 196 7.56 26.87 14.64
C LEU C 196 6.73 25.66 14.22
N ILE C 197 6.99 24.52 14.84
CA ILE C 197 6.27 23.30 14.50
C ILE C 197 4.82 23.41 14.91
N ARG C 198 4.55 23.95 16.10
CA ARG C 198 3.17 24.05 16.55
C ARG C 198 2.37 25.04 15.71
N TYR C 199 2.98 26.17 15.36
CA TYR C 199 2.25 27.17 14.60
C TYR C 199 2.09 26.75 13.15
N ILE C 200 3.03 25.97 12.61
CA ILE C 200 2.83 25.42 11.27
C ILE C 200 1.70 24.40 11.27
N HIS C 201 1.60 23.57 12.30
CA HIS C 201 0.52 22.59 12.31
C HIS C 201 -0.84 23.25 12.49
N GLN C 202 -0.92 24.27 13.35
CA GLN C 202 -2.18 24.98 13.52
C GLN C 202 -2.54 25.78 12.28
N TRP C 203 -1.56 26.44 11.66
CA TRP C 203 -1.80 27.22 10.47
C TRP C 203 -2.22 26.34 9.29
N GLU C 204 -1.60 25.18 9.15
CA GLU C 204 -1.98 24.28 8.07
C GLU C 204 -3.32 23.62 8.32
N GLU C 205 -3.72 23.48 9.59
CA GLU C 205 -5.06 23.01 9.86
C GLU C 205 -6.09 24.07 9.52
N ILE C 206 -5.77 25.34 9.76
CA ILE C 206 -6.77 26.40 9.60
C ILE C 206 -6.84 26.88 8.16
N PHE C 207 -5.69 27.25 7.58
CA PHE C 207 -5.65 27.82 6.24
C PHE C 207 -6.14 26.83 5.19
N HIS C 208 -7.10 27.26 4.38
CA HIS C 208 -7.94 26.34 3.65
C HIS C 208 -7.30 25.78 2.40
N MET C 209 -6.36 26.49 1.77
CA MET C 209 -5.74 25.95 0.58
C MET C 209 -4.78 24.82 0.89
N THR C 210 -4.17 24.80 2.07
CA THR C 210 -3.46 23.62 2.49
C THR C 210 -4.37 22.59 3.12
N TYR C 211 -5.57 22.99 3.51
CA TYR C 211 -6.50 22.01 4.06
C TYR C 211 -7.13 21.17 2.97
N ASP C 212 -7.40 21.76 1.81
CA ASP C 212 -7.93 20.99 0.69
C ASP C 212 -6.86 20.17 -0.01
N LEU C 213 -5.58 20.41 0.26
CA LEU C 213 -4.53 19.59 -0.34
C LEU C 213 -4.54 18.18 0.21
N ALA C 214 -3.93 17.27 -0.53
CA ALA C 214 -3.72 15.93 -0.03
C ALA C 214 -2.73 15.98 1.13
N SER C 215 -2.96 15.14 2.13
CA SER C 215 -2.14 15.18 3.33
C SER C 215 -0.72 14.73 3.07
N ALA C 216 -0.50 13.92 2.04
CA ALA C 216 0.86 13.54 1.68
C ALA C 216 1.65 14.71 1.14
N VAL C 217 0.99 15.63 0.44
CA VAL C 217 1.69 16.79 -0.11
C VAL C 217 2.10 17.74 1.01
N VAL C 218 1.18 18.04 1.92
CA VAL C 218 1.48 18.91 3.06
C VAL C 218 2.54 18.27 3.95
N ARG C 219 2.47 16.95 4.10
CA ARG C 219 3.42 16.25 4.95
C ARG C 219 4.82 16.24 4.34
N ILE C 220 4.91 16.08 3.02
CA ILE C 220 6.23 16.10 2.40
C ILE C 220 6.77 17.52 2.28
N VAL C 221 5.92 18.55 2.22
CA VAL C 221 6.44 19.92 2.25
C VAL C 221 7.00 20.25 3.63
N ASN C 222 6.33 19.79 4.69
CA ASN C 222 6.87 19.94 6.03
C ASN C 222 8.19 19.20 6.19
N LEU C 223 8.29 18.01 5.60
CA LEU C 223 9.55 17.27 5.71
C LEU C 223 10.67 17.94 4.93
N ILE C 224 10.38 18.47 3.74
CA ILE C 224 11.43 19.13 2.96
C ILE C 224 11.91 20.40 3.65
N GLY C 225 10.99 21.11 4.31
CA GLY C 225 11.40 22.25 5.12
C GLY C 225 12.28 21.84 6.29
N MET C 226 11.92 20.75 6.97
CA MET C 226 12.73 20.30 8.10
C MET C 226 14.08 19.75 7.64
N MET C 227 14.13 19.13 6.46
CA MET C 227 15.40 18.63 5.95
C MET C 227 16.34 19.78 5.60
N LEU C 228 15.82 20.84 4.98
CA LEU C 228 16.65 22.01 4.70
C LEU C 228 17.12 22.65 5.98
N LEU C 229 16.25 22.72 6.99
CA LEU C 229 16.64 23.37 8.24
C LEU C 229 17.67 22.56 8.99
N LEU C 230 17.54 21.24 9.00
CA LEU C 230 18.53 20.42 9.70
C LEU C 230 19.84 20.36 8.94
N CYS C 231 19.82 20.43 7.61
CA CYS C 231 21.06 20.51 6.86
C CYS C 231 21.78 21.82 7.12
N HIS C 232 21.03 22.91 7.23
CA HIS C 232 21.59 24.21 7.56
C HIS C 232 22.18 24.23 8.97
N TRP C 233 21.42 23.74 9.95
CA TRP C 233 21.93 23.69 11.32
C TRP C 233 23.08 22.74 11.46
N ASP C 234 23.11 21.68 10.66
CA ASP C 234 24.20 20.74 10.79
C ASP C 234 25.47 21.32 10.20
N GLY C 235 25.36 22.09 9.12
CA GLY C 235 26.53 22.78 8.61
C GLY C 235 27.06 23.81 9.59
N CYS C 236 26.15 24.53 10.24
CA CYS C 236 26.58 25.47 11.27
C CYS C 236 27.20 24.75 12.46
N LEU C 237 26.74 23.54 12.79
CA LEU C 237 27.34 22.81 13.90
C LEU C 237 28.71 22.26 13.55
N GLN C 238 28.85 21.76 12.31
CA GLN C 238 30.13 21.28 11.80
C GLN C 238 31.17 22.39 11.79
N PHE C 239 30.75 23.64 11.64
CA PHE C 239 31.74 24.69 11.83
C PHE C 239 31.85 25.16 13.27
N LEU C 240 30.79 25.04 14.06
CA LEU C 240 30.77 25.63 15.39
C LEU C 240 31.67 24.89 16.35
N VAL C 241 31.63 23.56 16.33
CA VAL C 241 32.41 22.80 17.30
C VAL C 241 33.91 22.92 17.05
N PRO C 242 34.43 23.01 15.82
CA PRO C 242 35.81 23.46 15.68
C PRO C 242 36.00 24.94 15.92
N MET C 243 34.96 25.76 15.96
CA MET C 243 35.22 27.18 16.21
C MET C 243 35.38 27.44 17.69
N LEU C 244 34.74 26.65 18.53
CA LEU C 244 34.87 26.73 19.99
C LEU C 244 36.03 25.94 20.51
N GLN C 245 36.98 25.56 19.65
CA GLN C 245 38.17 24.84 20.10
C GLN C 245 39.44 25.51 19.57
N ASP C 246 39.33 26.79 19.18
CA ASP C 246 40.42 27.58 18.58
C ASP C 246 40.99 26.94 17.33
N PHE C 247 40.16 26.15 16.62
CA PHE C 247 40.50 25.40 15.42
C PHE C 247 41.74 24.54 15.61
N PRO C 248 41.63 23.42 16.32
CA PRO C 248 42.80 22.56 16.53
C PRO C 248 43.28 21.94 15.24
N ASP C 249 44.49 21.38 15.29
CA ASP C 249 45.19 21.01 14.08
C ASP C 249 44.64 19.76 13.41
N ASP C 250 43.65 19.10 14.00
CA ASP C 250 43.05 17.92 13.40
C ASP C 250 41.61 18.14 12.96
N CYS C 251 41.03 19.30 13.22
CA CYS C 251 39.70 19.56 12.70
C CYS C 251 39.79 19.82 11.20
N TRP C 252 38.66 19.70 10.51
CA TRP C 252 38.69 19.84 9.06
C TRP C 252 38.97 21.25 8.59
N VAL C 253 38.75 22.26 9.44
CA VAL C 253 38.98 23.63 9.03
C VAL C 253 40.46 23.90 8.88
N SER C 254 41.26 23.50 9.87
CA SER C 254 42.69 23.74 9.79
C SER C 254 43.38 22.80 8.83
N ILE C 255 42.80 21.63 8.56
CA ILE C 255 43.36 20.76 7.54
C ILE C 255 43.11 21.34 6.16
N ASN C 256 41.90 21.84 5.91
CA ASN C 256 41.61 22.41 4.62
C ASN C 256 42.10 23.85 4.46
N ASN C 257 42.73 24.41 5.51
CA ASN C 257 43.21 25.79 5.55
C ASN C 257 42.08 26.79 5.27
N MET C 258 40.93 26.53 5.87
CA MET C 258 39.79 27.43 5.77
C MET C 258 39.60 28.26 7.02
N VAL C 259 40.66 28.47 7.80
CA VAL C 259 40.51 29.24 9.02
C VAL C 259 40.38 30.71 8.70
N ASN C 260 41.04 31.17 7.64
CA ASN C 260 41.08 32.60 7.33
C ASN C 260 40.39 32.91 6.01
N ASN C 261 39.47 32.07 5.56
CA ASN C 261 38.68 32.43 4.40
C ASN C 261 37.56 33.39 4.80
N SER C 262 36.78 33.81 3.82
CA SER C 262 35.59 34.58 4.13
C SER C 262 34.54 33.66 4.74
N TRP C 263 33.51 34.25 5.33
CA TRP C 263 32.48 33.41 5.92
C TRP C 263 31.59 32.79 4.86
N GLY C 264 31.56 33.35 3.65
CA GLY C 264 30.80 32.72 2.59
C GLY C 264 31.38 31.39 2.18
N LYS C 265 32.70 31.32 2.05
CA LYS C 265 33.33 30.07 1.67
C LYS C 265 33.32 29.07 2.80
N GLN C 266 33.44 29.54 4.04
CA GLN C 266 33.34 28.66 5.20
C GLN C 266 31.94 28.07 5.33
N TYR C 267 30.92 28.89 5.14
CA TYR C 267 29.56 28.38 5.21
C TYR C 267 29.23 27.47 4.04
N SER C 268 29.75 27.77 2.85
CA SER C 268 29.48 26.92 1.71
C SER C 268 30.11 25.55 1.88
N TYR C 269 31.36 25.50 2.33
CA TYR C 269 31.96 24.19 2.49
C TYR C 269 31.44 23.46 3.71
N ALA C 270 31.00 24.18 4.75
CA ALA C 270 30.41 23.49 5.89
C ALA C 270 29.05 22.93 5.55
N LEU C 271 28.27 23.66 4.75
CA LEU C 271 26.99 23.15 4.32
C LEU C 271 27.15 22.00 3.36
N PHE C 272 28.20 22.02 2.54
CA PHE C 272 28.49 20.85 1.71
C PHE C 272 28.89 19.65 2.56
N LYS C 273 29.66 19.87 3.61
CA LYS C 273 30.08 18.77 4.45
C LYS C 273 28.90 18.19 5.22
N ALA C 274 27.90 19.00 5.56
CA ALA C 274 26.71 18.45 6.19
C ALA C 274 25.82 17.74 5.18
N MET C 275 25.71 18.32 4.00
CA MET C 275 24.80 17.82 3.00
C MET C 275 25.30 16.56 2.33
N SER C 276 26.60 16.32 2.34
CA SER C 276 27.13 15.07 1.85
C SER C 276 26.70 13.89 2.71
N HIS C 277 26.35 14.15 3.96
CA HIS C 277 25.82 13.12 4.83
C HIS C 277 24.31 13.12 4.90
N MET C 278 23.65 14.21 4.54
CA MET C 278 22.19 14.14 4.46
C MET C 278 21.72 13.35 3.25
N LEU C 279 22.17 13.70 2.06
CA LEU C 279 21.72 13.01 0.86
C LEU C 279 22.63 11.86 0.48
N CYS C 280 23.34 11.30 1.46
CA CYS C 280 24.02 10.00 1.38
C CYS C 280 25.15 9.96 0.34
N ILE C 281 26.11 10.87 0.49
CA ILE C 281 27.22 10.88 -0.47
C ILE C 281 28.56 10.65 0.23
N GLY C 282 29.01 11.63 1.02
CA GLY C 282 30.26 11.55 1.76
C GLY C 282 31.53 11.68 0.93
N TYR C 283 32.54 12.43 1.36
CA TYR C 283 32.62 13.23 2.59
C TYR C 283 33.00 14.63 2.20
N GLY C 284 33.63 15.35 3.11
CA GLY C 284 34.35 16.55 2.73
C GLY C 284 35.65 16.24 2.00
N ARG C 285 36.76 16.87 2.36
CA ARG C 285 38.00 16.61 1.63
C ARG C 285 38.55 15.22 1.95
N GLN C 286 38.58 14.85 3.23
CA GLN C 286 39.11 13.55 3.63
C GLN C 286 38.15 12.92 4.62
N ALA C 287 38.59 11.84 5.24
CA ALA C 287 37.88 11.26 6.35
C ALA C 287 38.04 12.14 7.59
N PRO C 288 37.13 12.03 8.55
CA PRO C 288 37.35 12.70 9.84
C PRO C 288 38.55 12.13 10.58
N VAL C 289 39.25 13.00 11.31
CA VAL C 289 40.48 12.63 11.99
C VAL C 289 40.36 12.84 13.49
N GLY C 290 40.06 14.06 13.91
CA GLY C 290 39.87 14.33 15.32
C GLY C 290 38.57 13.77 15.83
N MET C 291 38.47 13.60 17.14
CA MET C 291 37.31 12.93 17.71
C MET C 291 36.06 13.78 17.63
N SER C 292 36.20 15.10 17.66
CA SER C 292 35.06 15.97 17.42
C SER C 292 34.54 15.78 16.01
N ASP C 293 35.44 15.62 15.04
CA ASP C 293 35.03 15.39 13.65
C ASP C 293 34.33 14.06 13.50
N VAL C 294 34.84 13.02 14.14
CA VAL C 294 34.26 11.68 13.99
C VAL C 294 32.88 11.64 14.62
N TRP C 295 32.72 12.19 15.82
CA TRP C 295 31.40 12.10 16.42
C TRP C 295 30.40 13.06 15.82
N LEU C 296 30.81 14.24 15.34
CA LEU C 296 29.87 15.08 14.63
C LEU C 296 29.48 14.50 13.29
N THR C 297 30.42 13.83 12.61
CA THR C 297 30.11 13.21 11.34
C THR C 297 29.16 12.04 11.54
N MET C 298 29.30 11.29 12.62
CA MET C 298 28.35 10.22 12.88
C MET C 298 27.00 10.74 13.30
N LEU C 299 26.97 11.88 14.00
CA LEU C 299 25.68 12.52 14.31
C LEU C 299 24.97 12.96 13.05
N SER C 300 25.69 13.61 12.14
CA SER C 300 25.08 14.05 10.91
C SER C 300 24.70 12.87 10.02
N MET C 301 25.42 11.76 10.10
CA MET C 301 25.05 10.57 9.33
C MET C 301 23.76 9.96 9.83
N ILE C 302 23.57 9.88 11.16
CA ILE C 302 22.29 9.43 11.71
C ILE C 302 21.16 10.34 11.27
N VAL C 303 21.33 11.65 11.44
CA VAL C 303 20.24 12.59 11.17
C VAL C 303 19.91 12.63 9.69
N GLY C 304 20.93 12.59 8.84
CA GLY C 304 20.69 12.65 7.42
C GLY C 304 20.14 11.37 6.84
N ALA C 305 20.60 10.22 7.34
CA ALA C 305 20.06 8.97 6.85
C ALA C 305 18.63 8.76 7.32
N THR C 306 18.30 9.22 8.53
CA THR C 306 16.91 9.14 8.98
C THR C 306 16.01 10.06 8.18
N CYS C 307 16.46 11.30 7.92
CA CYS C 307 15.64 12.22 7.14
C CYS C 307 15.50 11.75 5.70
N TYR C 308 16.53 11.13 5.13
CA TYR C 308 16.39 10.68 3.76
C TYR C 308 15.57 9.40 3.65
N ALA C 309 15.61 8.54 4.66
CA ALA C 309 14.71 7.39 4.66
C ALA C 309 13.26 7.84 4.80
N MET C 310 13.02 8.87 5.60
CA MET C 310 11.67 9.41 5.68
C MET C 310 11.28 10.13 4.40
N PHE C 311 12.24 10.69 3.67
CA PHE C 311 11.91 11.33 2.40
C PHE C 311 11.52 10.30 1.36
N ILE C 312 12.22 9.16 1.33
CA ILE C 312 11.82 8.07 0.45
C ILE C 312 10.45 7.54 0.84
N GLY C 313 10.18 7.48 2.16
CA GLY C 313 8.87 7.01 2.60
C GLY C 313 7.74 7.93 2.20
N HIS C 314 7.95 9.24 2.33
CA HIS C 314 6.90 10.17 1.91
C HIS C 314 6.77 10.24 0.40
N ALA C 315 7.87 10.08 -0.35
CA ALA C 315 7.73 10.03 -1.80
C ALA C 315 6.99 8.79 -2.24
N THR C 316 7.19 7.66 -1.57
CA THR C 316 6.44 6.45 -1.91
C THR C 316 4.97 6.61 -1.58
N ALA C 317 4.66 7.14 -0.40
CA ALA C 317 3.27 7.35 -0.03
C ALA C 317 2.58 8.40 -0.89
N LEU C 318 3.34 9.34 -1.46
CA LEU C 318 2.76 10.29 -2.39
C LEU C 318 2.50 9.67 -3.74
N ILE C 319 3.46 8.88 -4.24
CA ILE C 319 3.35 8.29 -5.58
C ILE C 319 2.28 7.22 -5.61
N GLN C 320 2.07 6.49 -4.53
CA GLN C 320 1.01 5.48 -4.51
C GLN C 320 -0.39 6.06 -4.41
N SER C 321 -0.58 7.37 -4.48
CA SER C 321 -1.89 7.97 -4.40
C SER C 321 -2.01 9.10 -5.42
N LEU C 322 -1.64 8.88 -6.68
CA LEU C 322 -1.71 9.95 -7.67
C LEU C 322 -2.81 9.72 -8.69
N ASP C 323 -2.81 8.63 -9.43
CA ASP C 323 -3.83 8.39 -10.45
C ASP C 323 -4.82 7.35 -9.94
N SER C 324 -5.61 7.78 -8.96
CA SER C 324 -6.32 6.85 -8.06
C SER C 324 -7.38 6.03 -8.80
N SER C 325 -8.29 6.69 -9.50
CA SER C 325 -9.32 5.93 -10.21
C SER C 325 -8.77 5.23 -11.43
N ARG C 326 -7.73 5.78 -12.07
CA ARG C 326 -7.12 5.06 -13.17
C ARG C 326 -6.38 3.83 -12.68
N ARG C 327 -5.74 3.93 -11.51
CA ARG C 327 -5.12 2.75 -10.92
C ARG C 327 -6.17 1.73 -10.50
N GLN C 328 -7.33 2.18 -10.03
CA GLN C 328 -8.39 1.24 -9.68
C GLN C 328 -8.96 0.56 -10.92
N TYR C 329 -9.11 1.32 -12.01
CA TYR C 329 -9.53 0.74 -13.28
C TYR C 329 -8.54 -0.29 -13.78
N GLN C 330 -7.26 0.01 -13.67
CA GLN C 330 -6.28 -0.93 -14.19
C GLN C 330 -6.13 -2.14 -13.28
N GLU C 331 -6.37 -1.98 -11.98
CA GLU C 331 -6.40 -3.15 -11.09
C GLU C 331 -7.57 -4.06 -11.41
N LYS C 332 -8.76 -3.47 -11.60
CA LYS C 332 -9.92 -4.29 -11.90
C LYS C 332 -9.81 -4.93 -13.27
N TYR C 333 -9.25 -4.22 -14.24
CA TYR C 333 -9.10 -4.81 -15.56
C TYR C 333 -7.97 -5.82 -15.59
N LYS C 334 -6.97 -5.68 -14.71
CA LYS C 334 -5.96 -6.73 -14.60
C LYS C 334 -6.56 -7.98 -13.98
N GLN C 335 -7.49 -7.81 -13.05
CA GLN C 335 -8.20 -8.98 -12.53
C GLN C 335 -9.09 -9.60 -13.58
N VAL C 336 -9.68 -8.80 -14.46
CA VAL C 336 -10.45 -9.36 -15.56
C VAL C 336 -9.56 -10.12 -16.53
N GLU C 337 -8.36 -9.57 -16.82
CA GLU C 337 -7.39 -10.27 -17.66
C GLU C 337 -6.98 -11.60 -17.08
N GLN C 338 -6.72 -11.62 -15.78
CA GLN C 338 -6.33 -12.86 -15.15
C GLN C 338 -7.50 -13.83 -15.03
N TYR C 339 -8.72 -13.33 -14.96
CA TYR C 339 -9.89 -14.20 -15.04
C TYR C 339 -10.00 -14.86 -16.41
N MET C 340 -9.78 -14.07 -17.47
CA MET C 340 -9.88 -14.59 -18.82
C MET C 340 -8.76 -15.59 -19.09
N SER C 341 -7.57 -15.32 -18.56
CA SER C 341 -6.47 -16.27 -18.74
C SER C 341 -6.65 -17.51 -17.88
N PHE C 342 -7.30 -17.38 -16.72
CA PHE C 342 -7.53 -18.53 -15.87
C PHE C 342 -8.56 -19.46 -16.44
N HIS C 343 -9.61 -18.92 -17.08
CA HIS C 343 -10.59 -19.78 -17.70
C HIS C 343 -10.31 -20.03 -19.16
N LYS C 344 -9.22 -19.47 -19.70
CA LYS C 344 -8.72 -19.74 -21.06
C LYS C 344 -9.77 -19.40 -22.11
N LEU C 345 -10.24 -18.15 -22.07
CA LEU C 345 -11.23 -17.71 -23.02
C LEU C 345 -10.60 -17.55 -24.40
N PRO C 346 -11.37 -17.76 -25.47
CA PRO C 346 -10.81 -17.55 -26.81
C PRO C 346 -10.57 -16.08 -27.06
N PRO C 347 -9.62 -15.74 -27.94
CA PRO C 347 -9.24 -14.33 -28.12
C PRO C 347 -10.31 -13.46 -28.75
N ASP C 348 -11.33 -14.04 -29.38
CA ASP C 348 -12.46 -13.25 -29.85
C ASP C 348 -13.21 -12.66 -28.67
N THR C 349 -13.52 -13.48 -27.67
CA THR C 349 -14.20 -12.96 -26.48
C THR C 349 -13.29 -12.06 -25.68
N ARG C 350 -11.99 -12.29 -25.69
CA ARG C 350 -11.08 -11.39 -24.99
C ARG C 350 -11.01 -10.04 -25.66
N GLN C 351 -11.09 -10.01 -26.99
CA GLN C 351 -11.13 -8.73 -27.68
C GLN C 351 -12.45 -8.02 -27.43
N ARG C 352 -13.55 -8.76 -27.37
CA ARG C 352 -14.84 -8.15 -27.07
C ARG C 352 -14.90 -7.61 -25.65
N ILE C 353 -14.27 -8.29 -24.70
CA ILE C 353 -14.25 -7.79 -23.34
C ILE C 353 -13.31 -6.60 -23.20
N HIS C 354 -12.20 -6.58 -23.93
CA HIS C 354 -11.33 -5.40 -23.95
C HIS C 354 -12.05 -4.19 -24.51
N ASP C 355 -12.78 -4.38 -25.60
CA ASP C 355 -13.58 -3.27 -26.13
C ASP C 355 -14.73 -2.90 -25.21
N TYR C 356 -15.26 -3.86 -24.45
CA TYR C 356 -16.34 -3.55 -23.52
C TYR C 356 -15.83 -2.70 -22.37
N TYR C 357 -14.70 -3.06 -21.78
CA TYR C 357 -14.19 -2.25 -20.69
C TYR C 357 -13.66 -0.91 -21.17
N GLU C 358 -13.22 -0.82 -22.42
CA GLU C 358 -12.79 0.50 -22.85
C GLU C 358 -13.94 1.36 -23.38
N HIS C 359 -15.10 0.78 -23.66
CA HIS C 359 -16.28 1.60 -23.96
C HIS C 359 -17.10 1.94 -22.72
N ARG C 360 -17.20 1.00 -21.79
CA ARG C 360 -18.15 1.13 -20.68
C ARG C 360 -17.62 2.07 -19.60
N TYR C 361 -16.36 1.90 -19.21
CA TYR C 361 -15.80 2.68 -18.12
C TYR C 361 -14.89 3.80 -18.59
N GLN C 362 -14.37 3.70 -19.81
CA GLN C 362 -13.52 4.72 -20.45
C GLN C 362 -12.28 5.03 -19.61
N GLY C 363 -11.65 3.99 -19.08
CA GLY C 363 -10.37 4.13 -18.45
C GLY C 363 -10.39 4.53 -16.99
N LYS C 364 -11.53 4.96 -16.46
CA LYS C 364 -11.64 5.41 -15.08
C LYS C 364 -12.85 4.74 -14.46
N MET C 365 -12.62 3.92 -13.44
CA MET C 365 -13.69 3.13 -12.83
C MET C 365 -14.11 3.78 -11.51
N PHE C 366 -15.40 4.04 -11.40
CA PHE C 366 -15.99 4.73 -10.27
C PHE C 366 -16.95 3.82 -9.53
N ASP C 367 -16.94 3.90 -8.21
CA ASP C 367 -17.99 3.28 -7.40
C ASP C 367 -19.14 4.28 -7.28
N GLU C 368 -19.88 4.40 -8.38
CA GLU C 368 -20.85 5.48 -8.54
C GLU C 368 -22.02 5.33 -7.58
N GLU C 369 -22.37 4.11 -7.22
CA GLU C 369 -23.42 3.87 -6.24
C GLU C 369 -23.04 4.45 -4.89
N SER C 370 -21.81 4.22 -4.43
CA SER C 370 -21.39 4.77 -3.15
C SER C 370 -21.19 6.27 -3.21
N ILE C 371 -20.70 6.79 -4.34
CA ILE C 371 -20.48 8.23 -4.49
C ILE C 371 -21.81 8.98 -4.44
N LEU C 372 -22.82 8.45 -5.12
CA LEU C 372 -24.13 9.07 -5.00
C LEU C 372 -24.78 8.78 -3.65
N GLY C 373 -24.45 7.67 -3.00
CA GLY C 373 -25.04 7.41 -1.70
C GLY C 373 -24.51 8.28 -0.61
N GLU C 374 -23.27 8.75 -0.73
CA GLU C 374 -22.75 9.70 0.24
C GLU C 374 -23.40 11.07 0.11
N LEU C 375 -23.82 11.45 -1.08
CA LEU C 375 -24.40 12.76 -1.29
C LEU C 375 -25.81 12.82 -0.72
N SER C 376 -26.29 14.05 -0.56
CA SER C 376 -27.65 14.26 -0.06
C SER C 376 -28.64 14.02 -1.19
N GLU C 377 -29.92 14.12 -0.86
CA GLU C 377 -30.96 13.93 -1.87
C GLU C 377 -31.00 15.01 -2.96
N PRO C 378 -30.96 16.32 -2.67
CA PRO C 378 -31.00 17.28 -3.78
C PRO C 378 -29.77 17.28 -4.64
N LEU C 379 -28.62 16.89 -4.10
CA LEU C 379 -27.44 16.80 -4.94
C LEU C 379 -27.50 15.60 -5.86
N ARG C 380 -28.04 14.47 -5.38
CA ARG C 380 -28.31 13.34 -6.27
C ARG C 380 -29.27 13.74 -7.38
N GLU C 381 -30.34 14.47 -7.03
CA GLU C 381 -31.31 14.88 -8.03
C GLU C 381 -30.70 15.84 -9.04
N GLU C 382 -29.81 16.72 -8.58
CA GLU C 382 -29.21 17.70 -9.48
C GLU C 382 -28.18 17.08 -10.40
N ILE C 383 -27.33 16.18 -9.87
CA ILE C 383 -26.35 15.50 -10.71
C ILE C 383 -27.02 14.59 -11.73
N ILE C 384 -28.06 13.88 -11.31
CA ILE C 384 -28.71 12.96 -12.25
C ILE C 384 -29.52 13.73 -13.28
N ASN C 385 -30.09 14.88 -12.92
CA ASN C 385 -30.71 15.73 -13.94
C ASN C 385 -29.67 16.33 -14.89
N PHE C 386 -28.45 16.54 -14.41
CA PHE C 386 -27.43 17.04 -15.33
C PHE C 386 -26.97 15.96 -16.29
N ASN C 387 -26.67 14.76 -15.77
CA ASN C 387 -26.08 13.69 -16.58
C ASN C 387 -27.04 13.10 -17.60
N CYS C 388 -28.33 13.42 -17.52
CA CYS C 388 -29.29 12.86 -18.45
C CYS C 388 -30.04 13.94 -19.20
N ARG C 389 -29.47 15.13 -19.32
CA ARG C 389 -30.18 16.22 -19.99
C ARG C 389 -30.25 16.00 -21.49
N LYS C 390 -29.31 15.25 -22.06
CA LYS C 390 -29.40 14.91 -23.47
C LYS C 390 -30.54 13.94 -23.72
N LEU C 391 -30.75 13.01 -22.79
CA LEU C 391 -31.88 12.10 -22.90
C LEU C 391 -33.20 12.84 -22.76
N VAL C 392 -33.29 13.73 -21.76
CA VAL C 392 -34.53 14.45 -21.49
C VAL C 392 -34.86 15.41 -22.62
N ALA C 393 -33.83 16.05 -23.19
CA ALA C 393 -34.04 16.90 -24.35
C ALA C 393 -34.40 16.09 -25.58
N SER C 394 -33.86 14.89 -25.69
CA SER C 394 -34.10 14.09 -26.89
C SER C 394 -35.45 13.38 -26.84
N MET C 395 -35.85 12.90 -25.68
CA MET C 395 -37.10 12.15 -25.59
C MET C 395 -38.29 13.10 -25.68
N PRO C 396 -39.32 12.73 -26.45
CA PRO C 396 -40.53 13.57 -26.47
C PRO C 396 -41.33 13.48 -25.20
N LEU C 397 -41.18 12.38 -24.45
CA LEU C 397 -41.94 12.20 -23.22
C LEU C 397 -41.43 13.12 -22.12
N PHE C 398 -40.13 13.09 -21.85
CA PHE C 398 -39.59 13.81 -20.71
C PHE C 398 -39.62 15.31 -20.90
N ALA C 399 -39.56 15.78 -22.15
CA ALA C 399 -39.59 17.21 -22.41
C ALA C 399 -40.98 17.81 -22.25
N ASN C 400 -42.01 16.98 -22.12
CA ASN C 400 -43.36 17.49 -21.94
C ASN C 400 -43.99 16.86 -20.70
N ALA C 401 -43.26 16.87 -19.58
CA ALA C 401 -43.72 16.17 -18.40
C ALA C 401 -43.37 16.96 -17.16
N ASP C 402 -43.84 16.46 -16.03
CA ASP C 402 -43.55 17.07 -14.73
C ASP C 402 -42.08 16.88 -14.40
N PRO C 403 -41.36 17.94 -14.04
CA PRO C 403 -39.95 17.76 -13.65
C PRO C 403 -39.75 16.94 -12.39
N ASN C 404 -40.73 16.90 -11.50
CA ASN C 404 -40.67 15.94 -10.41
C ASN C 404 -40.76 14.51 -10.93
N PHE C 405 -41.62 14.27 -11.91
CA PHE C 405 -41.70 12.96 -12.54
C PHE C 405 -40.42 12.60 -13.27
N VAL C 406 -39.83 13.57 -13.97
CA VAL C 406 -38.57 13.34 -14.68
C VAL C 406 -37.47 12.97 -13.71
N THR C 407 -37.40 13.68 -12.58
CA THR C 407 -36.34 13.40 -11.62
C THR C 407 -36.57 12.06 -10.92
N SER C 408 -37.82 11.76 -10.58
CA SER C 408 -38.11 10.48 -9.95
C SER C 408 -37.91 9.32 -10.89
N MET C 409 -38.04 9.54 -12.19
CA MET C 409 -37.72 8.49 -13.14
C MET C 409 -36.21 8.34 -13.29
N LEU C 410 -35.49 9.47 -13.39
CA LEU C 410 -34.07 9.41 -13.66
C LEU C 410 -33.26 8.92 -12.47
N THR C 411 -33.79 9.01 -11.25
CA THR C 411 -33.07 8.40 -10.14
C THR C 411 -33.12 6.87 -10.17
N LYS C 412 -34.01 6.29 -10.96
CA LYS C 412 -34.14 4.84 -11.00
C LYS C 412 -33.44 4.19 -12.18
N LEU C 413 -32.88 4.96 -13.10
CA LEU C 413 -32.31 4.36 -14.29
C LEU C 413 -30.92 3.80 -14.02
N ARG C 414 -30.50 2.88 -14.88
CA ARG C 414 -29.18 2.27 -14.77
C ARG C 414 -28.49 2.30 -16.12
N PHE C 415 -27.28 2.83 -16.15
CA PHE C 415 -26.55 2.96 -17.41
C PHE C 415 -26.00 1.63 -17.86
N GLU C 416 -26.19 1.30 -19.13
CA GLU C 416 -25.69 0.05 -19.70
C GLU C 416 -25.12 0.29 -21.08
N VAL C 417 -24.17 -0.55 -21.48
CA VAL C 417 -23.50 -0.43 -22.77
C VAL C 417 -23.56 -1.79 -23.44
N PHE C 418 -24.01 -1.81 -24.69
CA PHE C 418 -24.11 -3.02 -25.47
C PHE C 418 -23.27 -2.89 -26.72
N GLN C 419 -22.44 -3.89 -26.99
CA GLN C 419 -21.67 -3.94 -28.21
C GLN C 419 -22.59 -4.30 -29.38
N PRO C 420 -22.22 -3.94 -30.60
CA PRO C 420 -23.06 -4.28 -31.75
C PRO C 420 -23.12 -5.79 -31.99
N GLY C 421 -24.27 -6.24 -32.46
CA GLY C 421 -24.54 -7.65 -32.63
C GLY C 421 -25.19 -8.32 -31.44
N ASP C 422 -25.13 -7.70 -30.27
CA ASP C 422 -25.66 -8.31 -29.06
C ASP C 422 -27.18 -8.31 -29.08
N TYR C 423 -27.78 -9.39 -28.60
CA TYR C 423 -29.22 -9.45 -28.44
C TYR C 423 -29.58 -8.87 -27.08
N ILE C 424 -30.16 -7.67 -27.09
CA ILE C 424 -30.61 -7.04 -25.86
C ILE C 424 -31.78 -7.81 -25.28
N ILE C 425 -32.82 -7.96 -26.07
CA ILE C 425 -34.05 -8.64 -25.67
C ILE C 425 -34.23 -9.81 -26.62
N ARG C 426 -34.45 -11.00 -26.08
CA ARG C 426 -34.74 -12.15 -26.91
C ARG C 426 -36.24 -12.36 -27.00
N GLU C 427 -36.70 -12.73 -28.19
CA GLU C 427 -38.13 -12.76 -28.47
C GLU C 427 -38.78 -13.95 -27.77
N GLY C 428 -39.72 -13.67 -26.89
CA GLY C 428 -40.46 -14.73 -26.22
C GLY C 428 -39.88 -15.18 -24.90
N THR C 429 -39.33 -14.27 -24.12
CA THR C 429 -38.90 -14.54 -22.75
C THR C 429 -39.70 -13.65 -21.82
N ILE C 430 -39.60 -13.93 -20.52
CA ILE C 430 -40.28 -13.10 -19.53
C ILE C 430 -39.42 -11.89 -19.24
N GLY C 431 -39.95 -10.70 -19.56
CA GLY C 431 -39.17 -9.49 -19.48
C GLY C 431 -39.18 -8.88 -18.09
N LYS C 432 -38.02 -8.36 -17.68
CA LYS C 432 -37.88 -7.75 -16.38
C LYS C 432 -37.29 -6.35 -16.42
N LYS C 433 -36.94 -5.83 -17.59
CA LYS C 433 -36.36 -4.51 -17.70
C LYS C 433 -36.97 -3.76 -18.88
N MET C 434 -36.75 -2.45 -18.86
CA MET C 434 -37.26 -1.53 -19.87
C MET C 434 -36.12 -0.62 -20.27
N TYR C 435 -35.90 -0.42 -21.56
CA TYR C 435 -34.72 0.25 -22.05
C TYR C 435 -35.05 1.58 -22.70
N PHE C 436 -34.37 2.63 -22.27
CA PHE C 436 -34.33 3.91 -22.95
C PHE C 436 -33.02 3.98 -23.72
N ILE C 437 -33.03 4.65 -24.86
CA ILE C 437 -31.84 4.74 -25.69
C ILE C 437 -31.23 6.12 -25.50
N GLN C 438 -30.02 6.18 -24.94
CA GLN C 438 -29.30 7.44 -24.92
C GLN C 438 -28.54 7.65 -26.21
N HIS C 439 -27.85 6.61 -26.68
CA HIS C 439 -27.02 6.78 -27.87
C HIS C 439 -26.96 5.46 -28.62
N GLY C 440 -26.97 5.54 -29.94
CA GLY C 440 -26.91 4.37 -30.78
C GLY C 440 -28.27 4.04 -31.38
N VAL C 441 -28.27 3.04 -32.26
CA VAL C 441 -29.49 2.58 -32.89
C VAL C 441 -29.62 1.07 -32.69
N VAL C 442 -30.86 0.60 -32.59
CA VAL C 442 -31.11 -0.83 -32.43
C VAL C 442 -32.06 -1.28 -33.53
N SER C 443 -32.08 -2.59 -33.75
CA SER C 443 -32.95 -3.22 -34.73
C SER C 443 -33.96 -4.08 -34.00
N VAL C 444 -35.23 -3.74 -34.11
CA VAL C 444 -36.30 -4.60 -33.62
C VAL C 444 -36.59 -5.65 -34.69
N LEU C 445 -36.31 -6.90 -34.35
CA LEU C 445 -36.57 -8.04 -35.21
C LEU C 445 -37.82 -8.73 -34.71
N THR C 446 -38.77 -8.96 -35.60
CA THR C 446 -39.99 -9.68 -35.28
C THR C 446 -40.14 -10.83 -36.27
N LYS C 447 -40.56 -11.98 -35.78
CA LYS C 447 -40.72 -13.16 -36.62
C LYS C 447 -41.82 -12.96 -37.65
N GLY C 448 -41.42 -12.92 -38.91
CA GLY C 448 -42.35 -12.74 -40.01
C GLY C 448 -42.63 -11.31 -40.38
N ASN C 449 -41.94 -10.35 -39.78
CA ASN C 449 -42.13 -8.94 -40.08
C ASN C 449 -40.77 -8.30 -40.37
N LYS C 450 -40.82 -7.06 -40.84
CA LYS C 450 -39.62 -6.33 -41.20
C LYS C 450 -38.99 -5.72 -39.96
N GLU C 451 -37.66 -5.68 -39.94
CA GLU C 451 -36.95 -5.07 -38.83
C GLU C 451 -37.17 -3.56 -38.83
N THR C 452 -37.19 -2.96 -37.65
CA THR C 452 -37.36 -1.51 -37.54
C THR C 452 -36.21 -0.93 -36.73
N LYS C 453 -35.62 0.14 -37.24
CA LYS C 453 -34.56 0.80 -36.50
C LYS C 453 -35.15 1.75 -35.48
N LEU C 454 -34.52 1.79 -34.32
CA LEU C 454 -34.85 2.76 -33.29
C LEU C 454 -33.60 3.55 -32.94
N ALA C 455 -33.80 4.84 -32.67
CA ALA C 455 -32.68 5.75 -32.46
C ALA C 455 -32.82 6.47 -31.13
N ASP C 456 -32.06 7.54 -30.95
CA ASP C 456 -31.99 8.23 -29.68
C ASP C 456 -33.31 8.88 -29.32
N GLY C 457 -33.69 8.78 -28.05
CA GLY C 457 -34.97 9.29 -27.63
C GLY C 457 -36.04 8.23 -27.64
N SER C 458 -35.95 7.28 -28.56
CA SER C 458 -36.91 6.20 -28.58
C SER C 458 -36.59 5.21 -27.49
N TYR C 459 -37.63 4.62 -26.92
CA TYR C 459 -37.45 3.58 -25.93
C TYR C 459 -38.14 2.31 -26.41
N PHE C 460 -37.83 1.20 -25.77
CA PHE C 460 -38.40 -0.08 -26.17
C PHE C 460 -38.46 -0.99 -24.96
N GLY C 461 -39.23 -2.06 -25.11
CA GLY C 461 -39.35 -3.02 -24.03
C GLY C 461 -40.24 -2.49 -22.93
N GLU C 462 -41.46 -2.10 -23.27
CA GLU C 462 -42.38 -1.55 -22.31
C GLU C 462 -43.73 -2.26 -22.27
N ILE C 463 -44.02 -3.12 -23.24
CA ILE C 463 -45.30 -3.83 -23.24
C ILE C 463 -45.32 -4.86 -22.13
N CYS C 464 -44.17 -5.47 -21.84
CA CYS C 464 -44.11 -6.50 -20.81
C CYS C 464 -44.15 -5.88 -19.42
N LEU C 465 -43.80 -4.61 -19.30
CA LEU C 465 -43.91 -3.97 -17.99
C LEU C 465 -45.32 -3.47 -17.75
N LEU C 466 -46.13 -3.37 -18.80
CA LEU C 466 -47.51 -2.97 -18.64
C LEU C 466 -48.44 -4.18 -18.53
N THR C 467 -48.08 -5.28 -19.17
CA THR C 467 -48.99 -6.42 -19.29
C THR C 467 -48.51 -7.66 -18.57
N ARG C 468 -47.25 -7.71 -18.13
CA ARG C 468 -46.62 -8.87 -17.47
C ARG C 468 -46.64 -10.12 -18.35
N GLY C 469 -46.62 -9.95 -19.66
CA GLY C 469 -46.63 -11.08 -20.55
C GLY C 469 -45.24 -11.56 -20.89
N ARG C 470 -45.01 -11.86 -22.17
CA ARG C 470 -43.69 -12.26 -22.64
C ARG C 470 -43.29 -11.31 -23.76
N ARG C 471 -41.99 -11.33 -24.10
CA ARG C 471 -41.46 -10.40 -25.08
C ARG C 471 -42.00 -10.69 -26.46
N THR C 472 -42.50 -9.65 -27.12
CA THR C 472 -43.12 -9.81 -28.43
C THR C 472 -42.14 -9.73 -29.57
N ALA C 473 -40.97 -9.13 -29.39
CA ALA C 473 -40.04 -8.96 -30.49
C ALA C 473 -38.62 -8.90 -29.96
N SER C 474 -37.71 -9.56 -30.64
CA SER C 474 -36.31 -9.50 -30.27
C SER C 474 -35.74 -8.13 -30.64
N VAL C 475 -34.71 -7.70 -29.91
CA VAL C 475 -34.03 -6.45 -30.18
C VAL C 475 -32.54 -6.73 -30.24
N ARG C 476 -31.89 -6.32 -31.32
CA ARG C 476 -30.47 -6.54 -31.51
C ARG C 476 -29.78 -5.19 -31.64
N ALA C 477 -28.58 -5.08 -31.11
CA ALA C 477 -27.85 -3.82 -31.23
C ALA C 477 -27.29 -3.66 -32.64
N ASP C 478 -26.98 -2.43 -32.98
CA ASP C 478 -26.37 -2.14 -34.29
C ASP C 478 -25.06 -1.40 -34.17
N THR C 479 -24.95 -0.46 -33.25
CA THR C 479 -23.71 0.23 -32.92
C THR C 479 -23.40 -0.02 -31.46
N TYR C 480 -22.39 0.69 -30.95
CA TYR C 480 -22.14 0.62 -29.52
C TYR C 480 -23.24 1.39 -28.81
N CYS C 481 -24.28 0.68 -28.40
CA CYS C 481 -25.46 1.31 -27.82
C CYS C 481 -25.19 1.67 -26.36
N ARG C 482 -25.53 2.89 -25.99
CA ARG C 482 -25.54 3.33 -24.61
C ARG C 482 -26.99 3.49 -24.21
N LEU C 483 -27.47 2.64 -23.32
CA LEU C 483 -28.87 2.59 -22.96
C LEU C 483 -29.03 2.88 -21.48
N TYR C 484 -30.27 3.15 -21.10
CA TYR C 484 -30.67 3.22 -19.71
C TYR C 484 -31.72 2.16 -19.47
N SER C 485 -31.45 1.27 -18.54
CA SER C 485 -32.38 0.22 -18.17
C SER C 485 -33.21 0.66 -16.98
N LEU C 486 -34.43 0.15 -16.91
CA LEU C 486 -35.36 0.44 -15.83
C LEU C 486 -36.04 -0.85 -15.44
N SER C 487 -35.98 -1.19 -14.15
CA SER C 487 -36.55 -2.45 -13.71
C SER C 487 -38.07 -2.37 -13.65
N VAL C 488 -38.69 -3.52 -13.42
CA VAL C 488 -40.15 -3.57 -13.31
C VAL C 488 -40.61 -2.89 -12.03
N ASP C 489 -39.91 -3.16 -10.93
CA ASP C 489 -40.35 -2.69 -9.62
C ASP C 489 -40.26 -1.17 -9.52
N ASN C 490 -39.19 -0.59 -10.05
CA ASN C 490 -39.07 0.86 -10.05
C ASN C 490 -40.07 1.50 -10.99
N PHE C 491 -40.40 0.83 -12.09
CA PHE C 491 -41.38 1.36 -13.03
C PHE C 491 -42.77 1.39 -12.41
N ASN C 492 -43.14 0.31 -11.71
CA ASN C 492 -44.43 0.30 -11.02
C ASN C 492 -44.43 1.26 -9.84
N GLU C 493 -43.28 1.48 -9.21
CA GLU C 493 -43.21 2.43 -8.11
C GLU C 493 -43.41 3.86 -8.58
N VAL C 494 -42.74 4.22 -9.69
CA VAL C 494 -42.86 5.57 -10.23
C VAL C 494 -44.24 5.80 -10.83
N LEU C 495 -44.86 4.76 -11.39
CA LEU C 495 -46.24 4.96 -11.83
C LEU C 495 -47.24 4.93 -10.66
N GLU C 496 -46.90 4.32 -9.54
CA GLU C 496 -47.76 4.45 -8.37
C GLU C 496 -47.64 5.83 -7.76
N GLU C 497 -46.47 6.48 -7.93
CA GLU C 497 -46.37 7.90 -7.63
C GLU C 497 -47.27 8.70 -8.55
N TYR C 498 -47.07 8.57 -9.86
CA TYR C 498 -47.73 9.40 -10.87
C TYR C 498 -48.52 8.49 -11.80
N PRO C 499 -49.78 8.19 -11.50
CA PRO C 499 -50.59 7.35 -12.38
C PRO C 499 -51.05 8.03 -13.66
N MET C 500 -50.82 9.32 -13.81
CA MET C 500 -51.25 10.02 -15.01
C MET C 500 -50.26 9.89 -16.16
N MET C 501 -49.01 9.56 -15.87
CA MET C 501 -48.03 9.31 -16.92
C MET C 501 -48.03 7.87 -17.41
N ARG C 502 -48.87 7.02 -16.83
CA ARG C 502 -48.99 5.65 -17.33
C ARG C 502 -49.63 5.64 -18.71
N ARG C 503 -50.52 6.59 -18.98
CA ARG C 503 -51.29 6.57 -20.22
C ARG C 503 -50.42 6.89 -21.43
N ALA C 504 -49.29 7.57 -21.21
CA ALA C 504 -48.34 7.78 -22.30
C ALA C 504 -47.74 6.47 -22.76
N PHE C 505 -47.29 5.64 -21.81
CA PHE C 505 -46.74 4.34 -22.16
C PHE C 505 -47.82 3.41 -22.69
N GLU C 506 -49.04 3.54 -22.19
CA GLU C 506 -50.12 2.72 -22.72
C GLU C 506 -50.49 3.11 -24.15
N THR C 507 -50.40 4.40 -24.48
CA THR C 507 -50.64 4.85 -25.85
C THR C 507 -49.55 4.34 -26.79
N VAL C 508 -48.29 4.45 -26.37
CA VAL C 508 -47.18 3.99 -27.20
C VAL C 508 -47.21 2.48 -27.37
N ALA C 509 -47.53 1.75 -26.30
CA ALA C 509 -47.59 0.30 -26.40
C ALA C 509 -48.77 -0.18 -27.22
N LEU C 510 -49.91 0.53 -27.17
CA LEU C 510 -51.03 0.19 -28.02
C LEU C 510 -50.70 0.47 -29.48
N ASP C 511 -49.95 1.54 -29.75
CA ASP C 511 -49.52 1.82 -31.13
C ASP C 511 -48.54 0.77 -31.63
N ARG C 512 -47.65 0.30 -30.76
CA ARG C 512 -46.68 -0.69 -31.20
C ARG C 512 -47.29 -2.08 -31.32
N LEU C 513 -48.35 -2.38 -30.56
CA LEU C 513 -49.12 -3.58 -30.84
C LEU C 513 -49.92 -3.43 -32.12
N ASP C 514 -50.37 -2.20 -32.43
CA ASP C 514 -51.06 -1.94 -33.69
C ASP C 514 -50.13 -2.11 -34.88
N ARG C 515 -48.83 -1.82 -34.71
CA ARG C 515 -47.88 -2.05 -35.79
C ARG C 515 -47.63 -3.54 -36.05
N ILE C 516 -48.00 -4.41 -35.12
CA ILE C 516 -47.90 -5.84 -35.33
C ILE C 516 -49.29 -6.45 -35.35
N MET D 16 -5.15 18.23 -54.25
CA MET D 16 -5.42 17.22 -53.23
C MET D 16 -5.84 17.87 -51.93
N GLN D 17 -6.61 18.95 -52.03
CA GLN D 17 -7.06 19.68 -50.85
C GLN D 17 -8.11 18.90 -50.07
N ARG D 18 -8.76 17.93 -50.72
CA ARG D 18 -9.60 17.00 -49.98
C ARG D 18 -8.76 15.99 -49.22
N GLN D 19 -7.70 15.48 -49.87
CA GLN D 19 -6.86 14.47 -49.22
C GLN D 19 -5.99 15.08 -48.13
N PHE D 20 -5.50 16.30 -48.36
CA PHE D 20 -4.74 17.04 -47.36
C PHE D 20 -5.62 17.80 -46.39
N GLY D 21 -6.94 17.56 -46.39
CA GLY D 21 -7.83 18.15 -45.42
C GLY D 21 -8.53 17.09 -44.60
N ALA D 22 -8.42 15.84 -45.04
CA ALA D 22 -8.99 14.73 -44.28
C ALA D 22 -8.09 14.31 -43.13
N MET D 23 -6.82 14.71 -43.16
CA MET D 23 -5.91 14.36 -42.07
C MET D 23 -6.11 15.22 -40.84
N LEU D 24 -6.69 16.41 -40.98
CA LEU D 24 -6.86 17.31 -39.86
C LEU D 24 -8.11 17.04 -39.04
N GLN D 25 -8.87 16.02 -39.39
CA GLN D 25 -10.12 15.71 -38.71
C GLN D 25 -10.06 14.28 -38.19
N PRO D 26 -10.73 13.99 -37.07
CA PRO D 26 -10.59 12.67 -36.46
C PRO D 26 -11.22 11.54 -37.27
N GLY D 27 -10.38 10.70 -37.83
CA GLY D 27 -10.88 9.58 -38.61
C GLY D 27 -11.45 8.48 -37.73
N VAL D 28 -12.15 7.56 -38.39
CA VAL D 28 -12.76 6.45 -37.68
C VAL D 28 -11.70 5.42 -37.33
N ASN D 29 -11.54 5.16 -36.03
CA ASN D 29 -10.60 4.17 -35.53
C ASN D 29 -11.11 3.69 -34.19
N LYS D 30 -10.25 2.97 -33.45
CA LYS D 30 -10.64 2.56 -32.10
C LYS D 30 -10.69 3.75 -31.16
N PHE D 31 -9.87 4.77 -31.40
CA PHE D 31 -9.82 5.90 -30.50
C PHE D 31 -11.02 6.81 -30.66
N SER D 32 -11.45 7.06 -31.90
CA SER D 32 -12.62 7.91 -32.10
C SER D 32 -13.89 7.19 -31.66
N LEU D 33 -13.95 5.88 -31.88
CA LEU D 33 -15.08 5.12 -31.39
C LEU D 33 -15.01 4.86 -29.90
N ARG D 34 -13.88 5.19 -29.25
CA ARG D 34 -13.86 5.12 -27.80
C ARG D 34 -14.22 6.46 -27.19
N MET D 35 -13.74 7.56 -27.76
CA MET D 35 -13.86 8.86 -27.12
C MET D 35 -15.10 9.63 -27.49
N PHE D 36 -15.77 9.28 -28.59
CA PHE D 36 -16.95 10.00 -29.01
C PHE D 36 -18.23 9.20 -28.87
N GLY D 37 -18.14 7.89 -28.70
CA GLY D 37 -19.32 7.06 -28.70
C GLY D 37 -19.36 6.21 -29.96
N SER D 38 -20.26 6.52 -30.87
CA SER D 38 -20.42 5.74 -32.08
C SER D 38 -19.95 6.55 -33.28
N GLN D 39 -20.11 5.97 -34.46
CA GLN D 39 -19.57 6.57 -35.67
C GLN D 39 -20.33 7.83 -36.05
N LYS D 40 -21.60 7.95 -35.63
CA LYS D 40 -22.35 9.16 -35.94
C LYS D 40 -21.83 10.36 -35.17
N ALA D 41 -21.37 10.16 -33.93
CA ALA D 41 -20.74 11.25 -33.21
C ALA D 41 -19.40 11.65 -33.82
N VAL D 42 -18.69 10.67 -34.39
CA VAL D 42 -17.45 10.96 -35.10
C VAL D 42 -17.74 11.79 -36.34
N GLU D 43 -18.82 11.47 -37.06
CA GLU D 43 -19.17 12.23 -38.24
C GLU D 43 -19.63 13.64 -37.89
N ARG D 44 -20.37 13.79 -36.79
CA ARG D 44 -20.75 15.13 -36.35
C ARG D 44 -19.54 15.93 -35.86
N GLU D 45 -18.56 15.25 -35.27
CA GLU D 45 -17.31 15.93 -34.91
C GLU D 45 -16.55 16.39 -36.15
N GLN D 46 -16.52 15.55 -37.20
CA GLN D 46 -15.85 15.94 -38.44
C GLN D 46 -16.57 17.11 -39.10
N GLU D 47 -17.89 17.13 -39.04
CA GLU D 47 -18.64 18.26 -39.58
C GLU D 47 -18.43 19.51 -38.74
N ARG D 48 -18.17 19.36 -37.44
CA ARG D 48 -17.86 20.52 -36.63
C ARG D 48 -16.45 21.03 -36.91
N VAL D 49 -15.55 20.13 -37.31
CA VAL D 49 -14.19 20.53 -37.68
C VAL D 49 -14.20 21.28 -39.01
N LYS D 50 -14.90 20.74 -40.01
CA LYS D 50 -14.86 21.30 -41.36
C LYS D 50 -15.49 22.69 -41.44
N SER D 51 -16.40 22.99 -40.53
CA SER D 51 -17.06 24.29 -40.50
C SER D 51 -16.39 25.29 -39.57
N ALA D 52 -15.20 24.97 -39.05
CA ALA D 52 -14.62 25.82 -38.02
C ALA D 52 -13.92 27.05 -38.61
N GLY D 53 -13.07 26.86 -39.61
CA GLY D 53 -12.38 27.99 -40.20
C GLY D 53 -11.29 27.53 -41.15
N PHE D 54 -10.33 28.43 -41.35
CA PHE D 54 -9.19 28.18 -42.23
C PHE D 54 -8.25 27.16 -41.63
N TRP D 55 -8.44 25.89 -41.99
CA TRP D 55 -7.54 24.79 -41.68
C TRP D 55 -7.33 24.60 -40.18
N ILE D 56 -8.37 24.24 -39.46
CA ILE D 56 -8.27 24.00 -38.03
C ILE D 56 -7.85 22.56 -37.81
N ILE D 57 -6.91 22.36 -36.89
CA ILE D 57 -6.37 21.03 -36.60
C ILE D 57 -7.12 20.46 -35.40
N HIS D 58 -7.73 19.32 -35.59
CA HIS D 58 -8.39 18.66 -34.46
C HIS D 58 -7.34 17.90 -33.67
N PRO D 59 -7.39 17.95 -32.33
CA PRO D 59 -6.30 17.38 -31.54
C PRO D 59 -6.31 15.86 -31.52
N TYR D 60 -7.43 15.22 -31.83
CA TYR D 60 -7.49 13.78 -31.85
C TYR D 60 -7.31 13.22 -33.25
N SER D 61 -6.81 14.04 -34.18
CA SER D 61 -6.75 13.66 -35.57
C SER D 61 -5.57 12.75 -35.87
N ASP D 62 -5.28 12.56 -37.15
CA ASP D 62 -4.12 11.80 -37.57
C ASP D 62 -2.92 12.66 -37.87
N PHE D 63 -3.12 13.90 -38.30
CA PHE D 63 -1.97 14.77 -38.55
C PHE D 63 -1.34 15.24 -37.25
N ARG D 64 -2.18 15.58 -36.27
CA ARG D 64 -1.65 16.09 -35.02
C ARG D 64 -0.88 15.02 -34.26
N PHE D 65 -1.34 13.77 -34.36
CA PHE D 65 -0.69 12.67 -33.68
C PHE D 65 0.72 12.43 -34.22
N TYR D 66 0.84 12.21 -35.53
CA TYR D 66 2.16 11.94 -36.09
C TYR D 66 3.03 13.18 -36.17
N TRP D 67 2.42 14.37 -36.20
CA TRP D 67 3.21 15.58 -36.07
C TRP D 67 3.80 15.70 -34.67
N ASP D 68 3.02 15.37 -33.63
CA ASP D 68 3.56 15.34 -32.29
C ASP D 68 4.64 14.28 -32.14
N LEU D 69 4.49 13.16 -32.84
CA LEU D 69 5.51 12.11 -32.75
C LEU D 69 6.84 12.55 -33.38
N THR D 70 6.77 13.18 -34.56
CA THR D 70 8.00 13.70 -35.16
C THR D 70 8.59 14.83 -34.33
N MET D 71 7.76 15.64 -33.69
CA MET D 71 8.33 16.66 -32.80
C MET D 71 8.93 16.02 -31.55
N LEU D 72 8.40 14.89 -31.08
CA LEU D 72 9.02 14.23 -29.94
C LEU D 72 10.40 13.70 -30.28
N LEU D 73 10.53 13.08 -31.46
CA LEU D 73 11.84 12.60 -31.88
C LEU D 73 12.82 13.76 -32.08
N LEU D 74 12.34 14.86 -32.63
CA LEU D 74 13.22 16.00 -32.84
C LEU D 74 13.60 16.68 -31.53
N MET D 75 12.71 16.71 -30.54
CA MET D 75 13.05 17.33 -29.26
C MET D 75 14.00 16.47 -28.47
N VAL D 76 13.86 15.14 -28.52
CA VAL D 76 14.82 14.29 -27.84
C VAL D 76 16.20 14.44 -28.47
N GLY D 77 16.23 14.54 -29.80
CA GLY D 77 17.50 14.80 -30.48
C GLY D 77 18.11 16.15 -30.12
N ASN D 78 17.26 17.18 -30.01
CA ASN D 78 17.78 18.51 -29.70
C ASN D 78 18.24 18.61 -28.25
N LEU D 79 17.46 18.09 -27.31
CA LEU D 79 17.83 18.20 -25.91
C LEU D 79 18.99 17.28 -25.56
N ILE D 80 19.30 16.29 -26.40
CA ILE D 80 20.54 15.56 -26.19
C ILE D 80 21.71 16.30 -26.81
N ILE D 81 21.56 16.79 -28.05
CA ILE D 81 22.71 17.28 -28.79
C ILE D 81 23.13 18.68 -28.35
N ILE D 82 22.17 19.60 -28.26
CA ILE D 82 22.40 21.04 -28.05
C ILE D 82 23.29 21.39 -26.85
N PRO D 83 23.14 20.82 -25.63
CA PRO D 83 24.09 21.18 -24.57
C PRO D 83 25.50 20.69 -24.83
N VAL D 84 25.67 19.53 -25.47
CA VAL D 84 27.01 19.06 -25.77
C VAL D 84 27.65 19.94 -26.83
N GLY D 85 26.87 20.40 -27.79
CA GLY D 85 27.41 21.29 -28.80
C GLY D 85 27.73 22.66 -28.28
N ILE D 86 27.01 23.12 -27.26
CA ILE D 86 27.30 24.42 -26.71
C ILE D 86 28.50 24.38 -25.79
N THR D 87 28.55 23.40 -24.89
CA THR D 87 29.57 23.43 -23.85
C THR D 87 30.93 22.95 -24.32
N PHE D 88 30.99 21.79 -24.95
CA PHE D 88 32.30 21.18 -25.14
C PHE D 88 33.04 21.69 -26.36
N PHE D 89 32.35 22.20 -27.35
CA PHE D 89 33.01 22.68 -28.56
C PHE D 89 33.30 24.16 -28.47
N LYS D 90 34.46 24.56 -28.97
CA LYS D 90 34.96 25.90 -28.71
C LYS D 90 34.30 26.96 -29.59
N ASP D 91 34.53 26.90 -30.89
CA ASP D 91 33.89 27.82 -31.82
C ASP D 91 32.78 27.07 -32.53
N GLU D 92 31.69 26.84 -31.79
CA GLU D 92 30.58 26.03 -32.29
C GLU D 92 29.71 26.82 -33.25
N ASN D 93 30.31 27.29 -34.35
CA ASN D 93 29.60 28.04 -35.38
C ASN D 93 30.04 27.60 -36.76
N THR D 94 30.35 26.32 -36.94
CA THR D 94 30.59 25.80 -38.27
C THR D 94 29.26 25.60 -39.00
N THR D 95 29.36 25.33 -40.30
CA THR D 95 28.17 25.18 -41.12
C THR D 95 27.23 24.03 -40.74
N PRO D 96 27.69 22.80 -40.40
CA PRO D 96 26.70 21.77 -39.98
C PRO D 96 25.94 22.11 -38.72
N TRP D 97 26.58 22.79 -37.77
CA TRP D 97 25.91 23.17 -36.55
C TRP D 97 24.85 24.24 -36.79
N ILE D 98 25.16 25.22 -37.63
CA ILE D 98 24.20 26.29 -37.90
C ILE D 98 23.06 25.77 -38.76
N VAL D 99 23.36 24.85 -39.69
CA VAL D 99 22.31 24.21 -40.48
C VAL D 99 21.39 23.39 -39.58
N PHE D 100 21.95 22.69 -38.59
CA PHE D 100 21.13 21.90 -37.68
C PHE D 100 20.25 22.79 -36.82
N ASN D 101 20.80 23.86 -36.26
CA ASN D 101 20.01 24.77 -35.45
C ASN D 101 18.92 25.45 -36.27
N VAL D 102 19.22 25.84 -37.50
CA VAL D 102 18.23 26.58 -38.28
C VAL D 102 17.12 25.67 -38.78
N VAL D 103 17.44 24.42 -39.17
CA VAL D 103 16.41 23.46 -39.55
C VAL D 103 15.52 23.10 -38.36
N SER D 104 16.13 22.90 -37.19
CA SER D 104 15.34 22.62 -36.00
C SER D 104 14.44 23.79 -35.64
N ASP D 105 14.97 25.02 -35.63
CA ASP D 105 14.15 26.17 -35.30
C ASP D 105 13.09 26.45 -36.35
N THR D 106 13.32 26.02 -37.60
CA THR D 106 12.28 26.06 -38.60
C THR D 106 11.12 25.14 -38.22
N PHE D 107 11.43 23.91 -37.83
CA PHE D 107 10.38 22.99 -37.38
C PHE D 107 9.67 23.51 -36.12
N PHE D 108 10.40 24.14 -35.21
CA PHE D 108 9.74 24.59 -34.00
C PHE D 108 8.93 25.84 -34.23
N LEU D 109 9.29 26.69 -35.21
CA LEU D 109 8.39 27.78 -35.57
C LEU D 109 7.15 27.27 -36.29
N ILE D 110 7.29 26.21 -37.07
CA ILE D 110 6.12 25.59 -37.71
C ILE D 110 5.18 25.04 -36.65
N ASP D 111 5.73 24.41 -35.62
CA ASP D 111 4.86 23.90 -34.55
C ASP D 111 4.29 25.02 -33.70
N LEU D 112 5.02 26.13 -33.56
CA LEU D 112 4.50 27.29 -32.86
C LEU D 112 3.32 27.90 -33.61
N VAL D 113 3.40 27.95 -34.94
CA VAL D 113 2.29 28.48 -35.72
C VAL D 113 1.11 27.51 -35.69
N LEU D 114 1.36 26.21 -35.82
CA LEU D 114 0.28 25.23 -35.79
C LEU D 114 -0.39 25.12 -34.43
N ASN D 115 0.26 25.57 -33.36
CA ASN D 115 -0.45 25.60 -32.09
C ASN D 115 -1.51 26.69 -32.01
N PHE D 116 -1.54 27.63 -32.93
CA PHE D 116 -2.66 28.57 -33.03
C PHE D 116 -3.79 28.03 -33.89
N ARG D 117 -3.74 26.77 -34.30
CA ARG D 117 -4.80 26.18 -35.10
C ARG D 117 -5.23 24.84 -34.55
N THR D 118 -4.80 24.47 -33.35
CA THR D 118 -5.08 23.16 -32.78
C THR D 118 -6.25 23.27 -31.81
N GLY D 119 -7.19 22.35 -31.92
CA GLY D 119 -8.26 22.29 -30.96
C GLY D 119 -7.73 21.92 -29.58
N ILE D 120 -8.37 22.47 -28.55
CA ILE D 120 -7.86 22.35 -27.19
C ILE D 120 -8.86 21.54 -26.37
N VAL D 121 -8.41 20.43 -25.81
CA VAL D 121 -9.24 19.61 -24.94
C VAL D 121 -9.21 20.24 -23.55
N VAL D 122 -10.34 20.72 -23.08
CA VAL D 122 -10.46 21.40 -21.79
C VAL D 122 -11.25 20.51 -20.86
N GLU D 123 -10.77 20.38 -19.62
CA GLU D 123 -11.44 19.54 -18.62
C GLU D 123 -12.47 20.36 -17.84
N ASP D 124 -13.31 21.05 -18.59
CA ASP D 124 -14.52 21.66 -18.05
C ASP D 124 -15.69 21.55 -19.00
N ASN D 125 -15.53 20.89 -20.15
CA ASN D 125 -16.56 20.75 -21.17
C ASN D 125 -16.36 19.42 -21.88
N THR D 126 -17.46 18.80 -22.30
CA THR D 126 -17.35 17.59 -23.09
C THR D 126 -16.92 17.87 -24.52
N GLU D 127 -17.10 19.10 -24.99
CA GLU D 127 -16.72 19.45 -26.34
C GLU D 127 -15.25 19.87 -26.39
N ILE D 128 -14.75 20.01 -27.61
CA ILE D 128 -13.40 20.46 -27.88
C ILE D 128 -13.48 21.84 -28.52
N ILE D 129 -12.73 22.79 -27.97
CA ILE D 129 -12.76 24.16 -28.45
C ILE D 129 -12.14 24.22 -29.84
N LEU D 130 -12.91 24.68 -30.81
CA LEU D 130 -12.41 24.85 -32.16
C LEU D 130 -12.53 26.28 -32.66
N ASP D 131 -13.05 27.18 -31.85
CA ASP D 131 -13.08 28.60 -32.18
C ASP D 131 -11.66 29.14 -32.14
N PRO D 132 -11.13 29.69 -33.23
CA PRO D 132 -9.73 30.14 -33.22
C PRO D 132 -9.47 31.34 -32.33
N GLN D 133 -10.49 32.10 -31.98
CA GLN D 133 -10.28 33.19 -31.04
C GLN D 133 -10.02 32.67 -29.63
N ARG D 134 -10.80 31.68 -29.19
CA ARG D 134 -10.56 31.08 -27.88
C ARG D 134 -9.27 30.28 -27.85
N ILE D 135 -8.93 29.63 -28.96
CA ILE D 135 -7.65 28.93 -29.08
C ILE D 135 -6.50 29.91 -28.96
N LYS D 136 -6.61 31.05 -29.66
CA LYS D 136 -5.57 32.07 -29.60
C LYS D 136 -5.44 32.66 -28.21
N MET D 137 -6.56 32.96 -27.55
CA MET D 137 -6.49 33.58 -26.24
C MET D 137 -6.00 32.59 -25.17
N LYS D 138 -6.40 31.33 -25.27
CA LYS D 138 -5.95 30.36 -24.27
C LYS D 138 -4.50 29.98 -24.49
N TYR D 139 -4.04 29.95 -25.74
CA TYR D 139 -2.64 29.62 -25.99
C TYR D 139 -1.73 30.78 -25.64
N LEU D 140 -2.18 32.02 -25.86
CA LEU D 140 -1.42 33.17 -25.38
C LEU D 140 -1.48 33.27 -23.87
N LYS D 141 -2.52 32.71 -23.26
CA LYS D 141 -2.69 32.82 -21.82
C LYS D 141 -1.65 32.03 -21.03
N SER D 142 -1.39 30.77 -21.38
CA SER D 142 -0.52 29.97 -20.53
C SER D 142 0.77 29.57 -21.22
N TRP D 143 0.72 28.79 -22.28
CA TRP D 143 1.96 28.30 -22.90
C TRP D 143 2.24 29.03 -24.20
N PHE D 144 2.68 30.28 -24.11
CA PHE D 144 3.18 30.94 -25.31
C PHE D 144 4.59 31.47 -25.15
N MET D 145 4.87 32.16 -24.04
CA MET D 145 6.12 32.90 -23.92
C MET D 145 7.31 31.96 -23.87
N VAL D 146 7.14 30.81 -23.22
CA VAL D 146 8.22 29.83 -23.18
C VAL D 146 8.40 29.16 -24.54
N ASP D 147 7.32 28.97 -25.29
CA ASP D 147 7.47 28.38 -26.62
C ASP D 147 8.00 29.39 -27.62
N PHE D 148 7.69 30.67 -27.44
CA PHE D 148 8.22 31.68 -28.33
C PHE D 148 9.69 31.94 -28.06
N ILE D 149 10.12 31.84 -26.80
CA ILE D 149 11.54 31.93 -26.50
C ILE D 149 12.27 30.71 -27.04
N SER D 150 11.71 29.52 -26.83
CA SER D 150 12.41 28.30 -27.22
C SER D 150 12.41 28.08 -28.73
N SER D 151 11.48 28.67 -29.46
CA SER D 151 11.46 28.39 -30.89
C SER D 151 12.43 29.26 -31.66
N ILE D 152 12.44 30.57 -31.42
CA ILE D 152 13.24 31.46 -32.26
C ILE D 152 14.71 31.33 -31.84
N PRO D 153 15.64 31.46 -32.78
CA PRO D 153 17.05 31.49 -32.38
C PRO D 153 17.41 32.83 -31.79
N VAL D 154 17.53 32.87 -30.45
CA VAL D 154 17.82 34.14 -29.79
C VAL D 154 19.28 34.51 -29.99
N ASP D 155 20.17 33.52 -30.03
CA ASP D 155 21.60 33.78 -30.14
C ASP D 155 21.98 34.35 -31.50
N TYR D 156 21.39 33.83 -32.58
CA TYR D 156 21.76 34.34 -33.90
C TYR D 156 21.18 35.72 -34.16
N ILE D 157 19.98 35.98 -33.63
CA ILE D 157 19.44 37.32 -33.63
C ILE D 157 20.34 38.27 -32.86
N PHE D 158 20.87 37.81 -31.72
CA PHE D 158 21.76 38.66 -30.92
C PHE D 158 23.07 38.90 -31.63
N LEU D 159 23.59 37.91 -32.36
CA LEU D 159 24.82 38.11 -33.11
C LEU D 159 24.62 39.08 -34.27
N ILE D 160 23.46 39.02 -34.94
CA ILE D 160 23.20 39.95 -36.03
C ILE D 160 23.01 41.37 -35.49
N VAL D 161 22.32 41.50 -34.35
CA VAL D 161 22.11 42.82 -33.75
C VAL D 161 23.42 43.41 -33.26
N GLU D 162 24.27 42.59 -32.64
CA GLU D 162 25.58 43.06 -32.20
C GLU D 162 26.49 43.37 -33.37
N THR D 163 26.32 42.67 -34.50
CA THR D 163 27.07 43.01 -35.70
C THR D 163 26.66 44.37 -36.23
N ARG D 164 25.35 44.64 -36.25
CA ARG D 164 24.86 45.88 -36.84
C ARG D 164 25.07 47.09 -35.93
N ILE D 165 25.09 46.89 -34.62
CA ILE D 165 25.37 48.01 -33.71
C ILE D 165 26.83 48.43 -33.82
N ASP D 166 27.74 47.49 -33.71
CA ASP D 166 29.15 47.75 -33.92
C ASP D 166 29.69 46.70 -34.87
N SER D 167 30.09 47.13 -36.07
CA SER D 167 30.69 46.19 -37.02
C SER D 167 32.09 45.78 -36.56
N GLU D 168 32.89 46.74 -36.09
CA GLU D 168 34.23 46.46 -35.60
C GLU D 168 34.22 46.26 -34.09
N VAL D 169 33.47 45.25 -33.66
CA VAL D 169 33.40 44.91 -32.24
C VAL D 169 34.24 43.68 -31.91
N TYR D 170 34.59 42.85 -32.91
CA TYR D 170 35.29 41.60 -32.66
C TYR D 170 36.80 41.77 -32.64
N LYS D 171 37.27 42.80 -31.92
CA LYS D 171 38.72 42.93 -31.74
C LYS D 171 39.09 43.36 -30.32
N THR D 172 38.16 43.30 -29.38
CA THR D 172 38.37 43.83 -28.04
C THR D 172 38.12 42.72 -27.02
N ALA D 173 38.08 43.09 -25.75
CA ALA D 173 37.63 42.20 -24.69
C ALA D 173 36.10 42.16 -24.57
N ARG D 174 35.40 43.00 -25.33
CA ARG D 174 33.95 42.90 -25.39
C ARG D 174 33.52 41.67 -26.17
N ALA D 175 34.31 41.27 -27.16
CA ALA D 175 33.93 40.18 -28.05
C ALA D 175 33.88 38.85 -27.32
N LEU D 176 34.80 38.63 -26.38
CA LEU D 176 34.78 37.42 -25.57
C LEU D 176 33.54 37.36 -24.71
N ARG D 177 33.14 38.50 -24.15
CA ARG D 177 31.91 38.58 -23.37
C ARG D 177 30.69 38.33 -24.24
N ILE D 178 30.73 38.78 -25.50
CA ILE D 178 29.61 38.54 -26.42
C ILE D 178 29.54 37.06 -26.80
N VAL D 179 30.67 36.38 -26.93
CA VAL D 179 30.66 34.95 -27.23
C VAL D 179 30.13 34.15 -26.04
N ARG D 180 30.51 34.52 -24.82
CA ARG D 180 30.00 33.82 -23.65
C ARG D 180 28.51 34.09 -23.45
N PHE D 181 28.08 35.32 -23.72
CA PHE D 181 26.66 35.62 -23.62
C PHE D 181 25.87 34.94 -24.73
N THR D 182 26.50 34.69 -25.88
CA THR D 182 25.88 33.89 -26.92
C THR D 182 25.69 32.45 -26.46
N LYS D 183 26.70 31.88 -25.82
CA LYS D 183 26.57 30.52 -25.32
C LYS D 183 25.60 30.40 -24.17
N ILE D 184 25.33 31.48 -23.44
CA ILE D 184 24.27 31.41 -22.44
C ILE D 184 22.90 31.55 -23.10
N LEU D 185 22.75 32.47 -24.07
CA LEU D 185 21.46 32.67 -24.73
C LEU D 185 21.05 31.48 -25.56
N SER D 186 22.01 30.71 -26.06
CA SER D 186 21.68 29.53 -26.83
C SER D 186 21.14 28.39 -25.98
N LEU D 187 21.18 28.51 -24.66
CA LEU D 187 20.55 27.53 -23.79
C LEU D 187 19.09 27.80 -23.56
N LEU D 188 18.52 28.81 -24.20
CA LEU D 188 17.08 29.00 -24.14
C LEU D 188 16.35 27.96 -24.96
N ARG D 189 17.04 27.25 -25.84
CA ARG D 189 16.46 26.11 -26.54
C ARG D 189 16.19 24.94 -25.62
N LEU D 190 16.70 24.95 -24.40
CA LEU D 190 16.38 23.94 -23.42
C LEU D 190 15.04 24.17 -22.75
N LEU D 191 14.34 25.24 -23.11
CA LEU D 191 12.95 25.43 -22.72
C LEU D 191 11.99 24.65 -23.60
N ARG D 192 12.48 23.85 -24.52
CA ARG D 192 11.64 22.92 -25.28
C ARG D 192 11.27 21.69 -24.47
N LEU D 193 11.80 21.58 -23.26
CA LEU D 193 11.38 20.52 -22.36
C LEU D 193 9.91 20.64 -22.00
N SER D 194 9.37 21.86 -21.99
CA SER D 194 7.95 22.05 -21.74
C SER D 194 7.10 21.42 -22.83
N ARG D 195 7.44 21.69 -24.09
CA ARG D 195 6.75 21.05 -25.19
C ARG D 195 7.00 19.55 -25.22
N LEU D 196 8.18 19.11 -24.79
CA LEU D 196 8.47 17.68 -24.70
C LEU D 196 7.56 16.98 -23.70
N ILE D 197 7.40 17.58 -22.52
CA ILE D 197 6.58 16.99 -21.48
C ILE D 197 5.11 16.99 -21.89
N ARG D 198 4.65 18.09 -22.48
CA ARG D 198 3.24 18.16 -22.86
C ARG D 198 2.93 17.20 -24.00
N TYR D 199 3.83 17.10 -24.97
CA TYR D 199 3.55 16.22 -26.10
C TYR D 199 3.71 14.77 -25.73
N ILE D 200 4.59 14.45 -24.76
CA ILE D 200 4.66 13.08 -24.27
C ILE D 200 3.40 12.71 -23.51
N HIS D 201 2.85 13.63 -22.71
CA HIS D 201 1.63 13.29 -21.99
C HIS D 201 0.44 13.14 -22.92
N GLN D 202 0.33 14.00 -23.93
CA GLN D 202 -0.75 13.86 -24.89
C GLN D 202 -0.59 12.61 -25.74
N TRP D 203 0.64 12.33 -26.19
CA TRP D 203 0.90 11.16 -27.00
C TRP D 203 0.64 9.87 -26.24
N GLU D 204 1.04 9.82 -24.96
CA GLU D 204 0.80 8.63 -24.17
C GLU D 204 -0.67 8.48 -23.81
N GLU D 205 -1.41 9.58 -23.75
CA GLU D 205 -2.85 9.44 -23.56
C GLU D 205 -3.51 8.91 -24.82
N ILE D 206 -3.02 9.29 -25.99
CA ILE D 206 -3.70 8.93 -27.24
C ILE D 206 -3.27 7.56 -27.72
N PHE D 207 -1.96 7.33 -27.84
CA PHE D 207 -1.42 6.08 -28.39
C PHE D 207 -1.80 4.89 -27.53
N HIS D 208 -2.39 3.87 -28.15
CA HIS D 208 -3.17 2.89 -27.43
C HIS D 208 -2.33 1.83 -26.74
N MET D 209 -1.14 1.53 -27.24
CA MET D 209 -0.32 0.51 -26.58
C MET D 209 0.26 1.00 -25.27
N THR D 210 0.50 2.31 -25.13
CA THR D 210 0.82 2.84 -23.83
C THR D 210 -0.42 3.14 -23.01
N TYR D 211 -1.58 3.21 -23.65
CA TYR D 211 -2.80 3.43 -22.90
C TYR D 211 -3.25 2.16 -22.20
N ASP D 212 -3.07 1.01 -22.84
CA ASP D 212 -3.41 -0.25 -22.19
C ASP D 212 -2.38 -0.68 -21.17
N LEU D 213 -1.20 -0.07 -21.12
CA LEU D 213 -0.21 -0.41 -20.11
C LEU D 213 -0.67 0.05 -18.74
N ALA D 214 -0.07 -0.56 -17.72
CA ALA D 214 -0.29 -0.10 -16.36
C ALA D 214 0.33 1.27 -16.20
N SER D 215 -0.33 2.13 -15.44
CA SER D 215 0.12 3.51 -15.30
C SER D 215 1.44 3.63 -14.56
N ALA D 216 1.77 2.64 -13.72
CA ALA D 216 3.06 2.64 -13.05
C ALA D 216 4.20 2.41 -14.05
N VAL D 217 3.96 1.61 -15.09
CA VAL D 217 5.00 1.34 -16.07
C VAL D 217 5.27 2.57 -16.91
N VAL D 218 4.21 3.22 -17.39
CA VAL D 218 4.35 4.45 -18.18
C VAL D 218 4.97 5.55 -17.34
N ARG D 219 4.60 5.60 -16.07
CA ARG D 219 5.12 6.63 -15.18
C ARG D 219 6.59 6.43 -14.87
N ILE D 220 7.02 5.17 -14.70
CA ILE D 220 8.43 4.94 -14.44
C ILE D 220 9.26 5.05 -15.71
N VAL D 221 8.69 4.82 -16.90
CA VAL D 221 9.44 5.07 -18.13
C VAL D 221 9.65 6.56 -18.33
N ASN D 222 8.63 7.37 -18.02
CA ASN D 222 8.80 8.82 -18.07
C ASN D 222 9.84 9.29 -17.06
N LEU D 223 9.87 8.68 -15.88
CA LEU D 223 10.87 9.08 -14.89
C LEU D 223 12.28 8.68 -15.30
N ILE D 224 12.44 7.49 -15.88
CA ILE D 224 13.77 7.05 -16.32
C ILE D 224 14.28 7.93 -17.45
N GLY D 225 13.39 8.34 -18.35
CA GLY D 225 13.78 9.30 -19.36
C GLY D 225 14.20 10.64 -18.79
N MET D 226 13.45 11.14 -17.80
CA MET D 226 13.81 12.41 -17.19
C MET D 226 15.08 12.30 -16.37
N MET D 227 15.34 11.16 -15.75
CA MET D 227 16.58 10.98 -14.99
C MET D 227 17.79 10.96 -15.91
N LEU D 228 17.67 10.28 -17.06
CA LEU D 228 18.77 10.30 -18.03
C LEU D 228 18.99 11.70 -18.57
N LEU D 229 17.91 12.44 -18.82
CA LEU D 229 18.06 13.77 -19.37
C LEU D 229 18.66 14.74 -18.36
N LEU D 230 18.27 14.63 -17.10
CA LEU D 230 18.84 15.52 -16.09
C LEU D 230 20.27 15.15 -15.75
N CYS D 231 20.63 13.86 -15.83
CA CYS D 231 22.02 13.49 -15.64
C CYS D 231 22.90 14.00 -16.77
N HIS D 232 22.37 13.97 -18.00
CA HIS D 232 23.07 14.52 -19.16
C HIS D 232 23.24 16.03 -19.04
N TRP D 233 22.16 16.74 -18.73
CA TRP D 233 22.24 18.19 -18.58
C TRP D 233 23.10 18.58 -17.41
N ASP D 234 23.13 17.76 -16.36
CA ASP D 234 23.93 18.13 -15.22
C ASP D 234 25.40 17.93 -15.51
N GLY D 235 25.75 16.91 -16.28
CA GLY D 235 27.13 16.78 -16.71
C GLY D 235 27.57 17.92 -17.62
N CYS D 236 26.68 18.34 -18.51
CA CYS D 236 26.98 19.50 -19.33
C CYS D 236 27.10 20.77 -18.51
N LEU D 237 26.33 20.89 -17.42
CA LEU D 237 26.44 22.08 -16.58
C LEU D 237 27.72 22.08 -15.75
N GLN D 238 28.09 20.90 -15.23
CA GLN D 238 29.34 20.73 -14.51
C GLN D 238 30.53 21.06 -15.36
N PHE D 239 30.44 20.88 -16.67
CA PHE D 239 31.53 21.39 -17.49
C PHE D 239 31.33 22.84 -17.92
N LEU D 240 30.08 23.29 -18.04
CA LEU D 240 29.82 24.60 -18.61
C LEU D 240 30.25 25.73 -17.70
N VAL D 241 29.95 25.62 -16.42
CA VAL D 241 30.25 26.72 -15.50
C VAL D 241 31.76 26.89 -15.31
N PRO D 242 32.61 25.85 -15.28
CA PRO D 242 34.04 26.12 -15.44
C PRO D 242 34.45 26.49 -16.83
N MET D 243 33.63 26.29 -17.86
CA MET D 243 34.08 26.68 -19.19
C MET D 243 33.88 28.16 -19.43
N LEU D 244 32.89 28.75 -18.77
CA LEU D 244 32.63 30.19 -18.84
C LEU D 244 33.41 30.97 -17.81
N GLN D 245 34.46 30.38 -17.25
CA GLN D 245 35.31 31.09 -16.29
C GLN D 245 36.78 30.96 -16.68
N ASP D 246 37.04 30.64 -17.95
CA ASP D 246 38.39 30.40 -18.50
C ASP D 246 39.15 29.30 -17.75
N PHE D 247 38.41 28.35 -17.15
CA PHE D 247 38.91 27.24 -16.35
C PHE D 247 39.84 27.72 -15.25
N PRO D 248 39.32 28.30 -14.17
CA PRO D 248 40.19 28.78 -13.09
C PRO D 248 40.88 27.62 -12.38
N ASP D 249 41.88 27.97 -11.59
CA ASP D 249 42.80 26.98 -11.07
C ASP D 249 42.22 26.12 -9.96
N ASP D 250 40.99 26.37 -9.53
CA ASP D 250 40.35 25.56 -8.51
C ASP D 250 39.16 24.76 -9.02
N CYS D 251 38.78 24.92 -10.28
CA CYS D 251 37.73 24.08 -10.81
C CYS D 251 38.28 22.68 -11.05
N TRP D 252 37.39 21.71 -11.16
CA TRP D 252 37.83 20.33 -11.29
C TRP D 252 38.51 20.04 -12.61
N VAL D 253 38.27 20.85 -13.64
CA VAL D 253 38.88 20.60 -14.93
C VAL D 253 40.38 20.87 -14.89
N SER D 254 40.76 22.01 -14.33
CA SER D 254 42.18 22.34 -14.27
C SER D 254 42.91 21.54 -13.21
N ILE D 255 42.20 21.06 -12.18
CA ILE D 255 42.83 20.18 -11.20
C ILE D 255 43.09 18.83 -11.83
N ASN D 256 42.14 18.29 -12.57
CA ASN D 256 42.34 16.99 -13.20
C ASN D 256 43.13 17.07 -14.49
N ASN D 257 43.54 18.27 -14.91
CA ASN D 257 44.26 18.52 -16.17
C ASN D 257 43.48 18.00 -17.37
N MET D 258 42.18 18.26 -17.36
CA MET D 258 41.31 17.91 -18.47
C MET D 258 40.96 19.10 -19.33
N VAL D 259 41.78 20.14 -19.32
CA VAL D 259 41.46 21.32 -20.09
C VAL D 259 41.72 21.06 -21.57
N ASN D 260 42.72 20.26 -21.89
CA ASN D 260 43.14 20.05 -23.27
C ASN D 260 42.92 18.61 -23.71
N ASN D 261 42.01 17.89 -23.09
CA ASN D 261 41.66 16.57 -23.61
C ASN D 261 40.69 16.72 -24.77
N SER D 262 40.32 15.59 -25.36
CA SER D 262 39.26 15.61 -26.35
C SER D 262 37.92 15.84 -25.67
N TRP D 263 36.91 16.18 -26.46
CA TRP D 263 35.62 16.41 -25.86
C TRP D 263 34.93 15.12 -25.44
N GLY D 264 35.36 13.99 -26.00
CA GLY D 264 34.82 12.72 -25.54
C GLY D 264 35.21 12.41 -24.12
N LYS D 265 36.47 12.64 -23.77
CA LYS D 265 36.92 12.36 -22.41
C LYS D 265 36.38 13.40 -21.43
N GLN D 266 36.25 14.65 -21.88
CA GLN D 266 35.66 15.68 -21.04
C GLN D 266 34.20 15.39 -20.75
N TYR D 267 33.45 14.98 -21.77
CA TYR D 267 32.05 14.65 -21.55
C TYR D 267 31.88 13.39 -20.74
N SER D 268 32.76 12.40 -20.92
CA SER D 268 32.65 11.18 -20.14
C SER D 268 32.92 11.44 -18.67
N TYR D 269 33.95 12.21 -18.36
CA TYR D 269 34.22 12.44 -16.96
C TYR D 269 33.24 13.43 -16.36
N ALA D 270 32.69 14.35 -17.14
CA ALA D 270 31.68 15.26 -16.59
C ALA D 270 30.37 14.53 -16.33
N LEU D 271 30.02 13.60 -17.21
CA LEU D 271 28.82 12.80 -16.98
C LEU D 271 29.01 11.86 -15.82
N PHE D 272 30.22 11.36 -15.62
CA PHE D 272 30.49 10.57 -14.42
C PHE D 272 30.40 11.41 -13.16
N LYS D 273 30.87 12.65 -13.22
CA LYS D 273 30.80 13.50 -12.05
C LYS D 273 29.37 13.90 -11.73
N ALA D 274 28.51 14.00 -12.73
CA ALA D 274 27.09 14.25 -12.44
C ALA D 274 26.39 12.99 -11.95
N MET D 275 26.74 11.87 -12.52
CA MET D 275 26.05 10.63 -12.23
C MET D 275 26.45 10.06 -10.88
N SER D 276 27.64 10.40 -10.39
CA SER D 276 28.01 9.99 -9.05
C SER D 276 27.13 10.64 -7.99
N HIS D 277 26.51 11.77 -8.32
CA HIS D 277 25.57 12.40 -7.42
C HIS D 277 24.13 12.06 -7.74
N MET D 278 23.83 11.59 -8.94
CA MET D 278 22.46 11.12 -9.18
C MET D 278 22.19 9.79 -8.50
N LEU D 279 23.02 8.77 -8.76
CA LEU D 279 22.79 7.46 -8.17
C LEU D 279 23.52 7.27 -6.85
N CYS D 280 23.81 8.38 -6.15
CA CYS D 280 24.20 8.42 -4.74
C CYS D 280 25.53 7.72 -4.47
N ILE D 281 26.59 8.17 -5.15
CA ILE D 281 27.90 7.55 -4.93
C ILE D 281 28.92 8.57 -4.42
N GLY D 282 29.32 9.51 -5.28
CA GLY D 282 30.27 10.56 -4.95
C GLY D 282 31.71 10.10 -4.81
N TYR D 283 32.69 10.83 -5.33
CA TYR D 283 32.59 12.08 -6.10
C TYR D 283 33.34 11.89 -7.39
N GLY D 284 33.83 12.98 -7.95
CA GLY D 284 34.85 12.88 -8.98
C GLY D 284 36.21 12.52 -8.40
N ARG D 285 37.29 13.20 -8.79
CA ARG D 285 38.60 12.81 -8.28
C ARG D 285 38.75 13.20 -6.81
N GLN D 286 38.34 14.40 -6.43
CA GLN D 286 38.47 14.86 -5.06
C GLN D 286 37.16 15.52 -4.63
N ALA D 287 37.19 16.17 -3.48
CA ALA D 287 36.10 17.02 -3.07
C ALA D 287 36.08 18.29 -3.90
N PRO D 288 34.95 18.96 -3.98
CA PRO D 288 34.92 20.30 -4.58
C PRO D 288 35.74 21.30 -3.78
N VAL D 289 36.37 22.24 -4.50
CA VAL D 289 37.25 23.21 -3.87
C VAL D 289 36.77 24.64 -4.10
N GLY D 290 36.62 25.02 -5.36
CA GLY D 290 36.11 26.35 -5.66
C GLY D 290 34.63 26.45 -5.38
N MET D 291 34.14 27.68 -5.24
CA MET D 291 32.76 27.87 -4.82
C MET D 291 31.77 27.50 -5.92
N SER D 292 32.17 27.65 -7.18
CA SER D 292 31.34 27.15 -8.26
C SER D 292 31.20 25.65 -8.19
N ASP D 293 32.29 24.95 -7.84
CA ASP D 293 32.23 23.50 -7.71
C ASP D 293 31.34 23.08 -6.56
N VAL D 294 31.44 23.77 -5.42
CA VAL D 294 30.67 23.40 -4.25
C VAL D 294 29.19 23.62 -4.50
N TRP D 295 28.83 24.76 -5.06
CA TRP D 295 27.40 24.99 -5.25
C TRP D 295 26.82 24.19 -6.40
N LEU D 296 27.57 23.92 -7.47
CA LEU D 296 27.05 23.02 -8.49
C LEU D 296 26.94 21.59 -8.00
N THR D 297 27.88 21.15 -7.15
CA THR D 297 27.80 19.82 -6.61
C THR D 297 26.62 19.68 -5.66
N MET D 298 26.31 20.73 -4.90
CA MET D 298 25.14 20.64 -4.05
C MET D 298 23.84 20.72 -4.86
N LEU D 299 23.85 21.44 -5.97
CA LEU D 299 22.69 21.44 -6.86
C LEU D 299 22.45 20.05 -7.44
N SER D 300 23.51 19.41 -7.93
CA SER D 300 23.36 18.08 -8.49
C SER D 300 23.03 17.06 -7.41
N MET D 301 23.46 17.28 -6.17
CA MET D 301 23.09 16.36 -5.10
C MET D 301 21.61 16.47 -4.76
N ILE D 302 21.05 17.68 -4.72
CA ILE D 302 19.60 17.85 -4.55
C ILE D 302 18.83 17.17 -5.68
N VAL D 303 19.21 17.45 -6.93
CA VAL D 303 18.46 16.95 -8.07
C VAL D 303 18.57 15.44 -8.17
N GLY D 304 19.76 14.89 -7.93
CA GLY D 304 19.94 13.46 -8.04
C GLY D 304 19.32 12.69 -6.90
N ALA D 305 19.38 13.23 -5.68
CA ALA D 305 18.76 12.53 -4.57
C ALA D 305 17.24 12.59 -4.67
N THR D 306 16.69 13.68 -5.19
CA THR D 306 15.25 13.74 -5.40
C THR D 306 14.80 12.79 -6.49
N CYS D 307 15.54 12.73 -7.61
CA CYS D 307 15.18 11.81 -8.67
C CYS D 307 15.35 10.36 -8.25
N TYR D 308 16.34 10.05 -7.42
CA TYR D 308 16.51 8.67 -7.00
C TYR D 308 15.52 8.27 -5.93
N ALA D 309 15.10 9.21 -5.08
CA ALA D 309 14.01 8.89 -4.15
C ALA D 309 12.71 8.67 -4.90
N MET D 310 12.47 9.44 -5.95
CA MET D 310 11.29 9.17 -6.76
C MET D 310 11.42 7.88 -7.55
N PHE D 311 12.63 7.47 -7.90
CA PHE D 311 12.80 6.20 -8.58
C PHE D 311 12.52 5.04 -7.66
N ILE D 312 12.96 5.13 -6.40
CA ILE D 312 12.60 4.11 -5.42
C ILE D 312 11.09 4.09 -5.18
N GLY D 313 10.47 5.26 -5.18
CA GLY D 313 9.03 5.32 -5.00
C GLY D 313 8.26 4.67 -6.13
N HIS D 314 8.67 4.93 -7.38
CA HIS D 314 8.00 4.30 -8.50
C HIS D 314 8.31 2.82 -8.59
N ALA D 315 9.51 2.38 -8.21
CA ALA D 315 9.78 0.96 -8.19
C ALA D 315 8.94 0.25 -7.13
N THR D 316 8.72 0.89 -5.99
CA THR D 316 7.88 0.29 -4.96
C THR D 316 6.43 0.22 -5.42
N ALA D 317 5.92 1.30 -6.01
CA ALA D 317 4.56 1.30 -6.51
C ALA D 317 4.36 0.35 -7.68
N LEU D 318 5.41 0.05 -8.44
CA LEU D 318 5.31 -0.94 -9.49
C LEU D 318 5.33 -2.35 -8.93
N ILE D 319 6.21 -2.61 -7.96
CA ILE D 319 6.35 -3.96 -7.41
C ILE D 319 5.14 -4.36 -6.58
N GLN D 320 4.50 -3.40 -5.91
CA GLN D 320 3.30 -3.73 -5.15
C GLN D 320 2.06 -3.98 -6.01
N SER D 321 2.18 -4.03 -7.33
CA SER D 321 1.05 -4.28 -8.19
C SER D 321 1.44 -5.21 -9.33
N LEU D 322 2.09 -6.33 -9.03
CA LEU D 322 2.52 -7.25 -10.08
C LEU D 322 1.71 -8.54 -10.10
N ASP D 323 1.70 -9.31 -9.02
CA ASP D 323 0.98 -10.58 -9.00
C ASP D 323 -0.30 -10.41 -8.20
N SER D 324 -1.24 -9.67 -8.79
CA SER D 324 -2.33 -9.06 -8.03
C SER D 324 -3.29 -10.08 -7.45
N SER D 325 -3.82 -10.97 -8.28
CA SER D 325 -4.75 -11.97 -7.76
C SER D 325 -4.03 -13.04 -6.95
N ARG D 326 -2.78 -13.34 -7.28
CA ARG D 326 -2.03 -14.27 -6.45
C ARG D 326 -1.72 -13.67 -5.09
N ARG D 327 -1.43 -12.37 -5.05
CA ARG D 327 -1.25 -11.70 -3.77
C ARG D 327 -2.54 -11.64 -2.99
N GLN D 328 -3.68 -11.49 -3.68
CA GLN D 328 -4.95 -11.48 -2.97
C GLN D 328 -5.29 -12.87 -2.43
N TYR D 329 -4.98 -13.91 -3.21
CA TYR D 329 -5.15 -15.28 -2.72
C TYR D 329 -4.28 -15.55 -1.51
N GLN D 330 -3.04 -15.09 -1.54
CA GLN D 330 -2.18 -15.37 -0.40
C GLN D 330 -2.52 -14.53 0.80
N GLU D 331 -3.07 -13.33 0.60
CA GLU D 331 -3.58 -12.56 1.73
C GLU D 331 -4.78 -13.23 2.37
N LYS D 332 -5.72 -13.70 1.56
CA LYS D 332 -6.90 -14.35 2.11
C LYS D 332 -6.56 -15.68 2.76
N TYR D 333 -5.61 -16.42 2.18
CA TYR D 333 -5.23 -17.67 2.80
C TYR D 333 -4.36 -17.46 4.02
N LYS D 334 -3.64 -16.34 4.10
CA LYS D 334 -2.93 -16.02 5.32
C LYS D 334 -3.91 -15.66 6.42
N GLN D 335 -5.02 -15.00 6.07
CA GLN D 335 -6.06 -14.76 7.05
C GLN D 335 -6.73 -16.05 7.48
N VAL D 336 -6.87 -17.01 6.58
CA VAL D 336 -7.42 -18.30 6.96
C VAL D 336 -6.46 -19.04 7.89
N GLU D 337 -5.15 -18.96 7.60
CA GLU D 337 -4.14 -19.56 8.49
C GLU D 337 -4.17 -18.95 9.87
N GLN D 338 -4.29 -17.64 9.95
CA GLN D 338 -4.35 -17.00 11.25
C GLN D 338 -5.68 -17.26 11.95
N TYR D 339 -6.76 -17.49 11.20
CA TYR D 339 -8.01 -17.94 11.81
C TYR D 339 -7.86 -19.32 12.43
N MET D 340 -7.21 -20.23 11.70
CA MET D 340 -7.02 -21.58 12.20
C MET D 340 -6.09 -21.60 13.39
N SER D 341 -5.08 -20.75 13.39
CA SER D 341 -4.19 -20.68 14.55
C SER D 341 -4.84 -19.97 15.72
N PHE D 342 -5.75 -19.04 15.46
CA PHE D 342 -6.42 -18.34 16.53
C PHE D 342 -7.43 -19.22 17.23
N HIS D 343 -8.12 -20.08 16.48
CA HIS D 343 -9.05 -21.00 17.11
C HIS D 343 -8.44 -22.35 17.42
N LYS D 344 -7.15 -22.54 17.10
CA LYS D 344 -6.36 -23.72 17.46
C LYS D 344 -6.97 -25.00 16.92
N LEU D 345 -7.19 -25.01 15.61
CA LEU D 345 -7.77 -26.18 14.96
C LEU D 345 -6.76 -27.31 14.93
N PRO D 346 -7.22 -28.57 14.99
CA PRO D 346 -6.29 -29.69 14.90
C PRO D 346 -5.70 -29.77 13.51
N PRO D 347 -4.50 -30.35 13.37
CA PRO D 347 -3.81 -30.33 12.07
C PRO D 347 -4.46 -31.18 10.99
N ASP D 348 -5.35 -32.10 11.35
CA ASP D 348 -6.14 -32.80 10.35
C ASP D 348 -7.05 -31.84 9.60
N THR D 349 -7.78 -31.01 10.34
CA THR D 349 -8.64 -30.03 9.69
C THR D 349 -7.83 -28.95 9.00
N ARG D 350 -6.65 -28.63 9.51
CA ARG D 350 -5.81 -27.65 8.82
C ARG D 350 -5.29 -28.20 7.50
N GLN D 351 -4.99 -29.50 7.46
CA GLN D 351 -4.57 -30.10 6.21
C GLN D 351 -5.73 -30.18 5.23
N ARG D 352 -6.94 -30.46 5.74
CA ARG D 352 -8.11 -30.49 4.86
C ARG D 352 -8.44 -29.11 4.31
N ILE D 353 -8.25 -28.07 5.11
CA ILE D 353 -8.51 -26.71 4.63
C ILE D 353 -7.43 -26.25 3.66
N HIS D 354 -6.17 -26.67 3.87
CA HIS D 354 -5.12 -26.37 2.91
C HIS D 354 -5.40 -27.04 1.57
N ASP D 355 -5.82 -28.31 1.60
CA ASP D 355 -6.21 -28.96 0.35
C ASP D 355 -7.47 -28.36 -0.25
N TYR D 356 -8.37 -27.83 0.58
CA TYR D 356 -9.57 -27.21 0.05
C TYR D 356 -9.25 -25.93 -0.68
N TYR D 357 -8.42 -25.07 -0.09
CA TYR D 357 -8.07 -23.84 -0.78
C TYR D 357 -7.17 -24.08 -1.97
N GLU D 358 -6.40 -25.16 -1.97
CA GLU D 358 -5.60 -25.37 -3.18
C GLU D 358 -6.36 -26.15 -4.25
N HIS D 359 -7.50 -26.76 -3.93
CA HIS D 359 -8.36 -27.32 -4.97
C HIS D 359 -9.41 -26.34 -5.48
N ARG D 360 -9.95 -25.52 -4.58
CA ARG D 360 -11.11 -24.70 -4.91
C ARG D 360 -10.72 -23.47 -5.71
N TYR D 361 -9.69 -22.77 -5.29
CA TYR D 361 -9.30 -21.52 -5.93
C TYR D 361 -8.09 -21.66 -6.84
N GLN D 362 -7.28 -22.70 -6.64
CA GLN D 362 -6.10 -23.01 -7.44
C GLN D 362 -5.11 -21.86 -7.49
N GLY D 363 -4.88 -21.25 -6.35
CA GLY D 363 -3.81 -20.27 -6.20
C GLY D 363 -4.15 -18.87 -6.62
N LYS D 364 -5.28 -18.64 -7.27
CA LYS D 364 -5.67 -17.31 -7.73
C LYS D 364 -7.12 -17.08 -7.33
N MET D 365 -7.36 -16.09 -6.49
CA MET D 365 -8.69 -15.83 -5.94
C MET D 365 -9.32 -14.65 -6.65
N PHE D 366 -10.52 -14.87 -7.18
CA PHE D 366 -11.24 -13.90 -7.99
C PHE D 366 -12.53 -13.51 -7.28
N ASP D 367 -12.87 -12.23 -7.36
CA ASP D 367 -14.21 -11.77 -6.99
C ASP D 367 -15.11 -11.90 -8.20
N GLU D 368 -15.48 -13.16 -8.47
CA GLU D 368 -16.13 -13.52 -9.74
C GLU D 368 -17.53 -12.92 -9.84
N GLU D 369 -18.19 -12.74 -8.70
CA GLU D 369 -19.50 -12.10 -8.70
C GLU D 369 -19.41 -10.66 -9.19
N SER D 370 -18.42 -9.90 -8.71
CA SER D 370 -18.27 -8.53 -9.15
C SER D 370 -17.76 -8.44 -10.58
N ILE D 371 -16.88 -9.36 -10.99
CA ILE D 371 -16.35 -9.36 -12.35
C ILE D 371 -17.46 -9.63 -13.35
N LEU D 372 -18.33 -10.59 -13.06
CA LEU D 372 -19.48 -10.79 -13.93
C LEU D 372 -20.51 -9.69 -13.79
N GLY D 373 -20.61 -9.04 -12.63
CA GLY D 373 -21.57 -7.97 -12.49
C GLY D 373 -21.20 -6.71 -13.24
N GLU D 374 -19.91 -6.48 -13.45
CA GLU D 374 -19.49 -5.34 -14.26
C GLU D 374 -19.79 -5.56 -15.74
N LEU D 375 -19.78 -6.81 -16.19
CA LEU D 375 -20.00 -7.09 -17.60
C LEU D 375 -21.47 -6.91 -17.96
N SER D 376 -21.72 -6.82 -19.26
CA SER D 376 -23.09 -6.70 -19.74
C SER D 376 -23.76 -8.07 -19.72
N GLU D 377 -25.03 -8.09 -20.08
CA GLU D 377 -25.77 -9.35 -20.12
C GLU D 377 -25.29 -10.34 -21.18
N PRO D 378 -25.07 -9.97 -22.46
CA PRO D 378 -24.61 -11.00 -23.40
C PRO D 378 -23.21 -11.49 -23.15
N LEU D 379 -22.36 -10.69 -22.53
CA LEU D 379 -21.03 -11.19 -22.19
C LEU D 379 -21.08 -12.16 -21.02
N ARG D 380 -21.94 -11.90 -20.03
CA ARG D 380 -22.18 -12.90 -19.00
C ARG D 380 -22.69 -14.20 -19.59
N GLU D 381 -23.65 -14.11 -20.51
CA GLU D 381 -24.21 -15.31 -21.12
C GLU D 381 -23.15 -16.06 -21.92
N GLU D 382 -22.27 -15.33 -22.61
CA GLU D 382 -21.26 -15.97 -23.44
C GLU D 382 -20.16 -16.61 -22.61
N ILE D 383 -19.70 -15.93 -21.55
CA ILE D 383 -18.67 -16.51 -20.68
C ILE D 383 -19.21 -17.72 -19.94
N ILE D 384 -20.45 -17.64 -19.46
CA ILE D 384 -20.98 -18.76 -18.71
C ILE D 384 -21.30 -19.94 -19.63
N ASN D 385 -21.71 -19.68 -20.87
CA ASN D 385 -21.83 -20.78 -21.81
C ASN D 385 -20.49 -21.37 -22.19
N PHE D 386 -19.42 -20.57 -22.15
CA PHE D 386 -18.11 -21.15 -22.42
C PHE D 386 -17.62 -22.01 -21.25
N ASN D 387 -17.73 -21.50 -20.02
CA ASN D 387 -17.17 -22.18 -18.87
C ASN D 387 -17.92 -23.45 -18.49
N CYS D 388 -19.08 -23.71 -19.07
CA CYS D 388 -19.84 -24.89 -18.72
C CYS D 388 -20.12 -25.76 -19.93
N ARG D 389 -19.31 -25.65 -20.99
CA ARG D 389 -19.57 -26.43 -22.19
C ARG D 389 -19.26 -27.89 -21.99
N LYS D 390 -18.37 -28.23 -21.06
CA LYS D 390 -18.13 -29.63 -20.75
C LYS D 390 -19.32 -30.23 -20.03
N LEU D 391 -19.97 -29.45 -19.18
CA LEU D 391 -21.19 -29.92 -18.52
C LEU D 391 -22.31 -30.10 -19.52
N VAL D 392 -22.51 -29.10 -20.40
CA VAL D 392 -23.61 -29.15 -21.37
C VAL D 392 -23.40 -30.27 -22.37
N ALA D 393 -22.15 -30.49 -22.79
CA ALA D 393 -21.85 -31.61 -23.67
C ALA D 393 -22.02 -32.94 -22.95
N SER D 394 -21.72 -32.98 -21.65
CA SER D 394 -21.78 -34.23 -20.93
C SER D 394 -23.19 -34.59 -20.51
N MET D 395 -23.99 -33.61 -20.13
CA MET D 395 -25.34 -33.91 -19.67
C MET D 395 -26.24 -34.27 -20.84
N PRO D 396 -27.07 -35.30 -20.70
CA PRO D 396 -28.03 -35.61 -21.77
C PRO D 396 -29.17 -34.60 -21.84
N LEU D 397 -29.45 -33.90 -20.74
CA LEU D 397 -30.53 -32.94 -20.73
C LEU D 397 -30.18 -31.69 -21.51
N PHE D 398 -29.03 -31.08 -21.22
CA PHE D 398 -28.69 -29.79 -21.80
C PHE D 398 -28.36 -29.91 -23.29
N ALA D 399 -27.88 -31.06 -23.72
CA ALA D 399 -27.54 -31.23 -25.12
C ALA D 399 -28.77 -31.42 -26.01
N ASN D 400 -29.95 -31.63 -25.42
CA ASN D 400 -31.16 -31.78 -26.19
C ASN D 400 -32.22 -30.80 -25.72
N ALA D 401 -31.85 -29.54 -25.57
CA ALA D 401 -32.74 -28.56 -24.97
C ALA D 401 -32.59 -27.22 -25.68
N ASP D 402 -33.45 -26.29 -25.30
CA ASP D 402 -33.42 -24.94 -25.82
C ASP D 402 -32.16 -24.23 -25.33
N PRO D 403 -31.37 -23.61 -26.22
CA PRO D 403 -30.18 -22.88 -25.75
C PRO D 403 -30.52 -21.68 -24.90
N ASN D 404 -31.69 -21.07 -25.07
CA ASN D 404 -32.14 -20.06 -24.12
C ASN D 404 -32.36 -20.67 -22.74
N PHE D 405 -32.94 -21.87 -22.70
CA PHE D 405 -33.11 -22.56 -21.42
C PHE D 405 -31.78 -22.94 -20.81
N VAL D 406 -30.83 -23.40 -21.62
CA VAL D 406 -29.51 -23.76 -21.14
C VAL D 406 -28.80 -22.54 -20.55
N THR D 407 -28.91 -21.40 -21.22
CA THR D 407 -28.24 -20.21 -20.73
C THR D 407 -28.92 -19.66 -19.48
N SER D 408 -30.25 -19.70 -19.43
CA SER D 408 -30.96 -19.24 -18.24
C SER D 408 -30.74 -20.16 -17.06
N MET D 409 -30.46 -21.44 -17.31
CA MET D 409 -30.09 -22.33 -16.21
C MET D 409 -28.67 -22.08 -15.76
N LEU D 410 -27.74 -21.91 -16.70
CA LEU D 410 -26.34 -21.77 -16.35
C LEU D 410 -26.02 -20.45 -15.70
N THR D 411 -26.82 -19.41 -15.91
CA THR D 411 -26.58 -18.18 -15.15
C THR D 411 -26.93 -18.32 -13.67
N LYS D 412 -27.66 -19.35 -13.28
CA LYS D 412 -28.08 -19.51 -11.90
C LYS D 412 -27.22 -20.49 -11.11
N LEU D 413 -26.28 -21.18 -11.75
CA LEU D 413 -25.54 -22.20 -11.04
C LEU D 413 -24.42 -21.61 -10.21
N ARG D 414 -23.97 -22.36 -9.21
CA ARG D 414 -22.89 -21.93 -8.34
C ARG D 414 -21.86 -23.05 -8.22
N PHE D 415 -20.60 -22.73 -8.48
CA PHE D 415 -19.54 -23.73 -8.47
C PHE D 415 -19.18 -24.09 -7.05
N GLU D 416 -19.06 -25.39 -6.76
CA GLU D 416 -18.70 -25.86 -5.43
C GLU D 416 -17.73 -27.03 -5.56
N VAL D 417 -16.88 -27.20 -4.54
CA VAL D 417 -15.88 -28.24 -4.51
C VAL D 417 -16.01 -28.99 -3.20
N PHE D 418 -16.11 -30.31 -3.28
CA PHE D 418 -16.23 -31.16 -2.11
C PHE D 418 -15.06 -32.13 -2.05
N GLN D 419 -14.42 -32.21 -0.90
CA GLN D 419 -13.37 -33.18 -0.69
C GLN D 419 -13.97 -34.58 -0.53
N PRO D 420 -13.22 -35.64 -0.81
CA PRO D 420 -13.76 -36.98 -0.64
C PRO D 420 -14.04 -37.32 0.80
N GLY D 421 -15.09 -38.11 1.01
CA GLY D 421 -15.58 -38.42 2.33
C GLY D 421 -16.65 -37.50 2.85
N ASP D 422 -16.80 -36.32 2.26
CA ASP D 422 -17.76 -35.34 2.75
C ASP D 422 -19.18 -35.76 2.42
N TYR D 423 -20.09 -35.52 3.36
CA TYR D 423 -21.51 -35.77 3.11
C TYR D 423 -22.10 -34.52 2.47
N ILE D 424 -22.41 -34.62 1.18
CA ILE D 424 -23.04 -33.53 0.46
C ILE D 424 -24.45 -33.33 0.97
N ILE D 425 -25.25 -34.37 0.91
CA ILE D 425 -26.64 -34.36 1.31
C ILE D 425 -26.79 -35.39 2.42
N ARG D 426 -27.39 -34.99 3.53
CA ARG D 426 -27.66 -35.95 4.59
C ARG D 426 -29.09 -36.44 4.48
N GLU D 427 -29.27 -37.74 4.75
CA GLU D 427 -30.54 -38.40 4.49
C GLU D 427 -31.58 -37.97 5.51
N GLY D 428 -32.66 -37.36 5.04
CA GLY D 428 -33.74 -36.98 5.92
C GLY D 428 -33.66 -35.58 6.48
N THR D 429 -33.16 -34.62 5.70
CA THR D 429 -33.21 -33.21 6.06
C THR D 429 -34.03 -32.47 5.02
N ILE D 430 -34.35 -31.21 5.31
CA ILE D 430 -35.11 -30.40 4.37
C ILE D 430 -34.12 -29.82 3.35
N GLY D 431 -34.29 -30.20 2.09
CA GLY D 431 -33.33 -29.84 1.06
C GLY D 431 -33.60 -28.48 0.46
N LYS D 432 -32.53 -27.74 0.20
CA LYS D 432 -32.64 -26.42 -0.37
C LYS D 432 -31.78 -26.21 -1.61
N LYS D 433 -31.03 -27.22 -2.05
CA LYS D 433 -30.18 -27.09 -3.22
C LYS D 433 -30.28 -28.34 -4.07
N MET D 434 -29.82 -28.20 -5.31
CA MET D 434 -29.82 -29.25 -6.32
C MET D 434 -28.46 -29.26 -6.97
N TYR D 435 -27.87 -30.44 -7.11
CA TYR D 435 -26.48 -30.56 -7.53
C TYR D 435 -26.35 -31.19 -8.90
N PHE D 436 -25.61 -30.53 -9.78
CA PHE D 436 -25.13 -31.09 -11.02
C PHE D 436 -23.68 -31.48 -10.82
N ILE D 437 -23.23 -32.54 -11.48
CA ILE D 437 -21.86 -33.01 -11.32
C ILE D 437 -21.07 -32.59 -12.53
N GLN D 438 -20.08 -31.72 -12.34
CA GLN D 438 -19.15 -31.43 -13.42
C GLN D 438 -18.03 -32.45 -13.46
N HIS D 439 -17.47 -32.78 -12.31
CA HIS D 439 -16.33 -33.68 -12.29
C HIS D 439 -16.32 -34.46 -10.99
N GLY D 440 -15.95 -35.73 -11.07
CA GLY D 440 -15.90 -36.60 -9.91
C GLY D 440 -17.09 -37.55 -9.88
N VAL D 441 -17.03 -38.45 -8.91
CA VAL D 441 -18.10 -39.42 -8.70
C VAL D 441 -18.58 -39.35 -7.26
N VAL D 442 -19.86 -39.62 -7.05
CA VAL D 442 -20.44 -39.62 -5.72
C VAL D 442 -21.12 -40.95 -5.47
N SER D 443 -21.34 -41.24 -4.19
CA SER D 443 -22.01 -42.46 -3.76
C SER D 443 -23.34 -42.07 -3.13
N VAL D 444 -24.43 -42.51 -3.74
CA VAL D 444 -25.74 -42.37 -3.12
C VAL D 444 -25.93 -43.53 -2.16
N LEU D 445 -26.02 -43.21 -0.88
CA LEU D 445 -26.25 -44.17 0.20
C LEU D 445 -27.72 -44.07 0.61
N THR D 446 -28.40 -45.20 0.63
CA THR D 446 -29.78 -45.27 1.08
C THR D 446 -29.87 -46.32 2.16
N LYS D 447 -30.64 -46.03 3.21
CA LYS D 447 -30.79 -46.95 4.33
C LYS D 447 -31.51 -48.22 3.90
N GLY D 448 -30.77 -49.33 3.95
CA GLY D 448 -31.31 -50.62 3.58
C GLY D 448 -31.17 -50.98 2.12
N ASN D 449 -30.50 -50.15 1.33
CA ASN D 449 -30.32 -50.41 -0.09
C ASN D 449 -28.83 -50.30 -0.43
N LYS D 450 -28.50 -50.68 -1.66
CA LYS D 450 -27.12 -50.67 -2.11
C LYS D 450 -26.75 -49.26 -2.58
N GLU D 451 -25.50 -48.88 -2.34
CA GLU D 451 -25.01 -47.59 -2.80
C GLU D 451 -24.92 -47.57 -4.31
N THR D 452 -25.14 -46.40 -4.90
CA THR D 452 -25.03 -46.25 -6.35
C THR D 452 -24.07 -45.14 -6.69
N LYS D 453 -23.16 -45.40 -7.61
CA LYS D 453 -22.22 -44.37 -8.03
C LYS D 453 -22.86 -43.49 -9.09
N LEU D 454 -22.59 -42.20 -8.99
CA LEU D 454 -22.99 -41.24 -10.01
C LEU D 454 -21.76 -40.52 -10.51
N ALA D 455 -21.75 -40.23 -11.81
CA ALA D 455 -20.58 -39.69 -12.47
C ALA D 455 -20.94 -38.41 -13.20
N ASP D 456 -20.05 -37.96 -14.09
CA ASP D 456 -20.19 -36.69 -14.76
C ASP D 456 -21.41 -36.67 -15.67
N GLY D 457 -22.14 -35.55 -15.65
CA GLY D 457 -23.35 -35.46 -16.42
C GLY D 457 -24.58 -35.81 -15.61
N SER D 458 -24.41 -36.73 -14.66
CA SER D 458 -25.53 -37.08 -13.80
C SER D 458 -25.74 -35.99 -12.76
N TYR D 459 -26.99 -35.77 -12.40
CA TYR D 459 -27.30 -34.82 -11.35
C TYR D 459 -28.08 -35.54 -10.26
N PHE D 460 -28.18 -34.91 -9.10
CA PHE D 460 -28.87 -35.52 -7.98
C PHE D 460 -29.44 -34.43 -7.09
N GLY D 461 -30.33 -34.84 -6.21
CA GLY D 461 -30.95 -33.90 -5.30
C GLY D 461 -31.98 -33.05 -6.01
N GLU D 462 -32.96 -33.69 -6.64
CA GLU D 462 -33.98 -32.97 -7.38
C GLU D 462 -35.39 -33.34 -6.97
N ILE D 463 -35.58 -34.40 -6.18
CA ILE D 463 -36.91 -34.79 -5.76
C ILE D 463 -37.45 -33.78 -4.75
N CYS D 464 -36.58 -33.23 -3.91
CA CYS D 464 -37.01 -32.28 -2.91
C CYS D 464 -37.32 -30.93 -3.51
N LEU D 465 -36.76 -30.63 -4.68
CA LEU D 465 -37.10 -29.38 -5.33
C LEU D 465 -38.39 -29.50 -6.11
N LEU D 466 -38.83 -30.72 -6.39
CA LEU D 466 -40.10 -30.92 -7.06
C LEU D 466 -41.23 -31.13 -6.08
N THR D 467 -40.95 -31.72 -4.92
CA THR D 467 -41.99 -32.14 -3.99
C THR D 467 -42.00 -31.40 -2.67
N ARG D 468 -40.94 -30.63 -2.36
CA ARG D 468 -40.77 -29.90 -1.11
C ARG D 468 -40.80 -30.81 0.12
N GLY D 469 -40.39 -32.06 -0.05
CA GLY D 469 -40.38 -33.00 1.06
C GLY D 469 -39.07 -32.97 1.81
N ARG D 470 -38.56 -34.14 2.16
CA ARG D 470 -37.28 -34.27 2.81
C ARG D 470 -36.40 -35.17 1.98
N ARG D 471 -35.09 -35.16 2.28
CA ARG D 471 -34.12 -35.89 1.48
C ARG D 471 -34.30 -37.40 1.64
N THR D 472 -34.39 -38.10 0.52
CA THR D 472 -34.64 -39.53 0.55
C THR D 472 -33.39 -40.36 0.68
N ALA D 473 -32.22 -39.83 0.33
CA ALA D 473 -31.01 -40.63 0.36
C ALA D 473 -29.80 -39.73 0.60
N SER D 474 -28.90 -40.19 1.45
CA SER D 474 -27.67 -39.44 1.67
C SER D 474 -26.76 -39.57 0.46
N VAL D 475 -25.91 -38.56 0.25
CA VAL D 475 -24.94 -38.57 -0.83
C VAL D 475 -23.58 -38.23 -0.25
N ARG D 476 -22.59 -39.08 -0.51
CA ARG D 476 -21.24 -38.88 0.00
C ARG D 476 -20.29 -38.74 -1.18
N ALA D 477 -19.27 -37.89 -1.03
CA ALA D 477 -18.31 -37.75 -2.10
C ALA D 477 -17.36 -38.94 -2.14
N ASP D 478 -16.73 -39.13 -3.29
CA ASP D 478 -15.74 -40.19 -3.44
C ASP D 478 -14.39 -39.69 -3.90
N THR D 479 -14.34 -38.71 -4.78
CA THR D 479 -13.14 -38.04 -5.19
C THR D 479 -13.29 -36.55 -4.89
N TYR D 480 -12.35 -35.75 -5.36
CA TYR D 480 -12.52 -34.31 -5.25
C TYR D 480 -13.60 -33.87 -6.23
N CYS D 481 -14.84 -33.81 -5.76
CA CYS D 481 -15.97 -33.53 -6.62
C CYS D 481 -16.05 -32.04 -6.92
N ARG D 482 -16.23 -31.71 -8.19
CA ARG D 482 -16.53 -30.35 -8.61
C ARG D 482 -17.97 -30.35 -9.08
N LEU D 483 -18.83 -29.68 -8.34
CA LEU D 483 -20.26 -29.71 -8.58
C LEU D 483 -20.76 -28.32 -8.90
N TYR D 484 -21.98 -28.27 -9.43
CA TYR D 484 -22.74 -27.03 -9.58
C TYR D 484 -24.00 -27.15 -8.77
N SER D 485 -24.19 -26.23 -7.84
CA SER D 485 -25.36 -26.19 -7.01
C SER D 485 -26.38 -25.25 -7.62
N LEU D 486 -27.65 -25.54 -7.37
CA LEU D 486 -28.76 -24.74 -7.85
C LEU D 486 -29.77 -24.61 -6.73
N SER D 487 -30.15 -23.39 -6.39
CA SER D 487 -31.06 -23.18 -5.27
C SER D 487 -32.48 -23.54 -5.68
N VAL D 488 -33.37 -23.55 -4.68
CA VAL D 488 -34.77 -23.84 -4.93
C VAL D 488 -35.42 -22.70 -5.69
N ASP D 489 -35.13 -21.46 -5.28
CA ASP D 489 -35.79 -20.30 -5.84
C ASP D 489 -35.44 -20.09 -7.30
N ASN D 490 -34.16 -20.27 -7.65
CA ASN D 490 -33.77 -20.16 -9.04
C ASN D 490 -34.32 -21.29 -9.88
N PHE D 491 -34.46 -22.48 -9.29
CA PHE D 491 -35.02 -23.63 -10.01
C PHE D 491 -36.49 -23.40 -10.34
N ASN D 492 -37.24 -22.89 -9.36
CA ASN D 492 -38.64 -22.57 -9.62
C ASN D 492 -38.78 -21.39 -10.56
N GLU D 493 -37.83 -20.45 -10.52
CA GLU D 493 -37.87 -19.31 -11.44
C GLU D 493 -37.64 -19.75 -12.88
N VAL D 494 -36.63 -20.61 -13.10
CA VAL D 494 -36.33 -21.08 -14.43
C VAL D 494 -37.41 -22.01 -14.95
N LEU D 495 -38.05 -22.79 -14.08
CA LEU D 495 -39.18 -23.57 -14.55
C LEU D 495 -40.45 -22.73 -14.73
N GLU D 496 -40.56 -21.58 -14.06
CA GLU D 496 -41.66 -20.69 -14.36
C GLU D 496 -41.44 -19.99 -15.69
N GLU D 497 -40.18 -19.81 -16.08
CA GLU D 497 -39.88 -19.40 -17.45
C GLU D 497 -40.31 -20.48 -18.44
N TYR D 498 -39.78 -21.69 -18.26
CA TYR D 498 -39.96 -22.79 -19.21
C TYR D 498 -40.62 -23.96 -18.49
N PRO D 499 -41.95 -24.02 -18.46
CA PRO D 499 -42.63 -25.14 -17.80
C PRO D 499 -42.57 -26.45 -18.56
N MET D 500 -42.06 -26.46 -19.78
CA MET D 500 -41.98 -27.69 -20.55
C MET D 500 -40.77 -28.54 -20.21
N MET D 501 -39.73 -27.94 -19.63
CA MET D 501 -38.58 -28.70 -19.19
C MET D 501 -38.74 -29.25 -17.78
N ARG D 502 -39.86 -28.97 -17.11
CA ARG D 502 -40.11 -29.56 -15.80
C ARG D 502 -40.33 -31.06 -15.91
N ARG D 503 -40.89 -31.51 -17.05
CA ARG D 503 -41.29 -32.91 -17.18
C ARG D 503 -40.08 -33.81 -17.32
N ALA D 504 -38.93 -33.26 -17.75
CA ALA D 504 -37.70 -34.04 -17.75
C ALA D 504 -37.27 -34.40 -16.33
N PHE D 505 -37.26 -33.40 -15.44
CA PHE D 505 -36.92 -33.67 -14.05
C PHE D 505 -37.97 -34.52 -13.37
N GLU D 506 -39.24 -34.38 -13.76
CA GLU D 506 -40.28 -35.22 -13.17
C GLU D 506 -40.14 -36.67 -13.62
N THR D 507 -39.71 -36.89 -14.87
CA THR D 507 -39.46 -38.24 -15.35
C THR D 507 -38.29 -38.88 -14.64
N VAL D 508 -37.19 -38.12 -14.47
CA VAL D 508 -36.00 -38.65 -13.81
C VAL D 508 -36.29 -38.90 -12.32
N ALA D 509 -37.05 -38.01 -11.68
CA ALA D 509 -37.37 -38.20 -10.27
C ALA D 509 -38.35 -39.35 -10.06
N LEU D 510 -39.28 -39.56 -10.99
CA LEU D 510 -40.16 -40.71 -10.88
C LEU D 510 -39.40 -42.00 -11.09
N ASP D 511 -38.40 -41.99 -11.98
CA ASP D 511 -37.57 -43.19 -12.16
C ASP D 511 -36.72 -43.46 -10.94
N ARG D 512 -36.21 -42.42 -10.29
CA ARG D 512 -35.39 -42.63 -9.11
C ARG D 512 -36.20 -42.99 -7.88
N LEU D 513 -37.46 -42.56 -7.82
CA LEU D 513 -38.35 -43.11 -6.80
C LEU D 513 -38.73 -44.56 -7.12
N ASP D 514 -38.81 -44.90 -8.40
CA ASP D 514 -39.05 -46.27 -8.81
C ASP D 514 -37.89 -47.18 -8.45
N ARG D 515 -36.66 -46.65 -8.45
CA ARG D 515 -35.51 -47.45 -8.03
C ARG D 515 -35.50 -47.71 -6.53
N ILE D 516 -36.29 -46.97 -5.76
CA ILE D 516 -36.42 -47.23 -4.34
C ILE D 516 -37.85 -47.66 -4.03
P CMP E . -38.09 -14.28 28.32
O1P CMP E . -39.18 -14.00 29.27
O2P CMP E . -38.39 -14.33 26.84
O5' CMP E . -37.02 -13.11 28.58
C5' CMP E . -36.22 -13.09 29.75
C4' CMP E . -35.74 -14.48 30.00
O4' CMP E . -35.16 -14.67 31.30
C3' CMP E . -36.85 -15.49 29.98
O3' CMP E . -37.38 -15.63 28.68
C2' CMP E . -36.18 -16.70 30.58
O2' CMP E . -35.34 -17.33 29.62
C1' CMP E . -35.28 -16.04 31.63
N9 CMP E . -35.82 -16.17 32.99
C8 CMP E . -36.85 -15.47 33.56
N7 CMP E . -37.11 -15.80 34.80
C5 CMP E . -36.18 -16.81 35.07
C6 CMP E . -35.92 -17.57 36.21
N6 CMP E . -36.57 -17.44 37.37
N1 CMP E . -34.92 -18.48 36.14
C2 CMP E . -34.24 -18.61 35.00
N3 CMP E . -34.40 -17.93 33.86
C4 CMP E . -35.38 -17.04 33.96
O12 PC1 F . 10.09 -17.10 -18.50
P PC1 F . 9.74 -16.02 -19.44
O14 PC1 F . 8.69 -15.04 -19.07
O13 PC1 F . 9.42 -16.67 -20.87
C11 PC1 F . 8.57 -17.84 -21.01
O11 PC1 F . 11.08 -15.27 -19.84
C1 PC1 F . 11.54 -14.18 -19.02
C2 PC1 F . 12.77 -13.59 -19.66
O21 PC1 F . 12.41 -12.92 -20.92
C21 PC1 F . 12.15 -11.61 -20.87
O22 PC1 F . 12.08 -10.97 -19.85
C22 PC1 F . 11.97 -11.04 -22.24
C23 PC1 F . 13.28 -10.64 -22.91
C24 PC1 F . 14.19 -9.78 -22.02
C25 PC1 F . 15.32 -9.13 -22.77
C26 PC1 F . 16.37 -8.45 -21.90
C27 PC1 F . 17.17 -7.41 -22.65
C28 PC1 F . 18.48 -7.01 -22.00
C29 PC1 F . 19.66 -7.91 -22.36
C2A PC1 F . 20.99 -7.38 -21.88
C2B PC1 F . 22.19 -8.20 -22.31
C2C PC1 F . 22.43 -8.19 -23.81
C3 PC1 F . 13.78 -14.63 -20.00
O31 PC1 F . 14.80 -13.99 -20.80
C31 PC1 F . 16.02 -13.95 -20.29
O32 PC1 F . 16.32 -14.47 -19.25
C32 PC1 F . 16.95 -13.19 -21.17
C33 PC1 F . 18.32 -12.93 -20.53
C34 PC1 F . 19.24 -12.20 -21.45
C35 PC1 F . 20.56 -11.79 -20.83
C36 PC1 F . 21.44 -12.95 -20.50
C37 PC1 F . 22.77 -12.54 -19.91
C38 PC1 F . 23.59 -11.63 -20.78
C39 PC1 F . 25.07 -11.91 -20.71
C3A PC1 F . 25.91 -11.01 -21.57
C3B PC1 F . 26.02 -9.59 -21.05
C3C PC1 F . 26.78 -9.46 -19.74
C3D PC1 F . 28.23 -9.86 -19.84
C3E PC1 F . 28.93 -9.98 -18.52
C3F PC1 F . 30.31 -10.55 -18.63
C3G PC1 F . 30.96 -10.85 -17.32
C3H PC1 F . 32.29 -11.54 -17.45
O12 PC1 G . 43.80 -18.11 -5.00
P PC1 G . 44.07 -17.68 -3.61
O14 PC1 G . 44.60 -18.66 -2.63
O13 PC1 G . 45.01 -16.39 -3.67
C11 PC1 G . 46.01 -16.13 -2.64
C12 PC1 G . 45.24 -15.32 -1.63
N PC1 G . 46.01 -14.93 -0.39
O11 PC1 G . 42.76 -16.98 -3.03
C1 PC1 G . 41.72 -17.81 -2.50
C2 PC1 G . 40.72 -16.99 -1.72
O21 PC1 G . 39.86 -16.20 -2.60
C21 PC1 G . 38.74 -16.78 -3.05
O22 PC1 G . 38.47 -17.92 -2.88
C22 PC1 G . 37.89 -15.79 -3.79
C23 PC1 G . 36.41 -16.16 -3.73
C24 PC1 G . 35.83 -16.11 -2.34
C25 PC1 G . 34.36 -16.46 -2.29
C26 PC1 G . 33.75 -16.39 -0.91
C27 PC1 G . 32.26 -16.61 -0.88
C28 PC1 G . 31.66 -16.51 0.50
C3 PC1 G . 41.36 -16.03 -0.73
O31 PC1 G . 40.33 -15.76 0.24
C31 PC1 G . 40.63 -14.89 1.20
O32 PC1 G . 41.66 -14.27 1.25
C32 PC1 G . 39.52 -14.79 2.22
C33 PC1 G . 38.21 -15.37 1.70
C34 PC1 G . 37.07 -15.26 2.68
C35 PC1 G . 35.77 -15.75 2.11
C36 PC1 G . 34.61 -15.71 3.08
C1 PC1 H . 10.30 -7.36 -10.60
C2 PC1 H . 10.11 -6.66 -11.92
O21 PC1 H . 11.44 -6.38 -12.48
C21 PC1 H . 11.55 -6.35 -13.82
O22 PC1 H . 10.66 -6.60 -14.58
C22 PC1 H . 12.94 -5.94 -14.24
C23 PC1 H . 13.01 -5.43 -15.67
C24 PC1 H . 14.41 -5.07 -16.10
C3 PC1 H . 9.37 -5.36 -11.77
O31 PC1 H . 10.22 -4.33 -11.23
C31 PC1 H . 10.65 -3.40 -12.08
O32 PC1 H . 10.44 -3.43 -13.27
C32 PC1 H . 11.44 -2.32 -11.38
C33 PC1 H . 12.66 -1.83 -12.16
C34 PC1 H . 12.34 -0.78 -13.21
C35 PC1 H . 13.51 -0.39 -14.09
C36 PC1 H . 14.09 -1.53 -14.89
C37 PC1 H . 14.96 -1.09 -16.05
C38 PC1 H . 16.27 -0.44 -15.68
C39 PC1 H . 16.35 1.05 -15.92
C3A PC1 H . 17.63 1.68 -15.42
C3B PC1 H . 17.53 3.17 -15.18
C3C PC1 H . 18.53 3.66 -14.14
C3D PC1 H . 18.23 5.04 -13.62
C3E PC1 H . 18.76 6.17 -14.46
C3F PC1 H . 20.25 6.38 -14.32
C3G PC1 H . 20.74 7.74 -14.75
C3 PC1 I . 9.81 -12.22 -15.24
O31 PC1 I . 11.09 -11.59 -14.92
C31 PC1 I . 11.88 -11.25 -15.95
O32 PC1 I . 11.61 -11.49 -17.08
C32 PC1 I . 13.12 -10.57 -15.49
C33 PC1 I . 14.26 -10.70 -16.49
C34 PC1 I . 15.36 -9.71 -16.27
C35 PC1 I . 16.61 -9.97 -17.05
C36 PC1 I . 17.65 -8.91 -16.84
C37 PC1 I . 19.03 -9.27 -17.35
C38 PC1 I . 20.00 -8.13 -17.22
C39 PC1 I . 21.40 -8.50 -17.57
C3A PC1 I . 22.39 -7.38 -17.39
C3B PC1 I . 23.82 -7.80 -17.50
C3C PC1 I . 24.80 -6.74 -17.04
C3D PC1 I . 26.19 -7.26 -16.81
C3E PC1 I . 27.10 -6.26 -16.18
C3F PC1 I . 26.62 -5.75 -14.85
P PIE J . 7.12 -32.17 -3.44
O11 PIE J . 8.40 -32.86 -2.77
O12 PIE J . 6.01 -33.13 -3.63
O13 PIE J . 6.86 -30.93 -2.68
O14 PIE J . 7.90 -31.62 -4.89
C1 PIE J . 9.67 -32.27 -3.04
C2 PIE J . 10.72 -32.67 -2.04
C3 PIE J . 12.01 -32.99 -2.73
O31 PIE J . 12.70 -31.74 -2.96
O32 PIE J . 12.38 -31.93 -5.16
C31 PIE J . 12.84 -31.34 -4.23
C32 PIE J . 13.61 -30.06 -4.32
C33 PIE J . 14.65 -29.90 -3.22
C34 PIE J . 15.53 -28.69 -3.41
O21 PIE J . 11.02 -31.51 -1.22
O22 PIE J . 11.60 -32.78 0.54
C21 PIE J . 11.53 -31.71 0.00
C22 PIE J . 12.01 -30.42 0.61
C23 PIE J . 13.24 -30.60 1.51
C24 PIE J . 13.87 -29.28 1.91
C25 PIE J . 14.60 -28.58 0.79
C1' PIE J . 7.73 -34.18 -7.67
C2' PIE J . 6.47 -33.69 -8.35
C3' PIE J . 6.34 -32.17 -8.26
C4' PIE J . 6.40 -31.72 -6.81
C5' PIE J . 7.72 -32.17 -6.22
C6' PIE J . 7.84 -33.68 -6.24
O1' PIE J . 7.76 -35.62 -7.69
O2' PIE J . 6.46 -34.08 -9.72
O3' PIE J . 5.12 -31.76 -8.86
O4' PIE J . 5.32 -32.29 -6.09
O6' PIE J . 9.08 -34.10 -5.67
P 3PE K . 42.52 -23.23 -15.11
N 3PE K . 47.26 -22.60 -15.72
O11 3PE K . 41.48 -23.21 -13.90
O12 3PE K . 43.08 -24.59 -15.17
O13 3PE K . 43.70 -22.26 -14.67
O14 3PE K . 41.86 -22.67 -16.31
C11 3PE K . 45.07 -22.76 -14.63
C12 3PE K . 45.94 -21.97 -15.56
C1 3PE K . 41.18 -24.44 -13.23
C2 3PE K . 40.12 -24.21 -12.18
C3 3PE K . 39.81 -22.75 -11.98
O31 3PE K . 38.96 -22.62 -10.81
O32 3PE K . 38.05 -20.78 -11.69
C31 3PE K . 38.14 -21.58 -10.80
C32 3PE K . 37.34 -21.53 -9.53
C33 3PE K . 36.68 -20.17 -9.33
C34 3PE K . 35.79 -20.10 -8.10
C35 3PE K . 35.21 -18.73 -7.86
C36 3PE K . 34.26 -18.66 -6.67
C37 3PE K . 33.63 -17.30 -6.46
C38 3PE K . 32.49 -17.29 -5.47
C39 3PE K . 31.63 -16.03 -5.55
C3A 3PE K . 30.30 -16.13 -4.84
C3B 3PE K . 29.22 -15.24 -5.43
C3C 3PE K . 29.44 -13.76 -5.25
C3D 3PE K . 29.45 -13.32 -3.80
C3E 3PE K . 29.43 -11.82 -3.62
C3F 3PE K . 29.38 -11.39 -2.16
O21 3PE K . 38.89 -24.86 -12.63
O22 3PE K . 39.46 -26.77 -11.59
C21 3PE K . 38.68 -26.13 -12.26
C22 3PE K . 37.38 -26.65 -12.78
C23 3PE K . 36.23 -26.43 -11.82
C24 3PE K . 36.35 -27.21 -10.53
C25 3PE K . 35.12 -27.16 -9.66
C26 3PE K . 33.86 -27.56 -10.40
C27 3PE K . 32.63 -27.63 -9.52
C28 3PE K . 31.33 -27.63 -10.30
C29 3PE K . 30.08 -27.81 -9.44
C2A 3PE K . 28.80 -27.63 -10.21
C2B 3PE K . 27.59 -28.24 -9.53
C2C 3PE K . 27.33 -27.72 -8.13
C2D 3PE K . 26.96 -26.25 -8.09
C2E 3PE K . 26.49 -25.78 -6.73
C2F 3PE K . 26.02 -24.35 -6.69
C2G 3PE K . 25.49 -23.91 -5.35
P 3PE L . 10.38 -12.68 -10.57
N 3PE L . 7.01 -15.65 -8.97
O11 3PE L . 11.82 -12.21 -10.07
O12 3PE L . 9.41 -11.78 -9.92
O13 3PE L . 10.08 -14.15 -10.03
O14 3PE L . 10.43 -12.73 -12.05
C11 3PE L . 8.83 -14.79 -10.39
C12 3PE L . 8.45 -15.80 -9.35
C1 3PE L . 12.27 -10.88 -10.42
C2 3PE L . 13.67 -10.94 -10.96
C3 3PE L . 13.84 -12.03 -12.00
O31 3PE L . 15.09 -12.68 -11.71
O32 3PE L . 14.08 -14.67 -11.59
C31 3PE L . 15.05 -13.99 -11.44
C32 3PE L . 16.36 -14.48 -10.89
C33 3PE L . 16.70 -15.89 -11.32
C34 3PE L . 18.18 -16.19 -11.25
C35 3PE L . 18.72 -16.42 -9.87
C36 3PE L . 20.19 -16.79 -9.88
C37 3PE L . 20.74 -17.20 -8.53
C38 3PE L . 22.16 -17.73 -8.59
C39 3PE L . 22.64 -18.31 -7.28
C3A 3PE L . 23.48 -17.35 -6.45
C3B 3PE L . 24.81 -17.00 -7.10
C3C 3PE L . 25.74 -16.25 -6.17
O21 3PE L . 13.97 -9.65 -11.56
O22 3PE L . 16.16 -9.90 -11.14
C21 3PE L . 15.25 -9.24 -11.55
C22 3PE L . 15.38 -7.86 -12.12
C23 3PE L . 16.82 -7.43 -12.32
C24 3PE L . 16.93 -6.00 -12.78
C25 3PE L . 18.26 -5.65 -13.42
C26 3PE L . 18.28 -4.28 -14.02
C27 3PE L . 19.42 -4.08 -15.00
C28 3PE L . 19.39 -2.75 -15.71
C29 3PE L . 20.46 -2.62 -16.77
C2A 3PE L . 20.53 -1.28 -17.45
C2B 3PE L . 21.70 -1.16 -18.40
C2C 3PE L . 21.86 0.24 -19.00
C2D 3PE L . 23.04 0.36 -19.95
O21 PC1 M . 7.68 -16.53 5.41
C21 PC1 M . 8.79 -16.62 5.86
C22 PC1 M . 9.37 -17.84 6.49
C23 PC1 M . 10.07 -18.75 5.49
C24 PC1 M . 11.36 -18.17 4.95
C25 PC1 M . 12.01 -19.04 3.89
C26 PC1 M . 13.37 -18.56 3.45
C27 PC1 M . 13.96 -19.40 2.33
C28 PC1 M . 15.44 -19.15 2.10
C29 PC1 M . 16.03 -20.02 1.01
C2A PC1 M . 17.52 -19.84 0.83
C2B PC1 M . 18.10 -20.70 -0.27
C2C PC1 M . 19.59 -20.56 -0.44
C3 PC1 M . 9.67 -13.45 7.20
O31 PC1 M . 10.51 -12.99 6.11
C31 PC1 M . 11.40 -13.85 5.62
O32 PC1 M . 11.53 -14.97 6.01
C32 PC1 M . 12.20 -13.23 4.53
C33 PC1 M . 13.33 -14.11 4.04
C34 PC1 M . 14.21 -13.40 3.02
C35 PC1 M . 15.19 -14.30 2.31
C36 PC1 M . 16.12 -15.05 3.22
C37 PC1 M . 17.25 -15.73 2.48
C38 PC1 M . 18.16 -14.75 1.78
C39 PC1 M . 19.31 -15.38 1.04
C3A PC1 M . 18.93 -16.05 -0.26
C3B PC1 M . 20.11 -16.47 -1.11
C3C PC1 M . 19.73 -17.12 -2.43
C3D PC1 M . 20.92 -17.58 -3.24
O12 PC1 N . 38.83 4.63 -25.89
P PC1 N . 39.45 3.48 -25.20
O14 PC1 N . 40.25 2.50 -25.98
O13 PC1 N . 40.30 4.01 -23.96
C11 PC1 N . 41.62 4.60 -24.12
C12 PC1 N . 41.35 6.08 -24.05
N PC1 N . 42.54 6.98 -24.26
O11 PC1 N . 38.33 2.73 -24.36
C1 PC1 N . 36.93 2.88 -24.67
C2 PC1 N . 36.41 1.49 -25.01
O21 PC1 N . 34.99 1.30 -24.69
C21 PC1 N . 34.50 1.25 -23.43
O22 PC1 N . 35.15 1.45 -22.44
C22 PC1 N . 33.04 0.91 -23.43
C23 PC1 N . 32.65 0.11 -22.21
C24 PC1 N . 31.16 -0.22 -22.15
C25 PC1 N . 30.26 0.96 -21.92
C26 PC1 N . 28.78 0.58 -21.84
C27 PC1 N . 27.88 1.71 -21.38
C3 PC1 N . 37.28 0.37 -24.49
O31 PC1 N . 36.47 -0.81 -24.52
C31 PC1 N . 36.46 -1.50 -25.64
O32 PC1 N . 37.26 -1.37 -26.53
C32 PC1 N . 35.29 -2.44 -25.67
C33 PC1 N . 34.49 -2.48 -24.37
C34 PC1 N . 33.15 -3.16 -24.54
C35 PC1 N . 32.43 -3.46 -23.24
C36 PC1 N . 30.95 -3.67 -23.43
C37 PC1 N . 30.19 -3.98 -22.17
C38 PC1 N . 28.69 -3.99 -22.36
C39 PC1 N . 27.93 -4.59 -21.22
C3A PC1 N . 28.21 -6.06 -21.01
C1 PC1 O . 42.87 -2.95 -27.61
C2 PC1 O . 42.06 -4.18 -27.95
O21 PC1 O . 41.24 -4.52 -26.78
C21 PC1 O . 39.96 -4.15 -26.79
O22 PC1 O . 39.45 -3.50 -27.67
C22 PC1 O . 39.25 -4.64 -25.58
C23 PC1 O . 37.85 -5.15 -25.88
C24 PC1 O . 37.14 -5.70 -24.66
C25 PC1 O . 35.69 -6.05 -24.91
C26 PC1 O . 35.03 -6.80 -23.77
C27 PC1 O . 33.57 -7.05 -24.02
C28 PC1 O . 32.95 -8.07 -23.10
C29 PC1 O . 31.50 -8.35 -23.43
C2A PC1 O . 30.90 -9.49 -22.66
C3 PC1 O . 42.94 -5.37 -28.21
O31 PC1 O . 42.12 -6.54 -27.99
C31 PC1 O . 41.46 -7.05 -29.04
O32 PC1 O . 41.57 -6.61 -30.16
C32 PC1 O . 40.58 -8.18 -28.63
C33 PC1 O . 39.19 -8.10 -29.25
UNK UNX P . -0.04 -26.20 -0.52
UNK UNX Q . -5.17 -2.05 25.62
O12 PC1 R . 44.58 -14.11 3.57
P PC1 R . 44.75 -13.35 4.82
O14 PC1 R . 45.51 -13.94 5.95
O13 PC1 R . 45.31 -11.90 4.49
C11 PC1 R . 46.71 -11.67 4.19
C12 PC1 R . 46.74 -11.58 2.69
N PC1 R . 48.09 -11.40 2.05
O11 PC1 R . 43.30 -12.89 5.33
C1 PC1 R . 42.10 -13.56 4.90
C2 PC1 R . 41.44 -14.12 6.13
O21 PC1 R . 39.97 -14.20 6.02
C21 PC1 R . 39.15 -13.12 5.97
O22 PC1 R . 39.53 -11.98 5.92
C22 PC1 R . 37.72 -13.53 6.00
C23 PC1 R . 36.84 -12.52 6.71
C24 PC1 R . 35.37 -12.88 6.72
C25 PC1 R . 34.69 -12.83 5.37
C26 PC1 R . 33.21 -13.17 5.43
C27 PC1 R . 32.45 -12.91 4.14
C3 PC1 R . 41.89 -13.44 7.40
O31 PC1 R . 40.89 -13.76 8.40
C31 PC1 R . 41.05 -14.88 9.08
O32 PC1 R . 42.07 -15.50 9.10
C32 PC1 R . 39.78 -15.28 9.75
C33 PC1 R . 38.66 -14.25 9.62
C34 PC1 R . 37.31 -14.82 10.00
C35 PC1 R . 36.21 -13.78 10.15
C36 PC1 R . 34.83 -14.38 10.04
C37 PC1 R . 33.70 -13.38 10.19
C38 PC1 R . 32.36 -13.98 9.89
C39 PC1 R . 31.20 -13.12 10.31
C3A PC1 R . 31.11 -12.93 11.80
C1 PC1 S . 47.32 -15.14 11.83
C2 PC1 S . 46.42 -15.75 12.86
O21 PC1 S . 45.26 -14.88 13.02
C21 PC1 S . 44.13 -15.21 12.38
O22 PC1 S . 44.03 -16.15 11.65
C22 PC1 S . 43.02 -14.26 12.72
C23 PC1 S . 41.69 -14.96 12.93
C24 PC1 S . 40.58 -14.01 13.31
C25 PC1 S . 39.22 -14.66 13.36
C26 PC1 S . 38.14 -13.80 13.95
C27 PC1 S . 36.77 -14.44 13.89
C28 PC1 S . 35.74 -13.78 14.76
C29 PC1 S . 34.42 -14.52 14.73
C2A PC1 S . 33.41 -14.00 15.73
C3 PC1 S . 47.08 -15.84 14.20
O31 PC1 S . 46.02 -15.92 15.18
C31 PC1 S . 45.58 -17.13 15.52
O32 PC1 S . 46.07 -18.16 15.12
C32 PC1 S . 44.41 -17.05 16.45
C33 PC1 S . 43.30 -18.01 16.08
P CMP T . -46.50 16.09 6.01
O1P CMP T . -47.73 16.73 5.52
O2P CMP T . -46.38 14.57 6.00
O5' CMP T . -45.33 16.69 5.10
C5' CMP T . -44.90 18.03 5.25
C4' CMP T . -44.80 18.32 6.71
O4' CMP T . -44.65 19.71 7.02
C3' CMP T . -46.04 17.94 7.46
O3' CMP T . -46.20 16.54 7.49
C2' CMP T . -45.81 18.63 8.79
O2' CMP T . -44.89 17.90 9.58
C1' CMP T . -45.13 19.92 8.33
N9 CMP T . -46.04 21.08 8.34
C8 CMP T . -47.03 21.38 7.44
N7 CMP T . -47.67 22.48 7.72
C5 CMP T . -47.07 22.93 8.89
C6 CMP T . -47.30 24.06 9.70
N6 CMP T . -48.21 25.00 9.44
N1 CMP T . -46.53 24.20 10.80
C2 CMP T . -45.60 23.29 11.06
N3 CMP T . -45.30 22.19 10.37
C4 CMP T . -46.07 22.07 9.29
O12 PC1 U . 11.14 -16.07 18.82
P PC1 U . 11.30 -17.00 17.69
O14 PC1 U . 10.41 -16.89 16.52
O13 PC1 U . 11.26 -18.49 18.26
C11 PC1 U . 10.27 -18.94 19.22
O11 PC1 U . 12.82 -16.98 17.25
C1 PC1 U . 13.25 -16.01 16.27
C2 PC1 U . 14.70 -16.25 15.94
O21 PC1 U . 14.83 -17.52 15.22
C21 PC1 U . 14.84 -17.47 13.88
O22 PC1 U . 14.63 -16.48 13.25
C22 PC1 U . 15.16 -18.81 13.29
C23 PC1 U . 16.67 -19.06 13.16
C24 PC1 U . 17.44 -17.92 12.53
C25 PC1 U . 18.85 -18.29 12.12
C26 PC1 U . 19.72 -17.14 11.68
C27 PC1 U . 20.90 -17.58 10.83
C28 PC1 U . 22.03 -16.58 10.72
C29 PC1 U . 23.05 -16.66 11.82
C2A PC1 U . 24.28 -15.80 11.59
C2B PC1 U . 25.37 -15.95 12.66
C2C PC1 U . 26.01 -17.32 12.69
C3 PC1 U . 15.53 -16.38 17.19
O31 PC1 U . 16.83 -16.83 16.77
C31 PC1 U . 17.85 -16.00 16.99
O32 PC1 U . 17.74 -14.96 17.56
C32 PC1 U . 19.12 -16.55 16.43
C33 PC1 U . 20.27 -15.56 16.47
C34 PC1 U . 21.55 -16.15 15.95
C35 PC1 U . 22.69 -15.17 15.82
C36 PC1 U . 23.21 -14.68 17.14
C37 PC1 U . 24.37 -13.73 17.01
C38 PC1 U . 25.57 -14.29 16.29
C39 PC1 U . 26.88 -13.84 16.88
C3A PC1 U . 28.09 -14.39 16.19
C3B PC1 U . 28.34 -13.78 14.82
C3C PC1 U . 28.71 -12.31 14.85
C3D PC1 U . 30.02 -12.04 15.54
C3E PC1 U . 30.28 -10.58 15.81
C3F PC1 U . 31.50 -10.36 16.65
C3G PC1 U . 31.69 -8.93 17.08
C3H PC1 U . 32.83 -8.75 18.03
O12 PC1 V . 38.90 5.95 26.89
P PC1 V . 38.86 7.38 26.52
O14 PC1 V . 38.89 8.40 27.58
O13 PC1 V . 40.01 7.65 25.46
C11 PC1 V . 40.71 8.92 25.41
C12 PC1 V . 39.88 9.74 24.46
N PC1 V . 40.35 11.15 24.24
O11 PC1 V . 37.61 7.62 25.56
C1 PC1 V . 36.31 7.82 26.15
C2 PC1 V . 35.32 8.34 25.14
O21 PC1 V . 34.92 7.30 24.19
C21 PC1 V . 33.87 6.53 24.52
O22 PC1 V . 33.34 6.55 25.58
C22 PC1 V . 33.46 5.65 23.37
C23 PC1 V . 32.00 5.28 23.43
C24 PC1 V . 31.07 6.47 23.26
C25 PC1 V . 29.60 6.09 23.29
C26 PC1 V . 28.68 7.26 23.10
C27 PC1 V . 27.22 6.88 22.99
C28 PC1 V . 26.29 8.06 22.77
C3 PC1 V . 35.83 9.51 24.35
O31 PC1 V . 34.67 10.18 23.85
C31 PC1 V . 34.85 11.24 23.06
O32 PC1 V . 35.93 11.59 22.68
C32 PC1 V . 33.55 11.92 22.74
C33 PC1 V . 32.35 11.04 23.04
C34 PC1 V . 31.03 11.68 22.69
C35 PC1 V . 29.86 10.75 22.90
C36 PC1 V . 28.51 11.37 22.62
C1 PC1 W . 11.12 -7.85 9.35
C2 PC1 W . 11.46 -9.13 8.63
O21 PC1 W . 12.90 -9.31 8.62
C21 PC1 W . 13.39 -10.55 8.62
O22 PC1 W . 12.71 -11.53 8.68
C22 PC1 W . 14.88 -10.56 8.51
C23 PC1 W . 15.45 -11.87 8.03
C24 PC1 W . 16.96 -11.88 7.96
C3 PC1 W . 10.98 -9.12 7.20
O31 PC1 W . 11.83 -8.30 6.37
C31 PC1 W . 12.66 -8.95 5.55
O32 PC1 W . 12.78 -10.14 5.54
C32 PC1 W . 13.43 -8.01 4.66
C33 PC1 W . 14.88 -8.40 4.43
C34 PC1 W . 15.08 -9.43 3.35
C35 PC1 W . 16.50 -9.92 3.21
C36 PC1 W . 17.04 -10.61 4.44
C37 PC1 W . 18.27 -11.47 4.19
C38 PC1 W . 19.53 -10.70 3.83
C39 PC1 W . 19.97 -10.85 2.38
C3A PC1 W . 21.15 -9.97 2.04
C3B PC1 W . 21.30 -9.67 0.57
C3C PC1 W . 22.04 -8.39 0.29
C3D PC1 W . 21.90 -7.87 -1.11
C3E PC1 W . 22.87 -8.48 -2.11
C3F PC1 W . 24.26 -7.93 -2.00
C3G PC1 W . 25.11 -8.14 -3.23
C3 PC1 X . 10.97 -12.72 13.99
O31 PC1 X . 12.21 -12.03 13.64
C31 PC1 X . 13.30 -12.79 13.49
O32 PC1 X . 13.31 -13.98 13.66
C32 PC1 X . 14.48 -11.98 13.07
C33 PC1 X . 15.80 -12.64 13.44
C34 PC1 X . 16.97 -12.06 12.70
C35 PC1 X . 18.31 -12.49 13.22
C36 PC1 X . 19.45 -11.95 12.40
C37 PC1 X . 20.80 -12.09 13.03
C38 PC1 X . 21.91 -11.63 12.13
C39 PC1 X . 23.25 -11.62 12.79
C3A PC1 X . 24.35 -11.12 11.88
C3B PC1 X . 25.65 -10.86 12.60
C3C PC1 X . 26.64 -10.09 11.78
C3D PC1 X . 27.79 -9.52 12.57
C3E PC1 X . 28.68 -8.62 11.78
C3F PC1 X . 27.96 -7.44 11.19
P PIE Y . 1.17 -3.28 32.95
O11 PIE Y . 2.04 -2.33 33.90
O12 PIE Y . -0.01 -3.83 33.66
O13 PIE Y . 0.96 -2.55 31.69
O14 PIE Y . 2.41 -4.44 32.58
C1 PIE Y . 3.44 -2.22 33.58
C2 PIE Y . 4.06 -1.00 34.20
C3 PIE Y . 5.41 -1.33 34.78
O31 PIE Y . 6.37 -1.29 33.69
O32 PIE Y . 6.64 -3.50 33.83
C31 PIE Y . 6.92 -2.44 33.33
C32 PIE Y . 7.94 -2.25 32.24
C33 PIE Y . 8.64 -0.90 32.32
C34 PIE Y . 9.77 -0.79 31.31
O21 PIE Y . 4.35 -0.05 33.12
O22 PIE Y . 4.16 1.71 34.49
C21 PIE Y . 4.45 1.25 33.43
C22 PIE Y . 5.00 2.04 32.28
C23 PIE Y . 5.86 3.21 32.70
C24 PIE Y . 6.61 3.85 31.54
C25 PIE Y . 7.75 3.01 31.01
C1' PIE Y . 2.51 -7.30 35.05
C2' PIE Y . 1.60 -8.27 34.30
C3' PIE Y . 1.77 -8.13 32.79
C4' PIE Y . 1.52 -6.69 32.36
C5' PIE Y . 2.50 -5.79 33.07
C6' PIE Y . 2.32 -5.87 34.58
O1' PIE Y . 2.25 -7.40 36.44
O2' PIE Y . 1.90 -9.61 34.68
O3' PIE Y . 0.87 -9.00 32.12
O4' PIE Y . 0.19 -6.32 32.70
O6' PIE Y . 3.24 -5.01 35.24
P 3PE Z . 39.46 -4.42 31.61
N 3PE Z . 44.21 -3.68 32.00
O11 3PE Z . 38.16 -3.53 31.37
O12 3PE Z . 39.74 -4.41 33.06
O13 3PE Z . 40.64 -3.62 30.91
O14 3PE Z . 39.29 -5.72 30.92
C11 3PE Z . 41.81 -3.24 31.68
C12 3PE Z . 43.04 -3.85 31.10
C1 3PE Z . 37.44 -3.03 32.52
C2 3PE Z . 36.19 -2.31 32.06
C3 3PE Z . 36.15 -2.11 30.58
O31 3PE Z . 35.04 -1.22 30.27
O32 3PE Z . 34.81 -2.19 28.29
C31 3PE Z . 34.48 -1.36 29.08
C32 3PE Z . 33.39 -0.36 28.86
C33 3PE Z . 32.98 -0.26 27.40
C34 3PE Z . 31.83 0.69 27.16
C35 3PE Z . 31.48 0.84 25.68
C36 3PE Z . 30.28 1.73 25.42
C37 3PE Z . 29.90 1.83 23.96
C38 3PE Z . 28.57 2.48 23.70
C39 3PE Z . 28.04 2.25 22.30
C3A 3PE Z . 26.57 2.57 22.12
C3B 3PE Z . 25.89 1.76 21.02
C3C 3PE Z . 26.34 2.08 19.62
C3D 3PE Z . 26.04 3.49 19.19
C3E 3PE Z . 26.27 3.76 17.72
C3F 3PE Z . 25.92 5.18 17.29
O21 3PE Z . 35.03 -3.11 32.45
O22 3PE Z . 34.90 -2.07 34.43
C21 3PE Z . 34.48 -2.88 33.65
C22 3PE Z . 33.30 -3.76 33.88
C23 3PE Z . 31.99 -3.14 33.43
C24 3PE Z . 31.60 -1.92 34.22
C25 3PE Z . 30.22 -1.42 33.91
C26 3PE Z . 29.15 -2.49 34.03
C27 3PE Z . 27.73 -1.97 33.85
C28 3PE Z . 26.72 -3.07 33.57
C29 3PE Z . 25.29 -2.59 33.49
C2A 3PE Z . 24.32 -3.67 33.05
C2B 3PE Z . 22.87 -3.39 33.39
C2C 3PE Z . 22.35 -2.08 32.82
C2D 3PE Z . 22.29 -2.04 31.31
C2E 3PE Z . 21.57 -0.84 30.76
C2F 3PE Z . 21.41 -0.85 29.25
C2G 3PE Z . 20.62 0.32 28.71
P 3PE AA . 10.12 -8.11 14.57
N 3PE AA . 5.91 -7.66 16.78
O11 3PE AA . 11.43 -7.21 14.41
O12 3PE AA . 9.20 -7.69 13.48
O13 3PE AA . 9.39 -7.76 15.94
O14 3PE AA . 10.56 -9.53 14.62
C11 3PE AA . 8.19 -8.48 16.31
C12 3PE AA . 7.33 -7.65 17.22
C1 3PE AA . 12.21 -7.35 13.20
C2 3PE AA . 13.67 -7.50 13.56
C3 3PE AA . 13.90 -8.51 14.65
O31 3PE AA . 14.87 -7.93 15.56
O32 3PE AA . 13.47 -8.22 17.30
C31 3PE AA . 14.49 -7.76 16.83
C32 3PE AA . 15.47 -6.91 17.58
C33 3PE AA . 15.62 -7.32 19.03
C34 3PE AA . 16.93 -6.87 19.62
C35 3PE AA . 17.01 -5.40 19.98
C36 3PE AA . 18.32 -5.04 20.64
C37 3PE AA . 18.38 -3.62 21.17
C38 3PE AA . 19.62 -3.33 21.98
C39 3PE AA . 19.61 -1.97 22.64
C3A 3PE AA . 20.35 -0.89 21.89
C3B 3PE AA . 21.84 -1.13 21.82
C3C 3PE AA . 22.62 0.05 21.28
O21 3PE AA . 14.38 -7.91 12.36
O22 3PE AA . 16.27 -6.94 13.07
C21 3PE AA . 15.66 -7.54 12.23
C22 3PE AA . 16.22 -7.97 10.91
C23 3PE AA . 17.72 -7.75 10.79
C24 3PE AA . 18.23 -8.07 9.40
C25 3PE AA . 19.72 -8.32 9.35
C26 3PE AA . 20.19 -8.81 8.00
C27 3PE AA . 21.57 -9.42 8.05
C28 3PE AA . 22.00 -10.04 6.74
C29 3PE AA . 23.32 -10.76 6.85
C2A 3PE AA . 23.85 -11.32 5.54
C2B 3PE AA . 25.24 -11.91 5.65
C2C 3PE AA . 25.83 -12.35 4.34
C2D 3PE AA . 27.22 -12.95 4.46
O21 PC1 BA . 2.40 6.30 17.78
C21 PC1 BA . 3.31 7.02 18.10
C22 PC1 BA . 3.43 7.72 19.42
C23 PC1 BA . 4.18 6.89 20.45
C24 PC1 BA . 5.67 6.75 20.15
C25 PC1 BA . 6.39 5.86 21.13
C26 PC1 BA . 7.88 5.83 20.96
C27 PC1 BA . 8.59 4.88 21.90
C28 PC1 BA . 10.08 5.06 21.96
C29 PC1 BA . 10.77 4.12 22.93
C2A PC1 BA . 12.26 4.36 23.06
C2B PC1 BA . 12.93 3.41 24.04
C2C PC1 BA . 14.41 3.66 24.21
C3 PC1 BA . 4.40 8.74 15.19
O31 PC1 BA . 5.58 7.95 14.91
C31 PC1 BA . 6.38 7.66 15.94
O32 PC1 BA . 6.17 8.01 17.06
C32 PC1 BA . 7.56 6.86 15.50
C33 PC1 BA . 8.59 6.65 16.60
C34 PC1 BA . 9.83 5.94 16.09
C35 PC1 BA . 10.77 5.48 17.17
C36 PC1 BA . 11.24 6.56 18.10
C37 PC1 BA . 12.37 6.12 19.00
C38 PC1 BA . 13.62 5.75 18.23
C39 PC1 BA . 14.79 5.31 19.08
C3A PC1 BA . 14.64 3.92 19.65
C3B PC1 BA . 15.91 3.40 20.31
C3C PC1 BA . 15.79 1.99 20.87
C3D PC1 BA . 17.03 1.51 21.56
UNK UNX CA . -12.36 23.10 0.97
O12 PC1 DA . 38.06 14.63 23.15
P PC1 DA . 38.02 15.92 22.44
O14 PC1 DA . 38.32 17.18 23.18
O13 PC1 DA . 38.95 15.83 21.14
C11 PC1 DA . 40.39 15.95 21.19
C12 PC1 DA . 40.84 14.51 21.12
N PC1 DA . 42.33 14.28 21.23
O11 PC1 DA . 36.63 16.04 21.68
C1 PC1 DA . 35.48 15.26 22.08
C2 PC1 DA . 34.41 16.24 22.49
O21 PC1 DA . 33.04 15.73 22.27
C21 PC1 DA . 32.50 15.52 21.04
O22 PC1 DA . 33.10 15.64 20.00
C22 PC1 DA . 31.07 15.14 21.14
C23 PC1 DA . 30.25 15.65 19.97
C24 PC1 DA . 28.78 15.24 20.02
C25 PC1 DA . 28.53 13.76 19.83
C26 PC1 DA . 27.05 13.40 19.84
C27 PC1 DA . 26.75 11.98 19.43
C3 PC1 DA . 34.62 17.63 21.93
O31 PC1 DA . 33.34 18.29 22.03
C31 PC1 DA . 33.07 18.91 23.16
O32 PC1 DA . 33.90 19.18 23.99
C32 PC1 DA . 31.61 19.20 23.29
C33 PC1 DA . 30.80 18.83 22.04
C34 PC1 DA . 29.31 18.80 22.31
C35 PC1 DA . 28.45 18.71 21.07
C36 PC1 DA . 27.06 18.20 21.36
C37 PC1 DA . 26.16 18.09 20.16
C38 PC1 DA . 24.86 17.40 20.46
C39 PC1 DA . 23.83 17.55 19.38
C3A PC1 DA . 23.37 18.97 19.18
C1 PC1 EA . 38.17 23.24 24.73
C2 PC1 EA . 36.90 23.95 25.14
O21 PC1 EA . 35.94 23.85 24.05
C21 PC1 EA . 34.99 22.91 24.14
O22 PC1 EA . 34.91 22.13 25.03
C22 PC1 EA . 34.04 22.99 22.97
C23 PC1 EA . 32.59 22.78 23.37
C24 PC1 EA . 31.64 22.93 22.22
C25 PC1 EA . 30.22 22.56 22.56
C26 PC1 EA . 29.21 22.88 21.50
C27 PC1 EA . 27.82 22.43 21.84
C28 PC1 EA . 26.73 23.01 20.99
C29 PC1 EA . 25.35 22.58 21.41
C2A PC1 EA . 24.23 23.29 20.70
C3 PC1 EA . 37.13 25.42 25.36
O31 PC1 EA . 35.85 26.06 25.22
C31 PC1 EA . 35.11 26.21 26.31
O32 PC1 EA . 35.47 25.90 27.42
C32 PC1 EA . 33.76 26.79 25.98
C33 PC1 EA . 32.62 26.07 26.70
P CMP FA . -42.12 -5.85 -25.46
O1P CMP FA . -43.01 -6.61 -26.34
O2P CMP FA . -42.31 -5.92 -23.96
O5' CMP FA . -40.65 -6.38 -25.81
C5' CMP FA . -40.01 -6.03 -27.03
C4' CMP FA . -40.26 -4.58 -27.28
O4' CMP FA . -39.93 -4.16 -28.61
C3' CMP FA . -41.71 -4.22 -27.17
O3' CMP FA . -42.16 -4.33 -25.84
C2' CMP FA . -41.73 -2.83 -27.80
O2' CMP FA . -41.23 -1.88 -26.89
C1' CMP FA . -40.70 -3.01 -28.92
N9 CMP FA . -41.33 -3.18 -30.24
C8 CMP FA . -41.94 -4.29 -30.75
N7 CMP FA . -42.41 -4.13 -31.97
C5 CMP FA . -42.09 -2.82 -32.27
C6 CMP FA . -42.29 -2.04 -33.43
N6 CMP FA . -42.89 -2.49 -34.52
N1 CMP FA . -41.84 -0.77 -33.39
C2 CMP FA . -41.22 -0.32 -32.30
N3 CMP FA . -40.97 -0.97 -31.16
C4 CMP FA . -41.43 -2.22 -31.22
O12 PC1 GA . 2.03 20.15 18.07
P PC1 GA . 2.30 19.05 19.03
O14 PC1 GA . 1.82 17.69 18.71
O13 PC1 GA . 1.81 19.49 20.47
C11 PC1 GA . 0.53 20.12 20.70
O11 PC1 GA . 3.87 19.03 19.32
C1 PC1 GA . 4.73 18.28 18.45
C2 PC1 GA . 6.13 18.33 19.00
O21 PC1 GA . 6.21 17.60 20.26
C21 PC1 GA . 6.60 16.32 20.21
O22 PC1 GA . 6.78 15.71 19.19
C22 PC1 GA . 6.80 15.75 21.59
C23 PC1 GA . 8.19 16.03 22.15
C24 PC1 GA . 9.33 15.69 21.19
C25 PC1 GA . 10.69 15.66 21.85
C26 PC1 GA . 11.86 15.54 20.91
C27 PC1 GA . 13.12 15.02 21.58
C28 PC1 GA . 14.41 15.27 20.84
C29 PC1 GA . 15.05 16.61 21.14
C2A PC1 GA . 16.44 16.78 20.55
C2B PC1 GA . 17.14 18.08 20.92
C2C PC1 GA . 17.46 18.21 22.40
C3 PC1 GA . 6.55 19.75 19.29
O31 PC1 GA . 7.80 19.67 20.00
C31 PC1 GA . 8.87 20.20 19.41
O32 PC1 GA . 8.81 20.79 18.37
C32 PC1 GA . 10.10 19.99 20.21
C33 PC1 GA . 11.37 20.39 19.48
C34 PC1 GA . 12.60 20.20 20.33
C35 PC1 GA . 13.90 20.45 19.62
C36 PC1 GA . 14.12 21.87 19.24
C37 PC1 GA . 15.44 22.13 18.56
C38 PC1 GA . 16.64 21.73 19.36
C39 PC1 GA . 17.80 22.66 19.19
C3A PC1 GA . 19.04 22.30 19.98
C3B PC1 GA . 19.76 21.09 19.43
C3C PC1 GA . 20.40 21.31 18.08
C3D PC1 GA . 21.50 22.34 18.09
C3E PC1 GA . 21.96 22.75 16.72
C3F PC1 GA . 22.92 23.91 16.74
C3G PC1 GA . 23.26 24.45 15.40
C3H PC1 GA . 24.11 25.70 15.46
O12 PC1 HA . 30.31 36.71 2.37
P PC1 HA . 30.66 36.44 0.96
O14 PC1 HA . 30.59 37.53 -0.03
O13 PC1 HA . 32.09 35.74 0.93
C11 PC1 HA . 33.02 35.97 -0.16
C12 PC1 HA . 32.67 34.88 -1.13
N PC1 HA . 33.45 34.86 -2.42
O11 PC1 HA . 29.80 35.19 0.46
C1 PC1 HA . 28.46 35.41 0.00
C2 PC1 HA . 27.91 34.21 -0.71
O21 PC1 HA . 27.59 33.12 0.21
C21 PC1 HA . 26.36 33.11 0.75
O22 PC1 HA . 25.57 33.99 0.62
C22 PC1 HA . 26.11 31.85 1.52
C23 PC1 HA . 24.65 31.47 1.57
C24 PC1 HA . 24.06 31.14 0.21
C25 PC1 HA . 22.60 30.76 0.28
C26 PC1 HA . 22.02 30.38 -1.07
C27 PC1 HA . 20.60 29.87 -0.99
C28 PC1 HA . 20.02 29.48 -2.34
C3 PC1 HA . 28.85 33.66 -1.75
O31 PC1 HA . 28.01 32.91 -2.66
C31 PC1 HA . 28.62 32.26 -3.66
O32 PC1 HA . 29.81 32.21 -3.78
C32 PC1 HA . 27.63 31.65 -4.60
C33 PC1 HA . 26.24 31.54 -3.98
C34 PC1 HA . 25.23 30.90 -4.89
C35 PC1 HA . 23.88 30.72 -4.23
C36 PC1 HA . 22.81 30.13 -5.11
C1 PC1 IA . 6.29 11.53 10.02
C2 PC1 IA . 6.55 10.85 11.34
O21 PC1 IA . 7.88 11.23 11.81
C21 PC1 IA . 8.09 11.27 13.14
O22 PC1 IA . 7.23 11.10 13.95
C22 PC1 IA . 9.52 11.58 13.45
C23 PC1 IA . 9.91 11.19 14.86
C24 PC1 IA . 11.35 11.53 15.18
C3 PC1 IA . 6.50 9.35 11.22
O31 PC1 IA . 7.69 8.83 10.60
C31 PC1 IA . 8.57 8.23 11.41
O32 PC1 IA . 8.45 8.18 12.60
C32 PC1 IA . 9.72 7.63 10.65
C33 PC1 IA . 11.07 7.78 11.33
C34 PC1 IA . 11.36 6.74 12.38
C35 PC1 IA . 12.64 6.96 13.16
C36 PC1 IA . 12.66 8.25 13.95
C37 PC1 IA . 13.71 8.29 15.05
C38 PC1 IA . 15.15 8.33 14.57
C39 PC1 IA . 15.93 7.06 14.79
C3A PC1 IA . 17.31 7.09 14.18
C3B PC1 IA . 17.92 5.73 13.92
C3C PC1 IA . 18.95 5.75 12.82
C3D PC1 IA . 19.31 4.39 12.29
C3E PC1 IA . 20.37 3.65 13.08
C3F PC1 IA . 21.77 4.17 12.83
C3G PC1 IA . 22.86 3.20 13.21
C3 PC1 JA . 3.89 15.66 14.75
O31 PC1 JA . 5.29 15.69 14.34
C31 PC1 JA . 6.20 15.80 15.32
O32 PC1 JA . 5.93 15.90 16.48
C32 PC1 JA . 7.59 15.77 14.77
C33 PC1 JA . 8.60 16.44 15.70
C34 PC1 JA . 10.01 16.09 15.37
C35 PC1 JA . 11.05 16.92 16.07
C36 PC1 JA . 12.45 16.47 15.78
C37 PC1 JA . 13.52 17.44 16.21
C38 PC1 JA . 14.90 16.90 15.99
C39 PC1 JA . 15.99 17.89 16.25
C3A PC1 JA . 17.36 17.35 15.99
C3B PC1 JA . 18.44 18.40 16.01
C3C PC1 JA . 19.76 17.92 15.47
C3D PC1 JA . 20.72 19.04 15.15
C3E PC1 JA . 21.96 18.57 14.44
C3F PC1 JA . 21.69 17.87 13.15
P PIE KA . -8.68 31.79 3.50
O11 PIE KA . -7.93 32.99 2.75
O12 PIE KA . -10.09 32.12 3.79
O13 PIE KA . -8.38 30.56 2.74
O14 PIE KA . -7.64 31.70 4.89
C1 PIE KA . -6.50 33.07 2.93
C2 PIE KA . -5.84 33.90 1.88
C3 PIE KA . -4.81 34.81 2.49
O31 PIE KA . -3.61 34.03 2.64
O32 PIE KA . -3.82 34.09 4.87
C31 PIE KA . -3.20 33.76 3.89
C32 PIE KA . -1.91 33.01 3.91
C33 PIE KA . -1.01 33.34 2.74
C34 PIE KA . 0.36 32.68 2.85
O21 PIE KA . -5.08 33.00 1.01
O22 PIE KA . -5.30 34.38 -0.75
C21 PIE KA . -4.81 33.40 -0.24
C22 PIE KA . -3.82 32.49 -0.89
C23 PIE KA . -2.90 33.21 -1.87
C24 PIE KA . -1.75 32.33 -2.34
C25 PIE KA . -0.69 32.08 -1.28
C1' PIE KA . -8.81 33.93 7.72
C2' PIE KA . -9.65 32.90 8.46
C3' PIE KA . -9.04 31.51 8.37
C4' PIE KA . -8.87 31.11 6.90
C5' PIE KA . -7.96 32.12 6.23
C6' PIE KA . -8.57 33.51 6.27
O1' PIE KA . -9.46 35.19 7.76
O2' PIE KA . -9.74 33.27 9.84
O3' PIE KA . -9.88 30.57 9.03
O4' PIE KA . -10.14 31.10 6.27
O6' PIE KA . -7.71 34.45 5.63
P 3PE LA . 27.45 40.79 12.63
N 3PE LA . 31.95 42.48 12.91
O11 3PE LA . 26.47 40.26 11.50
O12 3PE LA . 27.31 42.26 12.68
O13 3PE LA . 28.92 40.48 12.09
O14 3PE LA . 27.21 40.00 13.87
C11 3PE LA . 29.87 41.56 11.97
C12 3PE LA . 31.07 41.29 12.82
C1 3PE LA . 25.58 41.19 10.85
C2 3PE LA . 24.67 40.47 9.88
C3 3PE LA . 25.09 39.04 9.68
O31 3PE LA . 24.31 38.50 8.58
O32 3PE LA . 24.45 36.46 9.47
C31 3PE LA . 24.08 37.19 8.60
C32 3PE LA . 23.32 36.75 7.38
C33 3PE LA . 23.36 35.24 7.19
C34 3PE LA . 22.54 34.74 6.03
C35 3PE LA . 22.65 33.24 5.81
C36 3PE LA . 21.77 32.73 4.69
C37 3PE LA . 21.84 31.22 4.51
C38 3PE LA . 20.78 30.66 3.59
C39 3PE LA . 20.63 29.15 3.71
C3A 3PE LA . 19.36 28.60 3.09
C3B 3PE LA . 18.86 27.32 3.73
C3C 3PE LA . 19.74 26.11 3.51
C3D 3PE LA . 19.86 25.69 2.06
C3E 3PE LA . 20.54 24.35 1.84
C3F 3PE LA . 20.61 23.93 0.39
O21 3PE LA . 23.32 40.47 10.42
O22 3PE LA . 22.85 42.41 9.38
C21 3PE LA . 22.52 41.49 10.09
C22 3PE LA . 21.16 41.34 10.71
C23 3PE LA . 20.19 40.58 9.82
C24 3PE LA . 19.84 41.32 8.55
C25 3PE LA . 18.73 40.68 7.76
C26 3PE LA . 17.48 40.44 8.58
C27 3PE LA . 16.29 39.91 7.78
C28 3PE LA . 15.20 39.30 8.65
C29 3PE LA . 13.98 38.87 7.88
C2A 3PE LA . 12.98 38.12 8.74
C2B 3PE LA . 11.57 38.08 8.15
C2C 3PE LA . 11.50 37.47 6.76
C2D 3PE LA . 11.87 36.00 6.72
C2E 3PE LA . 11.59 35.34 5.37
C2F 3PE LA . 11.84 33.85 5.36
C2G 3PE LA . 11.50 33.19 4.04
P 3PE MA . 3.86 16.25 10.07
N 3PE MA . -0.62 17.27 8.76
O11 3PE MA . 5.31 16.51 9.48
O12 3PE MA . 3.38 14.99 9.48
O13 3PE MA . 2.87 17.39 9.58
O14 3PE MA . 3.96 16.34 11.54
C11 3PE MA . 1.48 17.38 10.03
C12 3PE MA . 0.59 18.08 9.03
C1 3PE MA . 6.35 15.56 9.77
C2 3PE MA . 7.59 16.29 10.21
C3 3PE MA . 7.31 17.33 11.25
O31 3PE MA . 8.07 18.50 10.89
O32 3PE MA . 6.24 19.77 10.89
C31 3PE MA . 7.40 19.63 10.65
C32 3PE MA . 8.28 20.66 10.02
C33 3PE MA . 7.94 22.07 10.45
C34 3PE MA . 9.11 23.03 10.29
C35 3PE MA . 9.37 23.48 8.88
C36 3PE MA . 10.50 24.49 8.79
C37 3PE MA . 10.69 25.10 7.43
C38 3PE MA . 11.69 26.23 7.39
C39 3PE MA . 11.77 26.94 6.06
C3A 3PE MA . 12.89 26.49 5.16
C3B 3PE MA . 14.26 26.80 5.71
C3C 3PE MA . 15.39 26.58 4.72
O21 3PE MA . 8.51 15.30 10.76
O22 3PE MA . 10.28 16.54 10.21
C21 3PE MA . 9.83 15.54 10.67
C22 3PE MA . 10.63 14.40 11.20
C23 3PE MA . 12.11 14.70 11.31
C24 3PE MA . 12.92 13.49 11.73
C25 3PE MA . 14.28 13.82 12.27
C26 3PE MA . 15.00 12.63 12.86
C27 3PE MA . 16.15 13.01 13.74
C28 3PE MA . 16.80 11.84 14.44
C29 3PE MA . 17.87 12.25 15.42
C2A 3PE MA . 18.61 11.10 16.07
C2B 3PE MA . 19.77 11.55 16.94
C2C 3PE MA . 20.60 10.42 17.50
C2D 3PE MA . 21.75 10.89 18.37
O21 PC1 NA . -1.39 18.11 -5.66
C21 PC1 NA . -0.49 18.71 -6.18
C22 PC1 NA . -0.59 20.05 -6.84
C23 PC1 NA . -0.34 21.19 -5.87
C24 PC1 NA . 1.11 21.30 -5.42
C25 PC1 NA . 1.33 22.39 -4.41
C26 PC1 NA . 2.78 22.62 -4.05
C27 PC1 NA . 2.98 23.66 -2.98
C28 PC1 NA . 4.42 24.13 -2.84
C29 PC1 NA . 4.60 25.20 -1.78
C2A PC1 NA . 6.01 25.74 -1.70
C2B PC1 NA . 6.19 26.81 -0.63
C2C PC1 NA . 7.58 27.39 -0.56
C3 PC1 NA . 1.69 16.31 -7.63
O31 PC1 NA . 2.72 16.31 -6.62
C31 PC1 NA . 3.13 17.50 -6.16
O32 PC1 NA . 2.68 18.55 -6.54
C32 PC1 NA . 4.20 17.35 -5.14
C33 PC1 NA . 4.81 18.67 -4.71
C34 PC1 NA . 5.98 18.47 -3.76
C35 PC1 NA . 6.47 19.74 -3.11
C36 PC1 NA . 6.87 20.83 -4.07
C37 PC1 NA . 7.60 21.97 -3.40
C38 PC1 NA . 8.92 21.55 -2.77
C39 PC1 NA . 9.68 22.66 -2.11
C3A PC1 NA . 9.11 23.09 -0.77
C3B PC1 NA . 10.00 24.03 0.00
C3C PC1 NA . 9.45 24.45 1.35
C3D PC1 NA . 10.33 25.43 2.09
UNK UNX OA . -7.22 -1.07 -25.18
O21 PC1 PA . 3.90 -4.71 -18.00
C21 PC1 PA . 5.01 -4.92 -18.39
C22 PC1 PA . 5.36 -5.51 -19.72
C23 PC1 PA . 5.56 -4.44 -20.79
C24 PC1 PA . 6.81 -3.61 -20.58
C25 PC1 PA . 6.97 -2.51 -21.61
C26 PC1 PA . 8.29 -1.76 -21.52
C27 PC1 PA . 8.39 -0.61 -22.49
C28 PC1 PA . 9.78 -0.07 -22.65
C29 PC1 PA . 9.89 1.07 -23.66
C2A PC1 PA . 11.29 1.55 -23.90
C2B PC1 PA . 11.37 2.70 -24.88
C2C PC1 PA . 12.78 3.17 -25.17
C3 PC1 PA . 6.97 -5.88 -15.58
O31 PC1 PA . 7.66 -4.63 -15.38
C31 PC1 PA . 8.16 -4.01 -16.44
O32 PC1 PA . 8.06 -4.43 -17.56
C32 PC1 PA . 8.85 -2.74 -16.07
C33 PC1 PA . 9.58 -2.09 -17.23
C34 PC1 PA . 10.37 -0.87 -16.79
C35 PC1 PA . 10.90 -0.03 -17.93
C36 PC1 PA . 11.77 -0.79 -18.91
C37 PC1 PA . 12.50 0.12 -19.86
C38 PC1 PA . 13.47 1.06 -19.19
C39 PC1 PA . 14.23 1.97 -20.11
C3A PC1 PA . 13.41 3.12 -20.64
C3B PC1 PA . 14.23 4.17 -21.37
C3C PC1 PA . 13.43 5.34 -21.89
C3D PC1 PA . 14.24 6.35 -22.66
O12 PC1 QA . 32.31 33.40 -6.30
P PC1 QA . 32.73 32.79 -7.58
O14 PC1 QA . 33.05 33.66 -8.73
O13 PC1 QA . 33.94 31.79 -7.29
C11 PC1 QA . 35.29 32.24 -7.10
C12 PC1 QA . 35.45 32.20 -5.61
N PC1 QA . 36.78 32.69 -5.06
O11 PC1 QA . 31.64 31.70 -7.98
C1 PC1 QA . 30.30 31.73 -7.46
C2 PC1 QA . 29.38 31.88 -8.64
O21 PC1 QA . 28.05 31.27 -8.43
C21 PC1 QA . 27.84 29.93 -8.34
O22 PC1 QA . 28.71 29.11 -8.33
C22 PC1 QA . 26.39 29.62 -8.27
C23 PC1 QA . 26.05 28.30 -8.94
C24 PC1 QA . 24.57 27.93 -8.84
C25 PC1 QA . 24.09 27.58 -7.45
C26 PC1 QA . 22.62 27.19 -7.40
C27 PC1 QA . 22.17 26.62 -6.08
C3 PC1 QA . 30.00 31.48 -9.96
O31 PC1 QA . 28.91 31.27 -10.86
C31 PC1 QA . 28.47 32.33 -11.54
O32 PC1 QA . 29.08 33.36 -11.62
C32 PC1 QA . 27.11 32.07 -12.12
C33 PC1 QA . 26.63 30.64 -11.93
C34 PC1 QA . 25.15 30.48 -12.22
C35 PC1 QA . 24.66 29.06 -12.30
C36 PC1 QA . 23.18 28.93 -12.09
C37 PC1 QA . 22.65 27.52 -12.19
C38 PC1 QA . 21.20 27.42 -11.78
C39 PC1 QA . 20.56 26.11 -12.15
C3A PC1 QA . 20.47 25.88 -13.63
C1 PC1 RA . 33.69 35.47 -14.70
C2 PC1 RA . 32.53 35.56 -15.65
O21 PC1 RA . 31.92 34.24 -15.75
C21 PC1 RA . 30.80 34.01 -15.05
O22 PC1 RA . 30.33 34.81 -14.28
C22 PC1 RA . 30.26 32.65 -15.32
C23 PC1 RA . 28.74 32.63 -15.42
C24 PC1 RA . 28.19 31.27 -15.76
C25 PC1 RA . 26.69 31.20 -15.69
C26 PC1 RA . 26.09 29.92 -16.23
C27 PC1 RA . 24.60 29.84 -16.07
C28 PC1 RA . 23.94 28.76 -16.88
C29 PC1 RA . 22.43 28.78 -16.74
C2A PC1 RA . 21.72 27.83 -17.67
C3 PC1 RA . 32.97 35.93 -17.04
O31 PC1 RA . 31.95 35.48 -17.94
C31 PC1 RA . 30.97 36.34 -18.24
O32 PC1 RA . 30.95 37.48 -17.86
C32 PC1 RA . 29.92 35.70 -19.09
C33 PC1 RA . 28.51 36.03 -18.63
P CMP SA . -33.73 -36.18 -3.12
O1P CMP SA . -34.47 -37.31 -2.56
O2P CMP SA . -34.33 -34.79 -3.09
O5' CMP SA . -32.35 -36.15 -2.29
C5' CMP SA . -31.34 -37.13 -2.50
C4' CMP SA . -31.22 -37.36 -3.97
O4' CMP SA . -30.46 -38.53 -4.31
C3' CMP SA . -32.54 -37.62 -4.63
O3' CMP SA . -33.35 -36.47 -4.62
C2' CMP SA . -32.11 -38.15 -5.98
O2' CMP SA . -31.69 -37.09 -6.82
C1' CMP SA . -30.87 -38.96 -5.59
N9 CMP SA . -31.12 -40.41 -5.56
C8 CMP SA . -31.78 -41.13 -4.59
N7 CMP SA . -31.85 -42.41 -4.85
C5 CMP SA . -31.20 -42.54 -6.06
C6 CMP SA . -30.92 -43.66 -6.88
N6 CMP SA . -31.26 -44.91 -6.56
N1 CMP SA . -30.24 -43.44 -8.03
C2 CMP SA . -29.88 -42.20 -8.34
N3 CMP SA . -30.08 -41.08 -7.64
C4 CMP SA . -30.74 -41.32 -6.51
O12 PC1 TA . 0.97 19.09 -19.28
P PC1 TA . 0.74 20.01 -18.15
O14 PC1 TA . 0.09 19.51 -16.92
O13 PC1 TA . -0.04 21.30 -18.68
C11 PC1 TA . -1.17 21.21 -19.58
O11 PC1 TA . 2.13 20.73 -17.80
C1 PC1 TA . 3.02 20.08 -16.89
C2 PC1 TA . 4.20 20.99 -16.65
O21 PC1 TA . 3.77 22.18 -15.91
C21 PC1 TA . 3.89 22.16 -14.58
O22 PC1 TA . 4.22 21.19 -13.95
C22 PC1 TA . 3.59 23.51 -13.98
C23 PC1 TA . 4.80 24.44 -13.97
C24 PC1 TA . 6.06 23.81 -13.40
C25 PC1 TA . 7.15 24.81 -13.08
C26 PC1 TA . 8.49 24.21 -12.72
C27 PC1 TA . 9.38 25.17 -11.95
C28 PC1 TA . 10.85 24.82 -11.92
C29 PC1 TA . 11.64 25.36 -13.10
C2A PC1 TA . 13.14 25.18 -12.97
C2B PC1 TA . 13.96 25.80 -14.09
C2C PC1 TA . 13.87 27.31 -14.15
C3 PC1 TA . 4.80 21.47 -17.94
O31 PC1 TA . 5.76 22.48 -17.61
C31 PC1 TA . 7.03 22.23 -17.91
O32 PC1 TA . 7.39 21.25 -18.49
C32 PC1 TA . 7.93 23.32 -17.43
C33 PC1 TA . 9.40 22.98 -17.56
C34 PC1 TA . 10.29 24.13 -17.11
C35 PC1 TA . 11.75 23.80 -17.09
C36 PC1 TA . 12.35 23.59 -18.43
C37 PC1 TA . 13.83 23.30 -18.41
C38 PC1 TA . 14.66 24.38 -17.77
C39 PC1 TA . 15.99 24.58 -18.44
C3A PC1 TA . 16.85 25.65 -17.82
C3B PC1 TA . 17.44 25.25 -16.49
C3C PC1 TA . 18.46 24.13 -16.57
C3D PC1 TA . 19.70 24.50 -17.35
C3E PC1 TA . 20.60 23.33 -17.65
C3F PC1 TA . 21.72 23.69 -18.58
C3G PC1 TA . 22.52 22.52 -19.04
C3H PC1 TA . 23.56 22.87 -20.08
O12 PC1 UA . 35.21 12.60 -29.54
P PC1 UA . 35.88 11.33 -29.20
O14 PC1 UA . 36.31 10.42 -30.28
O13 PC1 UA . 37.10 11.65 -28.23
C11 PC1 UA . 38.31 10.87 -28.25
C12 PC1 UA . 38.04 9.77 -27.25
N PC1 UA . 39.13 8.74 -27.08
O11 PC1 UA . 34.95 10.55 -28.16
C1 PC1 UA . 33.86 9.76 -28.66
C2 PC1 UA . 33.31 8.84 -27.60
O21 PC1 UA . 32.54 9.58 -26.61
C21 PC1 UA . 31.23 9.77 -26.86
O22 PC1 UA . 30.70 9.48 -27.88
C22 PC1 UA . 30.53 10.37 -25.67
C23 PC1 UA . 29.06 10.01 -25.61
C24 PC1 UA . 28.82 8.53 -25.41
C25 PC1 UA . 27.36 8.16 -25.34
C26 PC1 UA . 27.09 6.69 -25.10
C27 PC1 UA . 25.64 6.36 -24.89
C28 PC1 UA . 25.40 4.89 -24.62
C3 PC1 UA . 34.37 8.07 -26.87
O31 PC1 UA . 33.69 6.93 -26.30
C31 PC1 UA . 34.41 6.10 -25.55
O32 PC1 UA . 35.54 6.31 -25.24
C32 PC1 UA . 33.61 4.90 -25.15
C33 PC1 UA . 32.12 5.11 -25.35
C34 PC1 UA . 31.28 3.92 -24.92
C35 PC1 UA . 29.80 4.18 -25.04
C36 PC1 UA . 28.92 3.01 -24.68
C1 PC1 VA . 5.46 12.01 -9.96
C2 PC1 VA . 5.20 13.30 -9.24
O21 PC1 VA . 6.39 14.14 -9.33
C21 PC1 VA . 6.23 15.48 -9.34
O22 PC1 VA . 5.17 16.02 -9.35
C22 PC1 VA . 7.55 16.18 -9.33
C23 PC1 VA . 7.45 17.62 -8.87
C24 PC1 VA . 8.79 18.34 -8.91
C3 PC1 VA . 4.88 13.09 -7.79
O31 PC1 VA . 6.07 12.79 -7.02
C31 PC1 VA . 6.55 13.77 -6.25
O32 PC1 VA . 6.10 14.88 -6.23
C32 PC1 VA . 7.72 13.31 -5.43
C33 PC1 VA . 8.84 14.35 -5.30
C34 PC1 VA . 8.60 15.38 -4.22
C35 PC1 VA . 9.63 16.48 -4.16
C36 PC1 VA . 9.70 17.32 -5.41
C37 PC1 VA . 10.39 18.66 -5.24
C38 PC1 VA . 11.88 18.58 -4.98
C39 PC1 VA . 12.30 18.94 -3.56
C3A PC1 VA . 13.77 18.73 -3.32
C3B PC1 VA . 14.14 18.57 -1.85
C3C PC1 VA . 15.42 17.79 -1.66
C3D PC1 VA . 15.63 17.30 -0.25
C3E PC1 VA . 16.26 18.31 0.69
C3F PC1 VA . 17.74 18.47 0.48
C3G PC1 VA . 18.47 19.08 1.66
C3 PC1 WA . 2.72 16.15 -14.51
O31 PC1 WA . 4.16 16.13 -14.25
C31 PC1 WA . 4.77 17.32 -14.16
O32 PC1 WA . 4.22 18.37 -14.31
C32 PC1 WA . 6.23 17.17 -13.84
C33 PC1 WA . 7.04 18.37 -14.28
C34 PC1 WA . 8.40 18.42 -13.63
C35 PC1 WA . 9.34 19.42 -14.24
C36 PC1 WA . 10.65 19.50 -13.50
C37 PC1 WA . 11.72 20.25 -14.22
C38 PC1 WA . 12.98 20.39 -13.40
C39 PC1 WA . 14.13 20.98 -14.16
C3A PC1 WA . 15.39 21.07 -13.33
C3B PC1 WA . 16.60 21.45 -14.14
C3C PC1 WA . 17.89 21.26 -13.39
C3D PC1 WA . 19.12 21.27 -14.27
C3E PC1 WA . 20.38 20.91 -13.56
C3F PC1 WA . 20.33 19.54 -12.94
P PIE XA . -2.72 2.87 -32.91
O11 PIE XA . -1.57 2.42 -33.92
O12 PIE XA . -4.06 2.78 -33.53
O13 PIE XA . -2.48 2.15 -31.65
O14 PIE XA . -2.14 4.48 -32.60
C1 PIE XA . -0.26 2.99 -33.70
C2 PIE XA . 0.82 2.19 -34.38
C3 PIE XA . 1.80 3.11 -35.05
O31 PIE XA . 2.74 3.55 -34.02
O32 PIE XA . 1.93 5.63 -34.14
C31 PIE XA . 2.70 4.84 -33.69
C32 PIE XA . 3.76 5.16 -32.68
C33 PIE XA . 5.01 4.30 -32.82
C34 PIE XA . 6.12 4.74 -31.88
O21 PIE XA . 1.60 1.52 -33.34
O22 PIE XA . 2.15 -0.15 -34.72
C21 PIE XA . 2.27 0.42 -33.67
C22 PIE XA . 3.20 0.00 -32.57
C23 PIE XA . 4.48 -0.65 -33.08
C24 PIE XA . 5.52 -0.84 -31.98
C25 PIE XA . 6.17 0.45 -31.52
C1' PIE XA . -3.57 7.01 -35.03
C2' PIE XA . -4.78 7.45 -34.20
C3' PIE XA . -4.46 7.42 -32.71
C4' PIE XA . -3.98 6.05 -32.28
C5' PIE XA . -2.73 5.71 -33.08
C6' PIE XA . -3.03 5.66 -34.57
O1' PIE XA . -3.95 6.94 -36.40
O2' PIE XA . -5.17 8.76 -34.58
O3' PIE XA . -5.62 7.80 -31.98
O4' PIE XA . -5.00 5.09 -32.54
O6' PIE XA . -1.86 5.33 -35.30
P 3PE YA . 30.51 21.93 -34.13
N 3PE YA . 35.01 23.51 -34.85
O11 3PE YA . 29.80 20.54 -33.82
O12 3PE YA . 30.66 22.02 -35.60
O13 3PE YA . 31.98 21.79 -33.53
O14 3PE YA . 29.79 23.00 -33.41
C11 3PE YA . 33.13 21.99 -34.38
C12 3PE YA . 33.97 23.13 -33.86
C1 3PE YA . 29.33 19.74 -34.92
C2 3PE YA . 28.60 18.52 -34.40
C3 3PE YA . 28.76 18.35 -32.92
O31 3PE YA . 28.22 17.05 -32.55
O32 3PE YA . 27.70 17.83 -30.54
C31 3PE YA . 27.74 16.93 -31.32
C32 3PE YA . 27.27 15.54 -31.05
C33 3PE YA . 27.06 15.28 -29.57
C34 3PE YA . 26.51 13.92 -29.25
C35 3PE YA . 26.37 13.64 -27.77
C36 3PE YA . 25.75 12.30 -27.43
C37 3PE YA . 25.56 12.06 -25.96
C38 3PE YA . 24.71 10.85 -25.62
C39 3PE YA . 24.23 10.84 -24.19
C3A 3PE YA . 23.10 9.86 -23.91
C3B 3PE YA . 22.19 10.28 -22.76
C3C 3PE YA . 22.84 10.23 -21.39
C3D 3PE YA . 23.27 8.84 -20.97
C3E 3PE YA . 23.69 8.75 -19.51
C3F 3PE YA . 24.08 7.35 -19.09
O21 3PE YA . 27.18 18.67 -34.69
O22 3PE YA . 27.42 17.67 -36.68
C21 3PE YA . 26.73 18.19 -35.85
C22 3PE YA . 25.25 18.41 -35.99
C23 3PE YA . 24.43 17.25 -35.45
C24 3PE YA . 24.61 15.98 -36.25
C25 3PE YA . 23.65 14.88 -35.85
C26 3PE YA . 22.19 15.32 -35.87
C27 3PE YA . 21.20 14.20 -35.61
C28 3PE YA . 19.81 14.70 -35.25
C29 3PE YA . 18.78 13.61 -35.09
C2A 3PE YA . 17.46 14.12 -34.56
C2B 3PE YA . 16.29 13.17 -34.81
C2C 3PE YA . 16.49 11.79 -34.23
C2D 3PE YA . 16.55 11.76 -32.71
C2E 3PE YA . 16.53 10.36 -32.13
C2F 3PE YA . 16.47 10.32 -30.62
C2G 3PE YA . 16.37 8.92 -30.04
P 3PE ZA . 4.11 11.68 -15.09
N 3PE ZA . 0.47 9.26 -17.02
O11 3PE ZA . 5.69 11.51 -15.04
O12 3PE ZA . 3.58 10.90 -13.95
O13 3PE ZA . 3.53 11.00 -16.42
O14 3PE ZA . 3.82 13.13 -15.16
C11 3PE ZA . 2.12 11.05 -16.69
C12 3PE ZA . 1.70 9.90 -17.56
C1 3PE ZA . 6.39 12.02 -13.89
C2 3PE ZA . 7.59 12.82 -14.35
C3 3PE ZA . 7.24 13.80 -15.43
O31 3PE ZA . 8.30 13.74 -16.41
O32 3PE ZA . 6.83 13.30 -18.04
C31 3PE ZA . 7.96 13.38 -17.65
C32 3PE ZA . 9.17 13.08 -18.48
C33 3PE ZA . 9.02 13.48 -19.93
C34 3PE ZA . 10.35 13.69 -20.62
C35 3PE ZA . 11.08 12.43 -21.00
C36 3PE ZA . 12.36 12.72 -21.76
C37 3PE ZA . 13.04 11.49 -22.30
C38 3PE ZA . 14.22 11.80 -23.20
C39 3PE ZA . 14.81 10.57 -23.89
C3A 3PE ZA . 16.02 9.99 -23.20
C3B 3PE ZA . 17.22 10.91 -23.22
C3C 3PE ZA . 18.50 10.24 -22.77
O21 3PE ZA . 8.10 13.55 -13.18
O22 3PE ZA . 10.17 13.56 -14.03
C21 3PE ZA . 9.40 13.82 -13.14
C22 3PE ZA . 9.79 14.48 -11.86
C23 3PE ZA . 11.21 15.00 -11.84
C24 3PE ZA . 11.61 15.56 -10.49
C25 3PE ZA . 12.80 16.47 -10.53
C26 3PE ZA . 13.08 17.15 -9.21
C27 3PE ZA . 13.99 18.35 -9.34
C28 3PE ZA . 14.18 19.11 -8.06
C29 3PE ZA . 14.99 20.38 -8.24
C2A 3PE ZA . 15.28 21.13 -6.97
C2B 3PE ZA . 16.20 22.30 -7.16
C2C 3PE ZA . 16.61 23.00 -5.88
C2D 3PE ZA . 17.55 24.18 -6.09
#